data_6VW8
#
_entry.id   6VW8
#
_cell.length_a   132.656
_cell.length_b   127.050
_cell.length_c   99.840
_cell.angle_alpha   90.000
_cell.angle_beta   123.500
_cell.angle_gamma   90.000
#
_symmetry.space_group_name_H-M   'C 1 2 1'
#
loop_
_entity.id
_entity.type
_entity.pdbx_description
1 polymer 'NAD-dependent formate dehydrogenase gamma subunit'
2 polymer 'NAD-dependent formate dehydrogenase beta subunit'
3 non-polymer 'FE2/S2 (INORGANIC) CLUSTER'
4 non-polymer 'POTASSIUM ION'
5 non-polymer 'FLAVIN MONONUCLEOTIDE'
6 non-polymer 'IRON/SULFUR CLUSTER'
7 non-polymer 'SULFATE ION'
8 water water
#
loop_
_entity_poly.entity_id
_entity_poly.type
_entity_poly.pdbx_seq_one_letter_code
_entity_poly.pdbx_strand_id
1 'polypeptide(L)'
;MGGSHHHHHHSRAWRHPQGGSHHHHHHGMRDLYDDDDKDPPEISPHAPASADATRIAAIVAARQDIPGALLPILHEIQDT
QGYIPDAAVPVIARALNLSRAEVHGVITFYHHFRQQPAGRHVVQVCRAEACQSVGAEALAEHAQRALGCGFHETTADGQV
TLEPVYCLGQCACGPAVMVGEQLHGYVDARRFDALVRSLRESSAEKTTEAAEAQA
;
A,C
2 'polypeptide(L)'
;MITITTIFVPRDSTALALGADDVARAIAREAAARNEHVRIVRNGSRGMFWLEPLVEVQTGAGRVAYGPVSAADVPGLFDA
GLLQGGEHALSQGVTEEIPFLKQQERLTFARVGITDPLSLDDYRAHEGFAGLERALAMQPAEIVQEVTDSGLRGRGGAAF
PTGIKWKTVLGAQSAVKYIVCNADEGDSGTFSDRMVMEDDPFMLIEGMTIAALAVGAEQGYIYCRSEYPHAIAVLESAIG
IANAAGWLGDDIRGSGKRFHLEVRKGAGAYVCGEETALLESLEGRRGVVRAKPPLPALQGLFGKPTVINNVISLATVPVI
LARGAQYYRDYGMGRSRGTLPFQLAGNIKQGGLVEKAFGVTLRELLVDYGGGTRSGRAIRAVQVGGPLGAYLPESRFDVP
LDYEAYAAFGGVVGHGGIVVFDETVDMAKQARYAMEFCAIESCGKCTPCRIGSTRGVEVMDRIIAGEQPVKHVALVRDLC
DTMLNGSLCAMGGMTPYPVLSALNEFPEDFGLASNPAKAA
;
B,D
#
# COMPACT_ATOMS: atom_id res chain seq x y z
N ALA A 51 -2.66 36.04 -14.21
CA ALA A 51 -2.56 36.34 -12.77
C ALA A 51 -3.87 36.94 -12.26
N ASP A 52 -4.17 36.67 -10.99
CA ASP A 52 -5.40 37.13 -10.34
C ASP A 52 -5.03 38.36 -9.50
N ALA A 53 -5.39 39.53 -10.00
CA ALA A 53 -4.96 40.76 -9.35
C ALA A 53 -5.66 40.93 -7.99
N THR A 54 -6.94 40.52 -7.91
CA THR A 54 -7.66 40.62 -6.64
C THR A 54 -6.98 39.78 -5.56
N ARG A 55 -6.55 38.57 -5.92
CA ARG A 55 -5.88 37.73 -4.93
C ARG A 55 -4.46 38.24 -4.65
N ILE A 56 -3.83 38.90 -5.63
CA ILE A 56 -2.56 39.56 -5.34
C ILE A 56 -2.74 40.61 -4.25
N ALA A 57 -3.82 41.39 -4.33
CA ALA A 57 -4.02 42.42 -3.31
C ALA A 57 -4.37 41.80 -1.97
N ALA A 58 -5.02 40.64 -1.96
CA ALA A 58 -5.27 39.98 -0.68
C ALA A 58 -3.98 39.37 -0.12
N ILE A 59 -3.16 38.75 -0.98
CA ILE A 59 -1.87 38.24 -0.52
C ILE A 59 -1.11 39.32 0.19
N VAL A 60 -1.06 40.51 -0.43
CA VAL A 60 -0.26 41.63 0.07
C VAL A 60 -0.81 42.12 1.41
N ALA A 61 -2.14 42.31 1.47
CA ALA A 61 -2.79 42.88 2.66
C ALA A 61 -2.69 41.96 3.86
N ALA A 62 -2.67 40.64 3.63
CA ALA A 62 -2.49 39.70 4.73
C ALA A 62 -1.08 39.79 5.31
N ARG A 63 -0.13 40.27 4.52
CA ARG A 63 1.27 40.23 4.91
C ARG A 63 1.81 41.61 5.24
N GLN A 64 0.97 42.64 5.19
CA GLN A 64 1.49 44.01 5.16
C GLN A 64 2.11 44.45 6.50
N ASP A 65 1.82 43.77 7.60
CA ASP A 65 2.43 44.11 8.87
C ASP A 65 3.56 43.16 9.28
N ILE A 66 3.90 42.19 8.43
CA ILE A 66 4.99 41.29 8.74
C ILE A 66 6.33 42.03 8.62
N PRO A 67 7.23 41.88 9.59
CA PRO A 67 8.58 42.47 9.45
C PRO A 67 9.35 41.88 8.28
N GLY A 68 9.83 42.74 7.39
CA GLY A 68 10.50 42.29 6.18
C GLY A 68 9.57 41.51 5.27
N ALA A 69 8.37 42.06 5.06
CA ALA A 69 7.30 41.38 4.37
C ALA A 69 7.57 41.16 2.88
N LEU A 70 8.48 41.92 2.26
CA LEU A 70 8.54 41.97 0.81
C LEU A 70 8.73 40.57 0.18
N LEU A 71 9.75 39.83 0.64
CA LEU A 71 10.04 38.53 0.02
C LEU A 71 8.91 37.54 0.27
N PRO A 72 8.38 37.38 1.50
CA PRO A 72 7.19 36.53 1.66
C PRO A 72 6.07 36.92 0.73
N ILE A 73 5.82 38.22 0.55
CA ILE A 73 4.80 38.63 -0.40
C ILE A 73 5.18 38.18 -1.81
N LEU A 74 6.44 38.38 -2.18
CA LEU A 74 6.87 38.00 -3.52
C LEU A 74 6.76 36.50 -3.70
N HIS A 75 7.11 35.73 -2.66
CA HIS A 75 6.99 34.27 -2.75
C HIS A 75 5.53 33.86 -2.93
N GLU A 76 4.62 34.46 -2.15
CA GLU A 76 3.23 34.03 -2.24
C GLU A 76 2.59 34.40 -3.58
N ILE A 77 2.94 35.56 -4.14
CA ILE A 77 2.46 35.92 -5.47
C ILE A 77 3.00 34.94 -6.50
N GLN A 78 4.31 34.73 -6.52
CA GLN A 78 4.90 33.79 -7.47
C GLN A 78 4.33 32.37 -7.31
N ASP A 79 4.25 31.88 -6.06
CA ASP A 79 3.73 30.53 -5.80
C ASP A 79 2.31 30.35 -6.34
N THR A 80 1.47 31.38 -6.26
CA THR A 80 0.09 31.20 -6.66
C THR A 80 -0.22 31.69 -8.07
N GLN A 81 0.56 32.62 -8.62
CA GLN A 81 0.32 33.17 -9.95
C GLN A 81 1.32 32.73 -11.00
N GLY A 82 2.50 32.29 -10.58
CA GLY A 82 3.55 31.87 -11.48
C GLY A 82 4.65 32.88 -11.66
N TYR A 83 4.39 34.14 -11.34
CA TYR A 83 5.37 35.21 -11.54
C TYR A 83 4.86 36.42 -10.78
N ILE A 84 5.64 37.49 -10.79
CA ILE A 84 5.22 38.73 -10.15
C ILE A 84 4.90 39.70 -11.27
N PRO A 85 3.62 39.95 -11.54
CA PRO A 85 3.27 40.88 -12.62
C PRO A 85 3.70 42.29 -12.27
N ASP A 86 4.03 43.05 -13.31
CA ASP A 86 4.33 44.47 -13.11
C ASP A 86 3.18 45.19 -12.40
N ALA A 87 1.93 44.88 -12.76
CA ALA A 87 0.80 45.53 -12.12
C ALA A 87 0.77 45.31 -10.61
N ALA A 88 1.45 44.27 -10.12
CA ALA A 88 1.46 44.02 -8.68
C ALA A 88 2.35 45.00 -7.93
N VAL A 89 3.34 45.59 -8.60
CA VAL A 89 4.36 46.36 -7.90
C VAL A 89 3.80 47.59 -7.22
N PRO A 90 2.99 48.44 -7.85
CA PRO A 90 2.39 49.56 -7.10
C PRO A 90 1.53 49.10 -5.92
N VAL A 91 0.87 47.94 -6.01
CA VAL A 91 0.10 47.45 -4.88
C VAL A 91 1.03 47.07 -3.73
N ILE A 92 2.12 46.32 -4.02
CA ILE A 92 3.10 46.01 -2.99
C ILE A 92 3.72 47.29 -2.43
N ALA A 93 4.10 48.22 -3.31
CA ALA A 93 4.81 49.41 -2.85
C ALA A 93 3.98 50.19 -1.83
N ARG A 94 2.70 50.36 -2.14
CA ARG A 94 1.82 51.21 -1.37
C ARG A 94 1.43 50.58 -0.03
N ALA A 95 1.27 49.26 0.02
CA ALA A 95 0.98 48.63 1.30
C ALA A 95 2.22 48.56 2.19
N LEU A 96 3.41 48.66 1.62
CA LEU A 96 4.66 48.56 2.39
C LEU A 96 5.31 49.91 2.64
N ASN A 97 4.71 51.01 2.17
CA ASN A 97 5.31 52.34 2.26
C ASN A 97 6.74 52.29 1.70
N LEU A 98 6.83 51.71 0.52
CA LEU A 98 8.06 51.59 -0.25
C LEU A 98 7.83 52.23 -1.61
N SER A 99 8.91 52.57 -2.28
CA SER A 99 8.75 53.11 -3.63
C SER A 99 8.59 51.95 -4.61
N ARG A 100 7.91 52.24 -5.71
CA ARG A 100 7.85 51.26 -6.79
C ARG A 100 9.25 50.85 -7.23
N ALA A 101 10.19 51.81 -7.33
CA ALA A 101 11.55 51.50 -7.76
C ALA A 101 12.24 50.53 -6.79
N GLU A 102 12.15 50.81 -5.50
CA GLU A 102 12.64 49.88 -4.49
C GLU A 102 12.09 48.48 -4.74
N VAL A 103 10.76 48.35 -4.89
CA VAL A 103 10.15 47.03 -5.01
C VAL A 103 10.62 46.34 -6.30
N HIS A 104 10.64 47.05 -7.42
CA HIS A 104 11.21 46.50 -8.66
C HIS A 104 12.67 46.06 -8.46
N GLY A 105 13.46 46.85 -7.75
CA GLY A 105 14.85 46.48 -7.55
C GLY A 105 15.02 45.15 -6.82
N VAL A 106 14.11 44.84 -5.90
CA VAL A 106 14.23 43.59 -5.17
C VAL A 106 13.83 42.42 -6.06
N ILE A 107 12.82 42.62 -6.91
CA ILE A 107 12.38 41.54 -7.77
C ILE A 107 13.48 41.17 -8.76
N THR A 108 14.10 42.17 -9.39
CA THR A 108 15.13 41.90 -10.38
C THR A 108 16.41 41.32 -9.75
N PHE A 109 16.70 41.68 -8.50
CA PHE A 109 17.93 41.21 -7.86
C PHE A 109 17.92 39.70 -7.66
N TYR A 110 16.77 39.12 -7.33
CA TYR A 110 16.73 37.76 -6.85
C TYR A 110 16.38 36.83 -7.99
N HIS A 111 17.29 35.90 -8.31
CA HIS A 111 17.08 35.07 -9.49
C HIS A 111 15.83 34.21 -9.36
N HIS A 112 15.44 33.85 -8.13
CA HIS A 112 14.28 32.98 -7.98
C HIS A 112 13.03 33.60 -8.60
N PHE A 113 12.91 34.93 -8.54
CA PHE A 113 11.67 35.62 -8.91
C PHE A 113 11.65 35.89 -10.40
N ARG A 114 10.54 35.56 -11.04
CA ARG A 114 10.40 35.82 -12.46
C ARG A 114 9.25 36.80 -12.66
N GLN A 115 9.32 37.60 -13.71
CA GLN A 115 8.34 38.64 -13.94
C GLN A 115 7.49 38.37 -15.17
N GLN A 116 7.67 37.22 -15.79
CA GLN A 116 6.87 36.76 -16.92
C GLN A 116 6.64 35.28 -16.68
N PRO A 117 5.52 34.73 -17.16
CA PRO A 117 5.26 33.32 -16.91
C PRO A 117 6.33 32.44 -17.53
N ALA A 118 6.69 31.40 -16.80
CA ALA A 118 7.56 30.36 -17.30
C ALA A 118 6.72 29.31 -18.01
N GLY A 119 7.37 28.29 -18.55
CA GLY A 119 6.65 27.20 -19.17
C GLY A 119 5.87 26.41 -18.14
N ARG A 120 5.18 25.39 -18.63
CA ARG A 120 4.39 24.55 -17.72
C ARG A 120 5.28 23.94 -16.65
N HIS A 121 6.52 23.57 -17.02
CA HIS A 121 7.48 23.00 -16.08
C HIS A 121 8.78 23.77 -16.12
N VAL A 122 9.32 24.07 -14.94
CA VAL A 122 10.65 24.67 -14.85
C VAL A 122 11.62 23.55 -14.48
N VAL A 123 12.47 23.13 -15.42
CA VAL A 123 13.50 22.14 -15.17
C VAL A 123 14.77 22.86 -14.73
N GLN A 124 15.22 22.58 -13.49
CA GLN A 124 16.44 23.17 -12.94
C GLN A 124 17.55 22.13 -13.03
N VAL A 125 18.63 22.46 -13.75
CA VAL A 125 19.80 21.61 -13.91
C VAL A 125 20.94 22.20 -13.08
N CYS A 126 21.37 21.48 -12.06
CA CYS A 126 22.49 21.95 -11.27
C CYS A 126 23.74 22.10 -12.12
N ARG A 127 24.44 23.22 -11.91
CA ARG A 127 25.68 23.52 -12.63
C ARG A 127 26.87 23.69 -11.70
N ALA A 128 26.75 23.40 -10.39
CA ALA A 128 27.83 23.72 -9.46
C ALA A 128 28.86 22.59 -9.42
N GLU A 129 29.83 22.70 -8.52
CA GLU A 129 31.08 21.97 -8.69
C GLU A 129 30.89 20.46 -8.51
N ALA A 130 30.07 20.05 -7.55
CA ALA A 130 29.87 18.62 -7.32
C ALA A 130 29.27 17.93 -8.53
N CYS A 131 28.27 18.55 -9.15
CA CYS A 131 27.67 17.92 -10.31
C CYS A 131 28.53 18.09 -11.55
N GLN A 132 29.32 19.17 -11.61
CA GLN A 132 30.35 19.25 -12.64
C GLN A 132 31.22 18.02 -12.62
N SER A 133 31.63 17.58 -11.41
CA SER A 133 32.59 16.48 -11.27
C SER A 133 32.03 15.14 -11.71
N VAL A 134 30.71 15.00 -11.81
CA VAL A 134 30.14 13.77 -12.32
C VAL A 134 29.36 14.07 -13.58
N GLY A 135 29.72 15.16 -14.27
CA GLY A 135 29.26 15.37 -15.63
C GLY A 135 28.15 16.39 -15.86
N ALA A 136 27.97 17.37 -14.99
CA ALA A 136 26.89 18.35 -15.20
C ALA A 136 27.04 19.11 -16.51
N GLU A 137 28.28 19.29 -16.98
CA GLU A 137 28.46 20.11 -18.19
C GLU A 137 27.93 19.41 -19.43
N ALA A 138 28.26 18.14 -19.61
CA ALA A 138 27.69 17.39 -20.73
C ALA A 138 26.17 17.33 -20.64
N LEU A 139 25.63 17.15 -19.43
CA LEU A 139 24.18 17.11 -19.27
C LEU A 139 23.56 18.45 -19.64
N ALA A 140 24.22 19.55 -19.26
CA ALA A 140 23.72 20.87 -19.62
C ALA A 140 23.64 21.04 -21.13
N GLU A 141 24.69 20.61 -21.84
CA GLU A 141 24.68 20.75 -23.30
C GLU A 141 23.66 19.81 -23.95
N HIS A 142 23.49 18.60 -23.40
CA HIS A 142 22.47 17.72 -23.95
C HIS A 142 21.07 18.27 -23.72
N ALA A 143 20.83 18.86 -22.54
CA ALA A 143 19.52 19.39 -22.24
C ALA A 143 19.14 20.48 -23.22
N GLN A 144 20.09 21.34 -23.58
CA GLN A 144 19.79 22.40 -24.54
C GLN A 144 19.42 21.82 -25.91
N ARG A 145 20.20 20.87 -26.41
CA ARG A 145 19.89 20.26 -27.70
C ARG A 145 18.57 19.50 -27.67
N ALA A 146 18.35 18.71 -26.63
CA ALA A 146 17.12 17.92 -26.57
C ALA A 146 15.89 18.81 -26.43
N LEU A 147 16.04 19.98 -25.81
CA LEU A 147 14.96 20.95 -25.64
C LEU A 147 14.90 21.97 -26.77
N GLY A 148 16.04 22.30 -27.37
CA GLY A 148 16.09 23.32 -28.40
C GLY A 148 16.20 24.75 -27.89
N CYS A 149 16.49 24.94 -26.61
CA CYS A 149 16.55 26.26 -26.00
C CYS A 149 17.70 26.29 -25.00
N GLY A 150 18.30 27.46 -24.85
CA GLY A 150 19.32 27.69 -23.85
C GLY A 150 18.74 27.86 -22.46
N PHE A 151 19.64 28.17 -21.52
CA PHE A 151 19.25 28.42 -20.15
C PHE A 151 18.46 29.72 -20.02
N HIS A 152 17.59 29.75 -19.01
CA HIS A 152 16.64 30.85 -18.78
C HIS A 152 15.66 31.02 -19.95
N GLU A 153 15.42 29.95 -20.71
CA GLU A 153 14.57 30.04 -21.89
C GLU A 153 13.59 28.87 -21.91
N THR A 154 12.53 29.04 -22.71
CA THR A 154 11.42 28.10 -22.74
C THR A 154 11.27 27.45 -24.11
N THR A 155 10.85 26.18 -24.10
CA THR A 155 10.68 25.42 -25.33
C THR A 155 9.67 26.11 -26.25
N ALA A 156 9.80 25.80 -27.55
CA ALA A 156 8.88 26.39 -28.51
C ALA A 156 7.44 25.94 -28.28
N ASP A 157 7.24 24.77 -27.69
CA ASP A 157 5.90 24.28 -27.36
C ASP A 157 5.44 24.72 -25.97
N GLY A 158 6.19 25.60 -25.30
CA GLY A 158 5.80 26.13 -24.00
C GLY A 158 5.78 25.14 -22.85
N GLN A 159 6.31 23.94 -23.02
CA GLN A 159 6.20 22.93 -21.97
C GLN A 159 7.31 23.02 -20.93
N VAL A 160 8.49 23.50 -21.32
CA VAL A 160 9.66 23.45 -20.45
C VAL A 160 10.36 24.79 -20.46
N THR A 161 10.69 25.30 -19.28
CA THR A 161 11.65 26.39 -19.14
C THR A 161 12.91 25.82 -18.51
N LEU A 162 14.04 26.07 -19.15
CA LEU A 162 15.32 25.50 -18.74
C LEU A 162 16.02 26.50 -17.84
N GLU A 163 16.36 26.08 -16.62
CA GLU A 163 17.00 26.97 -15.67
C GLU A 163 18.26 26.33 -15.08
N PRO A 164 19.28 27.13 -14.82
CA PRO A 164 20.39 26.63 -14.00
C PRO A 164 20.07 26.80 -12.54
N VAL A 165 20.68 25.95 -11.72
CA VAL A 165 20.64 26.10 -10.27
C VAL A 165 22.05 25.77 -9.76
N TYR A 166 22.45 26.42 -8.68
CA TYR A 166 23.79 26.24 -8.16
C TYR A 166 23.70 25.47 -6.86
N CYS A 167 23.60 24.13 -7.01
CA CYS A 167 23.54 23.16 -5.91
C CYS A 167 22.14 22.99 -5.34
N LEU A 168 21.62 21.77 -5.38
CA LEU A 168 20.35 21.37 -4.76
C LEU A 168 20.56 20.62 -3.44
N GLY A 169 21.79 20.59 -2.93
CA GLY A 169 22.11 19.76 -1.77
C GLY A 169 22.04 18.28 -2.07
N GLN A 170 22.24 17.91 -3.34
CA GLN A 170 22.24 16.52 -3.80
C GLN A 170 23.63 16.14 -4.32
N CYS A 171 24.64 16.75 -3.71
CA CYS A 171 26.01 16.75 -4.23
C CYS A 171 26.65 15.36 -4.29
N ALA A 172 26.20 14.43 -3.46
CA ALA A 172 26.66 13.05 -3.47
C ALA A 172 25.88 12.16 -4.45
N CYS A 173 24.88 12.68 -5.13
CA CYS A 173 24.08 11.83 -5.98
C CYS A 173 23.83 12.53 -7.32
N GLY A 174 24.81 13.31 -7.77
CA GLY A 174 24.65 14.11 -8.97
C GLY A 174 24.92 13.28 -10.22
N PRO A 175 24.72 13.90 -11.39
CA PRO A 175 24.21 15.26 -11.61
C PRO A 175 22.76 15.40 -11.17
N ALA A 176 22.43 16.50 -10.50
CA ALA A 176 21.10 16.64 -9.93
C ALA A 176 20.23 17.55 -10.81
N VAL A 177 18.93 17.24 -10.81
CA VAL A 177 17.92 18.01 -11.52
C VAL A 177 16.69 18.16 -10.64
N MET A 178 16.08 19.36 -10.63
CA MET A 178 14.81 19.56 -9.94
C MET A 178 13.74 20.08 -10.89
N VAL A 179 12.57 19.44 -10.86
CA VAL A 179 11.42 19.85 -11.65
C VAL A 179 10.27 20.12 -10.68
N GLY A 180 9.82 21.38 -10.66
CA GLY A 180 8.94 21.84 -9.62
C GLY A 180 9.64 21.69 -8.30
N GLU A 181 9.25 20.67 -7.54
CA GLU A 181 9.97 20.29 -6.33
C GLU A 181 10.31 18.80 -6.35
N GLN A 182 10.25 18.18 -7.53
CA GLN A 182 10.64 16.79 -7.69
C GLN A 182 12.13 16.74 -8.03
N LEU A 183 12.89 15.98 -7.25
CA LEU A 183 14.33 15.84 -7.44
C LEU A 183 14.67 14.61 -8.27
N HIS A 184 15.76 14.72 -9.03
CA HIS A 184 16.30 13.60 -9.80
C HIS A 184 17.81 13.58 -9.63
N GLY A 185 18.35 12.41 -9.30
CA GLY A 185 19.79 12.24 -9.12
C GLY A 185 20.38 11.36 -10.20
N TYR A 186 21.72 11.31 -10.21
CA TYR A 186 22.49 10.52 -11.18
C TYR A 186 21.97 10.71 -12.61
N VAL A 187 21.69 11.95 -12.98
CA VAL A 187 20.98 12.20 -14.24
C VAL A 187 21.98 12.25 -15.38
N ASP A 188 21.80 11.37 -16.36
CA ASP A 188 22.53 11.43 -17.60
C ASP A 188 21.57 11.80 -18.73
N ALA A 189 22.05 11.68 -19.96
CA ALA A 189 21.25 12.09 -21.12
C ALA A 189 20.00 11.22 -21.24
N ARG A 190 20.13 9.91 -21.08
CA ARG A 190 18.98 9.02 -21.22
C ARG A 190 17.94 9.28 -20.14
N ARG A 191 18.37 9.43 -18.88
CA ARG A 191 17.42 9.68 -17.81
C ARG A 191 16.79 11.06 -17.95
N PHE A 192 17.55 12.05 -18.43
CA PHE A 192 16.98 13.37 -18.67
C PHE A 192 15.89 13.30 -19.72
N ASP A 193 16.16 12.65 -20.85
CA ASP A 193 15.12 12.46 -21.84
C ASP A 193 13.91 11.76 -21.25
N ALA A 194 14.15 10.78 -20.37
CA ALA A 194 13.04 10.04 -19.78
C ALA A 194 12.20 10.94 -18.87
N LEU A 195 12.84 11.74 -18.03
CA LEU A 195 12.07 12.59 -17.12
C LEU A 195 11.33 13.67 -17.89
N VAL A 196 11.93 14.20 -18.96
CA VAL A 196 11.23 15.15 -19.82
C VAL A 196 10.11 14.44 -20.57
N ARG A 197 10.34 13.18 -20.96
CA ARG A 197 9.27 12.37 -21.54
C ARG A 197 8.06 12.33 -20.62
N SER A 198 8.29 12.02 -19.33
CA SER A 198 7.21 11.94 -18.37
C SER A 198 6.44 13.25 -18.21
N LEU A 199 7.12 14.40 -18.40
CA LEU A 199 6.49 15.69 -18.17
C LEU A 199 5.33 15.93 -19.13
N ARG A 200 5.60 15.81 -20.44
CA ARG A 200 4.59 16.16 -21.44
C ARG A 200 3.30 15.33 -21.25
N GLU A 201 3.44 14.02 -21.13
CA GLU A 201 2.29 13.12 -20.98
C GLU A 201 1.80 13.01 -19.54
N ILE B 2 -1.48 -10.39 16.70
CA ILE B 2 -1.43 -9.72 15.40
C ILE B 2 -0.06 -9.06 15.16
N THR B 3 0.70 -9.64 14.24
CA THR B 3 2.10 -9.31 14.02
C THR B 3 2.25 -8.14 13.06
N ILE B 4 2.91 -7.06 13.50
CA ILE B 4 3.15 -5.90 12.65
C ILE B 4 4.65 -5.63 12.59
N THR B 5 5.20 -5.63 11.38
CA THR B 5 6.63 -5.39 11.18
C THR B 5 6.88 -3.92 10.89
N THR B 6 7.75 -3.30 11.67
CA THR B 6 8.19 -1.93 11.43
C THR B 6 9.26 -1.91 10.37
N ILE B 7 9.04 -1.07 9.35
CA ILE B 7 9.92 -0.92 8.21
C ILE B 7 10.25 0.55 8.04
N PHE B 8 11.52 0.85 7.77
CA PHE B 8 11.96 2.23 7.60
C PHE B 8 12.31 2.50 6.14
N VAL B 9 11.72 3.54 5.57
CA VAL B 9 12.10 4.04 4.26
C VAL B 9 12.41 5.53 4.39
N PRO B 10 13.64 5.96 4.13
CA PRO B 10 13.97 7.39 4.33
C PRO B 10 13.08 8.32 3.52
N ARG B 11 12.87 9.52 4.07
CA ARG B 11 12.18 10.61 3.38
C ARG B 11 13.12 11.79 3.14
N ASP B 12 14.42 11.62 3.40
CA ASP B 12 15.36 12.68 3.07
C ASP B 12 15.36 12.94 1.57
N SER B 13 15.47 14.21 1.18
CA SER B 13 15.23 14.53 -0.22
C SER B 13 16.18 13.79 -1.16
N THR B 14 17.41 13.44 -0.69
CA THR B 14 18.30 12.65 -1.54
C THR B 14 17.75 11.24 -1.74
N ALA B 15 17.27 10.61 -0.67
CA ALA B 15 16.53 9.36 -0.83
C ALA B 15 15.31 9.56 -1.74
N LEU B 16 14.61 10.69 -1.59
CA LEU B 16 13.44 10.95 -2.43
C LEU B 16 13.83 11.07 -3.90
N ALA B 17 14.93 11.78 -4.18
CA ALA B 17 15.41 11.88 -5.56
C ALA B 17 15.64 10.51 -6.18
N LEU B 18 16.01 9.52 -5.38
CA LEU B 18 16.37 8.20 -5.86
C LEU B 18 15.22 7.19 -5.71
N GLY B 19 14.00 7.66 -5.47
CA GLY B 19 12.82 6.81 -5.55
C GLY B 19 12.20 6.35 -4.25
N ALA B 20 12.57 6.96 -3.12
CA ALA B 20 12.13 6.43 -1.83
C ALA B 20 10.60 6.36 -1.72
N ASP B 21 9.88 7.35 -2.23
CA ASP B 21 8.42 7.30 -2.13
C ASP B 21 7.86 6.10 -2.88
N ASP B 22 8.35 5.86 -4.11
CA ASP B 22 7.87 4.71 -4.88
C ASP B 22 8.18 3.41 -4.15
N VAL B 23 9.33 3.33 -3.49
CA VAL B 23 9.66 2.13 -2.73
C VAL B 23 8.69 1.95 -1.56
N ALA B 24 8.36 3.04 -0.87
CA ALA B 24 7.44 2.97 0.27
C ALA B 24 6.05 2.54 -0.20
N ARG B 25 5.60 3.09 -1.31
CA ARG B 25 4.31 2.68 -1.84
C ARG B 25 4.36 1.24 -2.34
N ALA B 26 5.50 0.83 -2.91
CA ALA B 26 5.62 -0.56 -3.34
C ALA B 26 5.64 -1.50 -2.15
N ILE B 27 6.32 -1.12 -1.07
CA ILE B 27 6.30 -1.96 0.13
C ILE B 27 4.89 -2.07 0.66
N ALA B 28 4.14 -0.95 0.65
CA ALA B 28 2.76 -0.95 1.11
C ALA B 28 1.89 -1.83 0.23
N ARG B 29 1.95 -1.61 -1.09
CA ARG B 29 1.19 -2.44 -2.03
C ARG B 29 1.54 -3.91 -1.87
N GLU B 30 2.82 -4.24 -1.73
CA GLU B 30 3.20 -5.64 -1.61
C GLU B 30 2.68 -6.26 -0.33
N ALA B 31 2.79 -5.55 0.80
CA ALA B 31 2.24 -6.05 2.05
C ALA B 31 0.75 -6.34 1.92
N ALA B 32 0.02 -5.41 1.30
CA ALA B 32 -1.42 -5.60 1.14
C ALA B 32 -1.69 -6.80 0.24
N ALA B 33 -0.90 -6.97 -0.83
CA ALA B 33 -1.10 -8.13 -1.72
C ALA B 33 -0.79 -9.44 -1.03
N ARG B 34 0.00 -9.43 0.04
CA ARG B 34 0.32 -10.65 0.77
C ARG B 34 -0.47 -10.79 2.07
N ASN B 35 -1.37 -9.84 2.36
CA ASN B 35 -2.14 -9.87 3.61
C ASN B 35 -1.19 -9.85 4.81
N GLU B 36 -0.18 -8.99 4.74
CA GLU B 36 0.76 -8.82 5.83
C GLU B 36 0.68 -7.37 6.32
N HIS B 37 0.86 -7.22 7.61
CA HIS B 37 0.74 -5.93 8.27
C HIS B 37 2.14 -5.37 8.52
N VAL B 38 2.41 -4.20 7.95
CA VAL B 38 3.65 -3.47 8.22
C VAL B 38 3.30 -2.06 8.66
N ARG B 39 4.26 -1.42 9.33
CA ARG B 39 4.20 -0.01 9.64
C ARG B 39 5.43 0.62 9.01
N ILE B 40 5.21 1.43 7.98
CA ILE B 40 6.27 2.05 7.21
C ILE B 40 6.63 3.38 7.86
N VAL B 41 7.80 3.44 8.48
CA VAL B 41 8.26 4.69 9.08
C VAL B 41 9.13 5.44 8.08
N ARG B 42 8.79 6.69 7.82
CA ARG B 42 9.59 7.51 6.92
C ARG B 42 10.66 8.21 7.77
N ASN B 43 11.80 7.56 7.93
CA ASN B 43 12.88 8.11 8.75
C ASN B 43 13.70 9.12 7.94
N GLY B 44 14.63 9.77 8.63
CA GLY B 44 15.68 10.50 7.96
C GLY B 44 16.58 9.52 7.23
N SER B 45 17.58 10.07 6.56
CA SER B 45 18.60 9.25 5.90
C SER B 45 19.76 8.99 6.84
N ARG B 46 20.24 7.75 6.85
CA ARG B 46 21.49 7.49 7.57
C ARG B 46 22.65 8.27 6.99
N GLY B 47 22.51 8.83 5.79
CA GLY B 47 23.56 9.59 5.16
C GLY B 47 24.56 8.78 4.39
N MET B 48 24.17 7.59 3.93
CA MET B 48 25.02 6.74 3.09
C MET B 48 24.35 6.68 1.72
N PHE B 49 24.56 7.72 0.93
CA PHE B 49 23.70 7.97 -0.22
C PHE B 49 23.87 6.97 -1.34
N TRP B 50 25.02 6.31 -1.46
CA TRP B 50 25.15 5.26 -2.47
C TRP B 50 24.30 4.03 -2.13
N LEU B 51 23.80 3.93 -0.90
CA LEU B 51 22.84 2.91 -0.51
C LEU B 51 21.39 3.42 -0.48
N GLU B 52 21.15 4.71 -0.85
CA GLU B 52 19.73 5.09 -0.80
C GLU B 52 19.03 4.71 -2.10
N PRO B 53 17.74 4.36 -2.04
CA PRO B 53 16.93 4.23 -0.82
C PRO B 53 17.33 3.04 0.05
N LEU B 54 17.61 3.31 1.32
CA LEU B 54 18.11 2.29 2.26
C LEU B 54 16.94 1.89 3.15
N VAL B 55 16.37 0.72 2.85
CA VAL B 55 15.23 0.22 3.60
C VAL B 55 15.74 -0.55 4.81
N GLU B 56 15.15 -0.29 5.96
CA GLU B 56 15.51 -1.01 7.19
C GLU B 56 14.28 -1.72 7.74
N VAL B 57 14.54 -2.87 8.38
CA VAL B 57 13.51 -3.69 9.01
C VAL B 57 13.89 -3.88 10.48
N GLN B 58 12.95 -3.63 11.37
CA GLN B 58 13.20 -3.89 12.78
C GLN B 58 13.09 -5.40 13.01
N THR B 59 14.20 -6.03 13.41
CA THR B 59 14.20 -7.43 13.81
C THR B 59 14.68 -7.57 15.25
N GLY B 60 14.72 -8.83 15.71
CA GLY B 60 15.18 -9.12 17.05
C GLY B 60 16.64 -8.83 17.26
N ALA B 61 17.43 -8.83 16.17
CA ALA B 61 18.86 -8.54 16.17
C ALA B 61 19.17 -7.05 16.03
N GLY B 62 18.15 -6.21 15.98
CA GLY B 62 18.31 -4.80 15.66
C GLY B 62 17.73 -4.49 14.30
N ARG B 63 17.93 -3.25 13.89
CA ARG B 63 17.54 -2.85 12.54
C ARG B 63 18.54 -3.40 11.53
N VAL B 64 18.05 -4.04 10.47
CA VAL B 64 18.91 -4.48 9.39
C VAL B 64 18.50 -3.73 8.13
N ALA B 65 19.44 -3.60 7.20
CA ALA B 65 19.26 -2.67 6.09
C ALA B 65 19.38 -3.37 4.73
N TYR B 66 18.70 -2.77 3.75
CA TYR B 66 18.78 -3.21 2.37
C TYR B 66 18.97 -1.97 1.52
N GLY B 67 19.86 -2.06 0.53
CA GLY B 67 20.12 -0.89 -0.28
C GLY B 67 21.15 -1.10 -1.36
N PRO B 68 21.05 -0.30 -2.44
CA PRO B 68 19.95 0.65 -2.66
C PRO B 68 18.69 -0.06 -3.19
N VAL B 69 17.50 0.26 -2.71
CA VAL B 69 16.29 -0.49 -3.08
C VAL B 69 15.53 0.29 -4.15
N SER B 70 15.18 -0.39 -5.24
CA SER B 70 14.26 0.18 -6.22
C SER B 70 12.89 -0.47 -6.08
N ALA B 71 11.88 0.22 -6.61
CA ALA B 71 10.52 -0.31 -6.60
C ALA B 71 10.45 -1.74 -7.17
N ALA B 72 11.20 -2.02 -8.24
CA ALA B 72 11.13 -3.35 -8.85
C ALA B 72 11.66 -4.44 -7.91
N ASP B 73 12.56 -4.09 -7.00
CA ASP B 73 13.17 -5.10 -6.14
C ASP B 73 12.24 -5.58 -5.02
N VAL B 74 11.10 -4.93 -4.80
CA VAL B 74 10.36 -5.13 -3.55
C VAL B 74 9.66 -6.48 -3.45
N PRO B 75 8.99 -7.00 -4.51
CA PRO B 75 8.44 -8.38 -4.40
C PRO B 75 9.49 -9.44 -4.13
N GLY B 76 10.67 -9.30 -4.74
CA GLY B 76 11.79 -10.18 -4.41
C GLY B 76 12.28 -10.02 -2.98
N LEU B 77 12.25 -8.79 -2.48
CA LEU B 77 12.62 -8.56 -1.09
C LEU B 77 11.73 -9.35 -0.15
N PHE B 78 10.40 -9.23 -0.33
CA PHE B 78 9.46 -10.01 0.46
C PHE B 78 9.73 -11.51 0.29
N ASP B 79 9.94 -11.97 -0.95
CA ASP B 79 10.17 -13.40 -1.18
C ASP B 79 11.36 -13.93 -0.39
N ALA B 80 12.45 -13.17 -0.33
CA ALA B 80 13.62 -13.55 0.46
C ALA B 80 13.44 -13.35 1.96
N GLY B 81 12.24 -13.00 2.44
CA GLY B 81 12.00 -12.83 3.86
C GLY B 81 12.30 -11.47 4.43
N LEU B 82 12.17 -10.40 3.64
CA LEU B 82 12.39 -9.03 4.10
C LEU B 82 11.81 -8.74 5.48
N LEU B 83 10.62 -9.27 5.79
CA LEU B 83 9.99 -8.87 7.04
C LEU B 83 10.64 -9.51 8.25
N GLN B 84 11.48 -10.52 8.06
CA GLN B 84 12.25 -11.16 9.13
C GLN B 84 13.75 -10.92 9.00
N GLY B 85 14.16 -9.95 8.19
CA GLY B 85 15.57 -9.73 7.98
C GLY B 85 16.28 -10.79 7.15
N GLY B 86 15.53 -11.56 6.33
CA GLY B 86 16.18 -12.56 5.48
C GLY B 86 17.22 -11.96 4.54
N GLU B 87 18.18 -12.77 4.11
CA GLU B 87 19.27 -12.21 3.30
C GLU B 87 18.87 -12.19 1.83
N HIS B 88 19.48 -11.26 1.10
CA HIS B 88 19.07 -10.84 -0.22
C HIS B 88 20.30 -10.23 -0.85
N ALA B 89 20.33 -10.20 -2.18
CA ALA B 89 21.47 -9.56 -2.85
C ALA B 89 21.72 -8.17 -2.28
N LEU B 90 20.68 -7.45 -1.88
CA LEU B 90 20.80 -6.09 -1.38
C LEU B 90 21.06 -6.01 0.12
N SER B 91 21.19 -7.14 0.82
CA SER B 91 21.38 -7.08 2.27
C SER B 91 22.67 -6.36 2.64
N GLN B 92 22.61 -5.53 3.68
CA GLN B 92 23.78 -4.88 4.24
C GLN B 92 24.01 -5.23 5.71
N GLY B 93 23.09 -6.00 6.31
CA GLY B 93 23.27 -6.43 7.69
C GLY B 93 22.70 -5.44 8.69
N VAL B 94 23.03 -5.68 9.97
CA VAL B 94 22.76 -4.73 11.05
C VAL B 94 23.30 -3.35 10.67
N THR B 95 22.40 -2.38 10.50
CA THR B 95 22.77 -1.04 10.03
C THR B 95 23.90 -0.41 10.85
N GLU B 96 23.80 -0.46 12.18
CA GLU B 96 24.81 0.23 13.00
C GLU B 96 26.18 -0.41 12.89
N GLU B 97 26.28 -1.57 12.22
CA GLU B 97 27.54 -2.28 12.07
C GLU B 97 28.24 -1.95 10.76
N ILE B 98 27.55 -1.32 9.81
CA ILE B 98 28.18 -0.89 8.57
C ILE B 98 29.30 0.05 8.96
N PRO B 99 30.56 -0.28 8.64
CA PRO B 99 31.70 0.50 9.18
C PRO B 99 31.62 1.98 8.87
N PHE B 100 31.21 2.35 7.66
CA PHE B 100 31.10 3.76 7.30
C PHE B 100 30.29 4.54 8.34
N LEU B 101 29.23 3.91 8.86
CA LEU B 101 28.38 4.52 9.86
C LEU B 101 28.98 4.36 11.25
N LYS B 102 29.39 3.14 11.60
CA LYS B 102 29.86 2.85 12.95
C LYS B 102 31.11 3.66 13.30
N GLN B 103 32.03 3.83 12.36
CA GLN B 103 33.29 4.53 12.63
C GLN B 103 33.15 6.05 12.57
N GLN B 104 32.06 6.58 13.11
CA GLN B 104 31.82 8.01 13.14
C GLN B 104 31.66 8.47 14.59
N GLU B 105 31.65 9.78 14.76
CA GLU B 105 31.43 10.40 16.06
C GLU B 105 30.27 11.35 15.87
N ARG B 106 29.07 10.77 15.79
CA ARG B 106 27.85 11.51 15.47
C ARG B 106 27.32 12.17 16.74
N LEU B 107 28.02 13.21 17.16
CA LEU B 107 27.53 14.00 18.28
C LEU B 107 26.31 14.81 17.85
N THR B 108 26.45 15.58 16.77
CA THR B 108 25.35 16.39 16.25
C THR B 108 24.36 15.54 15.48
N PHE B 109 24.85 14.61 14.66
CA PHE B 109 23.96 13.81 13.83
C PHE B 109 23.46 12.53 14.51
N ALA B 110 23.30 12.53 15.84
CA ALA B 110 23.06 11.28 16.59
C ALA B 110 21.77 10.57 16.18
N ARG B 111 20.74 11.31 15.83
CA ARG B 111 19.44 10.73 15.53
C ARG B 111 19.18 10.59 14.05
N VAL B 112 20.02 11.18 13.20
CA VAL B 112 19.69 11.33 11.79
C VAL B 112 19.65 9.95 11.13
N GLY B 113 18.48 9.58 10.62
CA GLY B 113 18.26 8.28 10.02
C GLY B 113 17.64 7.27 10.96
N ILE B 114 17.72 7.52 12.27
CA ILE B 114 17.13 6.63 13.25
C ILE B 114 15.66 6.93 13.42
N THR B 115 15.32 8.21 13.58
CA THR B 115 14.02 8.72 13.95
C THR B 115 13.14 9.06 12.75
N ASP B 116 11.85 9.05 12.99
CA ASP B 116 10.92 9.85 12.23
C ASP B 116 11.21 11.33 12.48
N PRO B 117 11.52 12.12 11.45
CA PRO B 117 11.95 13.51 11.68
C PRO B 117 10.92 14.35 12.42
N LEU B 118 9.64 14.05 12.26
CA LEU B 118 8.58 14.89 12.80
C LEU B 118 7.90 14.27 14.03
N SER B 119 8.41 13.17 14.57
CA SER B 119 7.81 12.57 15.75
C SER B 119 8.51 13.13 16.99
N LEU B 120 7.76 13.85 17.82
CA LEU B 120 8.30 14.29 19.11
C LEU B 120 8.63 13.13 20.01
N ASP B 121 7.90 12.01 19.90
CA ASP B 121 8.20 10.84 20.72
C ASP B 121 9.58 10.29 20.38
N ASP B 122 9.86 10.14 19.08
CA ASP B 122 11.15 9.65 18.63
C ASP B 122 12.26 10.57 19.08
N TYR B 123 12.05 11.87 18.89
CA TYR B 123 13.06 12.84 19.27
C TYR B 123 13.38 12.71 20.75
N ARG B 124 12.34 12.71 21.60
CA ARG B 124 12.58 12.71 23.03
C ARG B 124 13.03 11.36 23.56
N ALA B 125 12.80 10.29 22.80
CA ALA B 125 13.36 9.01 23.20
C ALA B 125 14.86 8.94 22.94
N HIS B 126 15.46 9.92 22.25
CA HIS B 126 16.90 9.93 21.99
C HIS B 126 17.48 11.28 22.39
N GLU B 127 17.33 11.63 23.68
CA GLU B 127 17.90 12.84 24.29
C GLU B 127 17.26 14.14 23.82
N GLY B 128 16.39 14.09 22.84
CA GLY B 128 15.70 15.30 22.42
C GLY B 128 15.13 16.09 23.59
N PHE B 129 15.45 17.38 23.63
CA PHE B 129 15.00 18.41 24.58
C PHE B 129 15.61 18.27 25.97
N ALA B 130 16.53 17.32 26.18
CA ALA B 130 17.29 17.26 27.43
C ALA B 130 18.20 18.49 27.54
N GLY B 131 18.77 18.95 26.43
CA GLY B 131 19.59 20.15 26.48
C GLY B 131 18.79 21.37 26.90
N LEU B 132 17.62 21.56 26.28
CA LEU B 132 16.70 22.62 26.70
C LEU B 132 16.29 22.49 28.16
N GLU B 133 15.95 21.28 28.61
CA GLU B 133 15.53 21.14 30.00
C GLU B 133 16.62 21.61 30.95
N ARG B 134 17.89 21.29 30.65
CA ARG B 134 18.98 21.80 31.48
C ARG B 134 19.15 23.31 31.34
N ALA B 135 19.10 23.82 30.11
CA ALA B 135 19.24 25.25 29.89
C ALA B 135 18.15 26.06 30.60
N LEU B 136 16.94 25.50 30.69
CA LEU B 136 15.84 26.19 31.36
C LEU B 136 16.15 26.40 32.83
N ALA B 137 16.99 25.55 33.42
CA ALA B 137 17.35 25.70 34.82
C ALA B 137 18.65 26.48 35.01
N MET B 138 19.13 27.18 33.97
CA MET B 138 20.38 27.94 34.07
C MET B 138 20.15 29.42 33.82
N GLN B 139 21.08 30.23 34.33
CA GLN B 139 21.11 31.64 34.01
C GLN B 139 21.52 31.86 32.55
N PRO B 140 21.04 32.93 31.91
CA PRO B 140 21.50 33.20 30.53
C PRO B 140 23.00 33.19 30.41
N ALA B 141 23.72 33.91 31.29
CA ALA B 141 25.17 33.97 31.22
C ALA B 141 25.80 32.59 31.38
N GLU B 142 25.14 31.69 32.12
CA GLU B 142 25.67 30.35 32.30
C GLU B 142 25.55 29.55 31.01
N ILE B 143 24.47 29.75 30.27
CA ILE B 143 24.32 29.04 29.01
C ILE B 143 25.39 29.52 28.04
N VAL B 144 25.61 30.83 28.00
CA VAL B 144 26.68 31.39 27.20
C VAL B 144 28.03 30.80 27.60
N GLN B 145 28.30 30.77 28.90
CA GLN B 145 29.57 30.24 29.36
C GLN B 145 29.73 28.79 28.93
N GLU B 146 28.66 27.99 28.98
CA GLU B 146 28.75 26.58 28.62
C GLU B 146 29.02 26.40 27.12
N VAL B 147 28.41 27.24 26.28
CA VAL B 147 28.75 27.17 24.86
C VAL B 147 30.19 27.64 24.64
N THR B 148 30.63 28.65 25.39
CA THR B 148 32.02 29.09 25.32
C THR B 148 32.99 27.96 25.69
N ASP B 149 32.76 27.34 26.86
CA ASP B 149 33.65 26.27 27.34
C ASP B 149 33.71 25.08 26.41
N SER B 150 32.63 24.82 25.67
CA SER B 150 32.65 23.68 24.76
C SER B 150 33.71 23.82 23.66
N GLY B 151 34.16 25.04 23.35
CA GLY B 151 35.05 25.26 22.23
C GLY B 151 34.36 25.33 20.89
N LEU B 152 33.04 25.34 20.86
CA LEU B 152 32.28 25.40 19.62
C LEU B 152 32.67 26.62 18.80
N ARG B 153 32.82 26.43 17.49
CA ARG B 153 33.17 27.52 16.59
C ARG B 153 32.17 27.54 15.45
N GLY B 154 32.16 28.65 14.70
CA GLY B 154 31.12 28.87 13.71
C GLY B 154 31.21 27.90 12.56
N ARG B 155 30.25 26.97 12.44
CA ARG B 155 30.36 25.91 11.43
C ARG B 155 29.99 26.36 10.03
N GLY B 156 29.55 27.60 9.88
CA GLY B 156 29.49 28.17 8.55
C GLY B 156 30.84 28.34 7.90
N GLY B 157 31.95 28.22 8.64
CA GLY B 157 33.27 28.12 8.06
C GLY B 157 34.25 29.20 8.49
N ALA B 158 33.75 30.41 8.79
CA ALA B 158 34.63 31.40 9.39
C ALA B 158 35.03 31.02 10.81
N ALA B 159 34.34 30.06 11.42
CA ALA B 159 34.79 29.43 12.67
C ALA B 159 35.03 30.44 13.80
N PHE B 160 34.22 31.48 13.88
CA PHE B 160 34.28 32.38 15.02
C PHE B 160 33.79 31.65 16.27
N PRO B 161 34.43 31.86 17.42
CA PRO B 161 33.99 31.19 18.65
C PRO B 161 32.58 31.56 19.07
N THR B 162 31.67 30.57 19.04
CA THR B 162 30.23 30.81 19.17
C THR B 162 29.85 31.48 20.50
N GLY B 163 30.43 31.01 21.61
CA GLY B 163 30.05 31.53 22.91
C GLY B 163 30.36 33.01 23.07
N ILE B 164 31.55 33.44 22.59
CA ILE B 164 31.92 34.86 22.62
C ILE B 164 30.93 35.67 21.80
N LYS B 165 30.52 35.14 20.65
CA LYS B 165 29.46 35.81 19.89
C LYS B 165 28.17 35.92 20.70
N TRP B 166 27.75 34.84 21.37
CA TRP B 166 26.53 34.92 22.16
C TRP B 166 26.69 35.91 23.32
N LYS B 167 27.87 35.90 23.96
CA LYS B 167 28.12 36.82 25.07
C LYS B 167 27.90 38.28 24.64
N THR B 168 28.34 38.62 23.44
CA THR B 168 28.12 39.97 22.92
C THR B 168 26.63 40.29 22.86
N VAL B 169 25.81 39.35 22.38
CA VAL B 169 24.39 39.63 22.24
C VAL B 169 23.73 39.71 23.61
N LEU B 170 24.13 38.80 24.52
CA LEU B 170 23.63 38.84 25.89
C LEU B 170 23.93 40.19 26.55
N GLY B 171 25.17 40.67 26.41
CA GLY B 171 25.54 41.90 27.09
C GLY B 171 24.92 43.15 26.52
N ALA B 172 24.56 43.12 25.24
CA ALA B 172 23.90 44.28 24.66
C ALA B 172 22.59 44.54 25.37
N GLN B 173 22.25 45.82 25.46
CA GLN B 173 21.08 46.27 26.20
C GLN B 173 20.01 46.62 25.17
N SER B 174 18.91 45.90 25.22
CA SER B 174 17.89 45.93 24.17
C SER B 174 16.67 45.12 24.55
N ALA B 175 15.50 45.71 24.36
CA ALA B 175 14.26 45.00 24.67
C ALA B 175 14.02 43.86 23.68
N VAL B 176 14.41 44.03 22.42
CA VAL B 176 14.17 43.02 21.39
C VAL B 176 15.51 42.48 20.93
N LYS B 177 15.62 41.16 20.88
CA LYS B 177 16.80 40.49 20.38
C LYS B 177 16.33 39.34 19.52
N TYR B 178 17.19 38.91 18.62
CA TYR B 178 16.83 37.92 17.62
C TYR B 178 17.83 36.78 17.58
N ILE B 179 17.32 35.57 17.35
CA ILE B 179 18.11 34.45 16.85
C ILE B 179 17.86 34.34 15.36
N VAL B 180 18.92 34.41 14.57
CA VAL B 180 18.82 34.20 13.13
C VAL B 180 19.61 32.95 12.79
N CYS B 181 18.92 31.96 12.23
CA CYS B 181 19.58 30.76 11.76
C CYS B 181 19.85 30.92 10.28
N ASN B 182 21.14 30.82 9.91
CA ASN B 182 21.56 30.87 8.52
C ASN B 182 21.44 29.48 7.92
N ALA B 183 20.37 29.24 7.17
CA ALA B 183 20.19 28.01 6.41
C ALA B 183 20.33 28.27 4.91
N ASP B 184 21.18 29.22 4.53
CA ASP B 184 21.35 29.45 3.10
C ASP B 184 22.16 28.37 2.42
N GLU B 185 22.86 27.53 3.18
CA GLU B 185 23.77 26.50 2.70
C GLU B 185 24.05 26.58 1.21
N GLY B 186 24.73 27.64 0.79
CA GLY B 186 24.88 27.92 -0.62
C GLY B 186 25.95 27.12 -1.32
N ASP B 187 26.84 26.48 -0.56
CA ASP B 187 28.04 25.90 -1.17
C ASP B 187 27.72 24.58 -1.84
N SER B 188 28.18 24.43 -3.08
CA SER B 188 28.19 23.10 -3.68
C SER B 188 29.02 22.17 -2.81
N GLY B 189 28.59 20.90 -2.75
CA GLY B 189 29.26 19.92 -1.92
C GLY B 189 28.80 19.91 -0.47
N THR B 190 27.79 20.70 -0.13
CA THR B 190 27.30 20.70 1.24
C THR B 190 25.83 20.32 1.30
N PHE B 191 25.51 19.53 2.31
CA PHE B 191 24.12 19.12 2.54
C PHE B 191 23.88 18.82 4.01
N SER B 192 24.85 19.09 4.90
CA SER B 192 24.62 18.84 6.32
C SER B 192 23.49 19.71 6.85
N ASP B 193 23.44 21.00 6.50
CA ASP B 193 22.32 21.83 6.97
C ASP B 193 20.99 21.27 6.47
N ARG B 194 20.93 20.93 5.17
CA ARG B 194 19.74 20.32 4.58
C ARG B 194 19.26 19.11 5.39
N MET B 195 20.19 18.21 5.70
CA MET B 195 19.82 16.99 6.40
C MET B 195 19.33 17.29 7.82
N VAL B 196 19.94 18.25 8.50
CA VAL B 196 19.42 18.61 9.82
C VAL B 196 17.98 19.08 9.69
N MET B 197 17.74 19.99 8.75
CA MET B 197 16.42 20.58 8.63
C MET B 197 15.40 19.56 8.15
N GLU B 198 15.82 18.61 7.31
CA GLU B 198 14.91 17.59 6.81
C GLU B 198 14.80 16.39 7.72
N ASP B 199 15.89 16.00 8.39
CA ASP B 199 15.95 14.71 9.09
C ASP B 199 15.93 14.83 10.61
N ASP B 200 16.15 16.03 11.17
CA ASP B 200 16.08 16.21 12.62
C ASP B 200 15.75 17.65 12.97
N PRO B 201 14.65 18.21 12.43
CA PRO B 201 14.38 19.66 12.63
C PRO B 201 14.16 20.06 14.08
N PHE B 202 13.69 19.15 14.92
CA PHE B 202 13.54 19.49 16.34
C PHE B 202 14.88 19.85 16.96
N MET B 203 15.97 19.27 16.46
CA MET B 203 17.28 19.61 16.97
C MET B 203 17.63 21.07 16.64
N LEU B 204 17.34 21.51 15.42
CA LEU B 204 17.54 22.92 15.11
C LEU B 204 16.68 23.80 15.99
N ILE B 205 15.43 23.37 16.22
CA ILE B 205 14.52 24.17 17.01
C ILE B 205 15.00 24.26 18.45
N GLU B 206 15.36 23.12 19.04
CA GLU B 206 15.92 23.13 20.38
C GLU B 206 17.15 24.05 20.45
N GLY B 207 18.05 23.94 19.48
CA GLY B 207 19.29 24.71 19.55
C GLY B 207 19.03 26.20 19.53
N MET B 208 18.09 26.65 18.68
CA MET B 208 17.72 28.05 18.61
C MET B 208 16.99 28.48 19.87
N THR B 209 16.19 27.59 20.47
CA THR B 209 15.52 27.97 21.71
C THR B 209 16.55 28.15 22.84
N ILE B 210 17.54 27.26 22.92
CA ILE B 210 18.60 27.44 23.90
C ILE B 210 19.37 28.74 23.63
N ALA B 211 19.65 29.03 22.35
CA ALA B 211 20.28 30.32 22.04
C ALA B 211 19.42 31.48 22.51
N ALA B 212 18.10 31.37 22.32
CA ALA B 212 17.19 32.42 22.75
C ALA B 212 17.26 32.61 24.27
N LEU B 213 17.28 31.51 25.02
CA LEU B 213 17.39 31.59 26.47
C LEU B 213 18.70 32.23 26.88
N ALA B 214 19.78 31.93 26.15
CA ALA B 214 21.10 32.37 26.57
C ALA B 214 21.28 33.88 26.43
N VAL B 215 20.59 34.52 25.49
CA VAL B 215 20.83 35.93 25.20
C VAL B 215 19.62 36.81 25.42
N GLY B 216 18.43 36.27 25.65
CA GLY B 216 17.27 37.11 25.88
C GLY B 216 16.54 37.49 24.61
N ALA B 217 16.43 36.56 23.66
CA ALA B 217 15.66 36.76 22.44
C ALA B 217 14.34 36.03 22.54
N GLU B 218 13.29 36.62 21.97
CA GLU B 218 12.00 35.94 21.98
C GLU B 218 11.48 35.61 20.59
N GLN B 219 12.23 35.96 19.55
CA GLN B 219 11.82 35.75 18.17
C GLN B 219 13.01 35.22 17.38
N GLY B 220 12.76 34.22 16.53
CA GLY B 220 13.80 33.63 15.70
C GLY B 220 13.35 33.53 14.26
N TYR B 221 14.34 33.52 13.37
CA TYR B 221 14.09 33.30 11.95
C TYR B 221 15.07 32.29 11.40
N ILE B 222 14.56 31.37 10.61
CA ILE B 222 15.37 30.47 9.84
C ILE B 222 15.31 30.95 8.40
N TYR B 223 16.39 31.50 7.90
CA TYR B 223 16.46 31.90 6.51
C TYR B 223 17.00 30.69 5.76
N CYS B 224 16.16 30.07 4.94
CA CYS B 224 16.52 28.84 4.25
C CYS B 224 16.45 29.04 2.75
N ARG B 225 17.48 28.58 2.03
CA ARG B 225 17.59 28.86 0.60
C ARG B 225 16.36 28.35 -0.14
N SER B 226 16.02 29.01 -1.25
CA SER B 226 14.88 28.59 -2.05
C SER B 226 15.11 27.24 -2.74
N GLU B 227 16.37 26.84 -2.93
CA GLU B 227 16.73 25.57 -3.53
C GLU B 227 16.42 24.38 -2.63
N TYR B 228 16.03 24.63 -1.37
CA TYR B 228 15.68 23.57 -0.42
C TYR B 228 14.18 23.53 -0.07
N PRO B 229 13.28 23.27 -1.02
CA PRO B 229 11.84 23.20 -0.66
C PRO B 229 11.52 22.16 0.42
N HIS B 230 12.20 21.02 0.43
CA HIS B 230 11.86 20.02 1.44
C HIS B 230 12.21 20.48 2.84
N ALA B 231 13.38 21.07 3.02
CA ALA B 231 13.74 21.61 4.32
C ALA B 231 12.69 22.60 4.83
N ILE B 232 12.19 23.46 3.94
CA ILE B 232 11.26 24.51 4.35
C ILE B 232 9.95 23.91 4.85
N ALA B 233 9.41 22.93 4.11
CA ALA B 233 8.13 22.34 4.49
C ALA B 233 8.26 21.48 5.74
N VAL B 234 9.36 20.74 5.86
CA VAL B 234 9.58 19.94 7.07
C VAL B 234 9.73 20.85 8.29
N LEU B 235 10.46 21.96 8.13
CA LEU B 235 10.69 22.87 9.25
C LEU B 235 9.39 23.52 9.70
N GLU B 236 8.57 23.99 8.76
CA GLU B 236 7.28 24.58 9.16
C GLU B 236 6.41 23.55 9.86
N SER B 237 6.42 22.30 9.38
CA SER B 237 5.62 21.29 10.05
C SER B 237 6.15 21.04 11.46
N ALA B 238 7.48 20.98 11.61
CA ALA B 238 8.08 20.73 12.92
C ALA B 238 7.81 21.90 13.87
N ILE B 239 7.80 23.12 13.35
CA ILE B 239 7.53 24.27 14.21
C ILE B 239 6.10 24.21 14.72
N GLY B 240 5.17 23.83 13.84
CA GLY B 240 3.78 23.69 14.28
C GLY B 240 3.61 22.61 15.33
N ILE B 241 4.23 21.45 15.12
CA ILE B 241 4.13 20.37 16.09
C ILE B 241 4.76 20.75 17.43
N ALA B 242 5.93 21.41 17.40
CA ALA B 242 6.59 21.78 18.66
C ALA B 242 5.78 22.84 19.40
N ASN B 243 5.26 23.83 18.68
CA ASN B 243 4.44 24.83 19.35
C ASN B 243 3.22 24.19 20.01
N ALA B 244 2.59 23.23 19.34
CA ALA B 244 1.34 22.67 19.85
C ALA B 244 1.57 21.84 21.11
N ALA B 245 2.76 21.25 21.23
CA ALA B 245 3.15 20.48 22.39
C ALA B 245 3.87 21.32 23.45
N GLY B 246 3.90 22.65 23.28
CA GLY B 246 4.46 23.53 24.28
C GLY B 246 5.98 23.65 24.30
N TRP B 247 6.67 23.24 23.22
CA TRP B 247 8.12 23.42 23.10
C TRP B 247 8.49 24.80 22.55
N LEU B 248 7.50 25.54 22.09
CA LEU B 248 7.61 26.86 21.50
C LEU B 248 6.41 27.66 21.99
N GLY B 249 6.44 28.96 21.79
CA GLY B 249 5.30 29.79 22.13
C GLY B 249 5.56 30.71 23.32
N ASP B 250 4.49 31.06 24.04
CA ASP B 250 4.60 32.02 25.13
C ASP B 250 4.73 31.40 26.52
N ASP B 251 4.67 30.06 26.64
CA ASP B 251 4.80 29.41 27.96
C ASP B 251 5.48 28.04 27.77
N ILE B 252 6.74 28.07 27.30
CA ILE B 252 7.44 26.86 26.90
C ILE B 252 7.56 25.92 28.08
N ARG B 253 6.89 24.76 27.97
CA ARG B 253 6.86 23.74 29.01
C ARG B 253 6.47 24.33 30.37
N GLY B 254 5.56 25.32 30.34
CA GLY B 254 5.14 25.94 31.58
C GLY B 254 6.22 26.70 32.32
N SER B 255 7.31 27.10 31.64
CA SER B 255 8.41 27.82 32.27
C SER B 255 8.19 29.32 32.28
N GLY B 256 7.23 29.84 31.52
CA GLY B 256 7.10 31.26 31.34
C GLY B 256 8.06 31.87 30.34
N LYS B 257 9.02 31.11 29.85
CA LYS B 257 9.89 31.58 28.80
C LYS B 257 9.16 31.56 27.46
N ARG B 258 9.47 32.53 26.61
CA ARG B 258 8.78 32.71 25.34
C ARG B 258 9.77 32.69 24.19
N PHE B 259 9.42 31.99 23.11
CA PHE B 259 10.24 31.98 21.90
C PHE B 259 9.37 31.62 20.72
N HIS B 260 9.38 32.46 19.70
CA HIS B 260 8.57 32.21 18.50
C HIS B 260 9.50 32.07 17.30
N LEU B 261 9.16 31.16 16.39
CA LEU B 261 10.05 30.79 15.30
C LEU B 261 9.29 30.76 13.98
N GLU B 262 9.89 31.33 12.93
CA GLU B 262 9.28 31.20 11.62
C GLU B 262 10.36 31.02 10.57
N VAL B 263 9.98 30.35 9.47
CA VAL B 263 10.90 30.11 8.37
C VAL B 263 10.71 31.19 7.34
N ARG B 264 11.83 31.67 6.79
CA ARG B 264 11.86 32.58 5.66
C ARG B 264 12.58 31.91 4.51
N LYS B 265 12.01 32.02 3.32
CA LYS B 265 12.56 31.42 2.12
C LYS B 265 13.46 32.42 1.41
N GLY B 266 14.68 31.99 1.08
CA GLY B 266 15.57 32.78 0.28
C GLY B 266 15.08 32.85 -1.15
N ALA B 267 15.91 33.45 -2.02
CA ALA B 267 15.45 33.69 -3.39
C ALA B 267 16.55 33.54 -4.43
N GLY B 268 17.48 32.60 -4.23
CA GLY B 268 18.41 32.27 -5.29
C GLY B 268 19.67 33.09 -5.35
N ALA B 269 20.02 33.81 -4.29
CA ALA B 269 21.27 34.58 -4.23
C ALA B 269 22.23 33.89 -3.28
N TYR B 270 23.32 33.33 -3.84
CA TYR B 270 24.37 32.75 -2.99
C TYR B 270 24.88 33.75 -1.95
N VAL B 271 25.01 35.04 -2.31
CA VAL B 271 25.59 36.01 -1.39
C VAL B 271 24.69 36.28 -0.18
N CYS B 272 23.42 35.84 -0.21
CA CYS B 272 22.59 35.95 0.99
C CYS B 272 22.98 34.92 2.06
N GLY B 273 23.90 34.01 1.74
CA GLY B 273 24.56 33.29 2.82
C GLY B 273 25.46 34.16 3.67
N GLU B 274 25.91 35.31 3.14
CA GLU B 274 26.73 36.23 3.91
C GLU B 274 25.87 36.89 4.97
N GLU B 275 26.36 36.90 6.22
CA GLU B 275 25.49 37.20 7.37
C GLU B 275 24.76 38.54 7.25
N THR B 276 25.43 39.60 6.75
CA THR B 276 24.67 40.86 6.70
C THR B 276 23.82 40.97 5.43
N ALA B 277 24.25 40.38 4.33
CA ALA B 277 23.37 40.32 3.18
C ALA B 277 22.10 39.55 3.52
N LEU B 278 22.25 38.48 4.33
CA LEU B 278 21.10 37.75 4.83
C LEU B 278 20.15 38.67 5.59
N LEU B 279 20.68 39.47 6.52
CA LEU B 279 19.84 40.37 7.28
C LEU B 279 19.11 41.34 6.36
N GLU B 280 19.81 41.88 5.37
CA GLU B 280 19.15 42.74 4.38
C GLU B 280 17.99 42.01 3.72
N SER B 281 18.19 40.74 3.37
CA SER B 281 17.16 39.95 2.70
C SER B 281 15.95 39.79 3.61
N LEU B 282 16.17 39.38 4.85
CA LEU B 282 15.10 39.25 5.83
C LEU B 282 14.27 40.52 5.95
N GLU B 283 14.90 41.67 5.82
CA GLU B 283 14.24 42.95 5.95
C GLU B 283 13.56 43.38 4.65
N GLY B 284 13.52 42.52 3.65
CA GLY B 284 12.82 42.84 2.43
C GLY B 284 13.62 43.62 1.41
N ARG B 285 14.95 43.62 1.52
CA ARG B 285 15.79 44.40 0.63
C ARG B 285 16.66 43.50 -0.22
N ARG B 286 17.31 44.11 -1.21
CA ARG B 286 18.33 43.40 -1.97
C ARG B 286 19.43 42.92 -1.03
N GLY B 287 19.98 41.75 -1.32
CA GLY B 287 20.98 41.15 -0.46
C GLY B 287 22.38 41.71 -0.63
N VAL B 288 22.54 43.01 -0.34
CA VAL B 288 23.82 43.69 -0.46
C VAL B 288 24.53 43.65 0.90
N VAL B 289 25.79 43.20 0.90
CA VAL B 289 26.55 43.13 2.17
C VAL B 289 26.59 44.50 2.87
N ARG B 290 26.33 44.54 4.16
CA ARG B 290 26.39 45.80 4.91
C ARG B 290 27.83 46.07 5.29
N ALA B 291 28.19 47.33 5.44
CA ALA B 291 29.52 47.69 5.92
C ALA B 291 29.53 47.41 7.41
N LYS B 292 30.70 47.21 7.98
CA LYS B 292 30.75 46.94 9.42
C LYS B 292 31.40 48.03 10.29
N PRO B 293 30.71 49.16 10.56
CA PRO B 293 31.08 50.02 11.66
C PRO B 293 30.22 49.50 12.81
N PRO B 294 29.07 48.83 12.55
CA PRO B 294 28.30 48.13 13.54
C PRO B 294 28.50 46.62 13.32
N LEU B 295 28.87 45.92 14.36
CA LEU B 295 28.95 44.46 14.24
C LEU B 295 27.51 43.97 14.36
N PRO B 296 27.03 43.03 13.52
CA PRO B 296 25.65 42.54 13.56
C PRO B 296 25.16 41.99 14.90
N ALA B 297 26.04 41.42 15.71
CA ALA B 297 25.69 40.90 17.03
C ALA B 297 25.16 42.03 17.91
N LEU B 298 25.51 43.27 17.61
CA LEU B 298 25.03 44.40 18.40
C LEU B 298 23.86 45.12 17.74
N GLN B 299 23.93 45.33 16.42
CA GLN B 299 22.89 45.99 15.64
C GLN B 299 22.71 45.13 14.40
N GLY B 300 21.81 44.18 14.47
CA GLY B 300 21.66 43.25 13.37
C GLY B 300 20.33 43.41 12.68
N LEU B 301 19.45 42.43 12.90
CA LEU B 301 18.13 42.46 12.29
C LEU B 301 17.35 43.64 12.84
N PHE B 302 16.92 44.55 11.96
CA PHE B 302 16.25 45.79 12.36
C PHE B 302 17.04 46.55 13.42
N GLY B 303 18.36 46.51 13.30
CA GLY B 303 19.19 47.22 14.25
C GLY B 303 19.25 46.60 15.63
N LYS B 304 18.65 45.40 15.82
CA LYS B 304 18.63 44.80 17.14
C LYS B 304 19.82 43.87 17.34
N PRO B 305 20.19 43.63 18.59
CA PRO B 305 21.20 42.59 18.85
C PRO B 305 20.70 41.25 18.34
N THR B 306 21.55 40.56 17.62
CA THR B 306 21.17 39.41 16.81
C THR B 306 22.25 38.35 16.91
N VAL B 307 21.85 37.13 17.29
CA VAL B 307 22.70 35.97 17.09
C VAL B 307 22.49 35.50 15.66
N ILE B 308 23.57 35.42 14.88
CA ILE B 308 23.52 34.82 13.56
C ILE B 308 24.41 33.58 13.59
N ASN B 309 23.81 32.40 13.43
CA ASN B 309 24.60 31.18 13.41
C ASN B 309 24.09 30.26 12.30
N ASN B 310 25.01 29.43 11.84
CA ASN B 310 24.78 28.41 10.86
C ASN B 310 23.96 27.26 11.47
N VAL B 311 23.28 26.50 10.60
CA VAL B 311 22.41 25.40 11.06
C VAL B 311 23.16 24.44 11.97
N ILE B 312 24.36 24.01 11.55
CA ILE B 312 25.12 23.04 12.33
C ILE B 312 25.58 23.64 13.65
N SER B 313 26.03 24.91 13.65
CA SER B 313 26.40 25.53 14.92
C SER B 313 25.22 25.51 15.89
N LEU B 314 24.04 25.94 15.44
CA LEU B 314 22.89 25.91 16.33
C LEU B 314 22.47 24.47 16.64
N ALA B 315 22.53 23.58 15.66
CA ALA B 315 22.15 22.18 15.86
C ALA B 315 23.04 21.44 16.86
N THR B 316 24.23 21.97 17.15
CA THR B 316 25.14 21.33 18.09
C THR B 316 24.92 21.81 19.53
N VAL B 317 24.18 22.90 19.73
CA VAL B 317 23.95 23.40 21.09
C VAL B 317 23.26 22.37 21.97
N PRO B 318 22.22 21.63 21.53
CA PRO B 318 21.58 20.66 22.45
C PRO B 318 22.54 19.61 22.99
N VAL B 319 23.31 18.94 22.14
CA VAL B 319 24.22 17.96 22.72
C VAL B 319 25.23 18.63 23.65
N ILE B 320 25.64 19.87 23.35
CA ILE B 320 26.54 20.57 24.26
C ILE B 320 25.88 20.80 25.61
N LEU B 321 24.61 21.19 25.62
CA LEU B 321 23.90 21.34 26.90
C LEU B 321 23.60 19.99 27.52
N ALA B 322 23.16 19.02 26.72
CA ALA B 322 22.74 17.75 27.27
C ALA B 322 23.92 16.98 27.85
N ARG B 323 25.07 17.00 27.18
CA ARG B 323 26.20 16.21 27.67
C ARG B 323 27.28 17.05 28.34
N GLY B 324 27.26 18.37 28.17
CA GLY B 324 28.23 19.15 28.90
C GLY B 324 29.36 19.63 28.01
N ALA B 325 29.88 20.81 28.34
CA ALA B 325 30.94 21.41 27.53
C ALA B 325 32.17 20.50 27.44
N GLN B 326 32.56 19.89 28.57
CA GLN B 326 33.85 19.18 28.60
C GLN B 326 33.79 17.93 27.76
N TYR B 327 32.67 17.22 27.80
CA TYR B 327 32.44 16.12 26.87
C TYR B 327 32.61 16.58 25.43
N TYR B 328 32.02 17.72 25.07
CA TYR B 328 32.13 18.20 23.70
C TYR B 328 33.57 18.62 23.40
N ARG B 329 34.19 19.37 24.32
CA ARG B 329 35.50 19.95 24.10
C ARG B 329 36.60 18.90 23.97
N ASP B 330 36.41 17.71 24.53
CA ASP B 330 37.47 16.71 24.48
C ASP B 330 37.71 16.19 23.06
N TYR B 331 36.69 16.24 22.21
CA TYR B 331 36.86 15.86 20.81
C TYR B 331 37.60 16.94 20.04
N GLY B 332 38.34 16.51 19.03
CA GLY B 332 39.04 17.40 18.14
C GLY B 332 40.51 17.53 18.49
N MET B 333 41.11 18.62 17.99
CA MET B 333 42.52 18.91 18.22
C MET B 333 42.72 20.42 18.14
N GLY B 334 43.81 20.90 18.73
CA GLY B 334 44.11 22.33 18.74
C GLY B 334 42.96 23.18 19.25
N ARG B 335 42.59 24.18 18.45
CA ARG B 335 41.44 25.01 18.73
C ARG B 335 40.21 24.58 17.94
N SER B 336 40.29 23.49 17.17
CA SER B 336 39.10 22.97 16.47
C SER B 336 38.46 21.89 17.33
N ARG B 337 37.65 22.33 18.28
CA ARG B 337 37.07 21.38 19.21
C ARG B 337 35.74 20.84 18.68
N GLY B 338 35.38 19.63 19.16
CA GLY B 338 34.14 18.98 18.80
C GLY B 338 34.26 18.17 17.53
N THR B 339 33.14 18.00 16.84
CA THR B 339 33.13 17.27 15.60
C THR B 339 32.57 18.14 14.48
N LEU B 340 32.76 17.66 13.25
CA LEU B 340 32.14 18.28 12.10
C LEU B 340 31.45 17.23 11.24
N PRO B 341 30.23 17.52 10.79
CA PRO B 341 29.60 16.66 9.78
C PRO B 341 30.26 16.88 8.43
N PHE B 342 31.26 16.06 8.10
CA PHE B 342 31.86 16.22 6.78
C PHE B 342 30.95 15.62 5.72
N GLN B 343 30.99 16.20 4.53
CA GLN B 343 30.08 15.84 3.44
C GLN B 343 30.91 15.39 2.25
N LEU B 344 30.87 14.09 1.95
CA LEU B 344 31.63 13.55 0.83
C LEU B 344 30.79 13.66 -0.42
N ALA B 345 31.32 14.33 -1.44
CA ALA B 345 30.50 14.71 -2.57
C ALA B 345 31.30 14.65 -3.86
N GLY B 346 30.59 14.74 -4.97
CA GLY B 346 31.22 14.78 -6.27
C GLY B 346 31.50 13.41 -6.81
N ASN B 347 32.68 13.23 -7.41
CA ASN B 347 33.08 11.97 -8.04
C ASN B 347 33.65 11.06 -6.95
N ILE B 348 32.72 10.48 -6.19
CA ILE B 348 33.03 9.74 -4.97
C ILE B 348 32.18 8.47 -4.96
N LYS B 349 32.80 7.32 -4.70
CA LYS B 349 32.05 6.07 -4.78
C LYS B 349 31.00 5.96 -3.67
N GLN B 350 31.36 6.31 -2.45
CA GLN B 350 30.50 6.19 -1.27
C GLN B 350 30.40 7.56 -0.63
N GLY B 351 29.53 8.40 -1.22
CA GLY B 351 29.32 9.74 -0.73
C GLY B 351 28.26 9.82 0.35
N GLY B 352 28.27 10.94 1.07
CA GLY B 352 27.34 11.14 2.17
C GLY B 352 27.96 11.86 3.35
N LEU B 353 27.42 11.58 4.53
CA LEU B 353 27.66 12.39 5.72
C LEU B 353 28.59 11.61 6.63
N VAL B 354 29.78 12.17 6.91
CA VAL B 354 30.71 11.54 7.83
C VAL B 354 31.04 12.56 8.91
N GLU B 355 30.43 12.41 10.09
CA GLU B 355 30.73 13.26 11.22
C GLU B 355 31.89 12.65 11.99
N LYS B 356 32.99 13.40 12.08
CA LYS B 356 34.16 12.95 12.79
C LYS B 356 34.80 14.12 13.53
N ALA B 357 35.50 13.79 14.62
CA ALA B 357 36.31 14.76 15.32
C ALA B 357 37.32 15.40 14.37
N PHE B 358 37.50 16.71 14.50
CA PHE B 358 38.60 17.39 13.83
C PHE B 358 39.90 16.64 14.02
N GLY B 359 40.73 16.61 12.99
CA GLY B 359 41.99 15.91 13.03
C GLY B 359 42.03 14.73 12.07
N VAL B 360 40.86 14.21 11.69
CA VAL B 360 40.81 13.29 10.56
C VAL B 360 41.43 14.02 9.39
N THR B 361 42.13 13.28 8.54
CA THR B 361 42.76 13.83 7.34
C THR B 361 41.85 13.61 6.14
N LEU B 362 41.97 14.48 5.14
CA LEU B 362 41.25 14.27 3.89
C LEU B 362 41.44 12.85 3.35
N ARG B 363 42.69 12.35 3.34
CA ARG B 363 42.93 11.04 2.74
C ARG B 363 42.14 9.94 3.46
N GLU B 364 42.08 9.97 4.80
CA GLU B 364 41.27 9.00 5.51
C GLU B 364 39.83 9.02 5.01
N LEU B 365 39.28 10.23 4.85
CA LEU B 365 37.91 10.39 4.39
C LEU B 365 37.74 9.89 2.96
N LEU B 366 38.67 10.25 2.07
CA LEU B 366 38.58 9.87 0.66
C LEU B 366 38.67 8.36 0.48
N VAL B 367 39.62 7.71 1.15
CA VAL B 367 39.86 6.29 0.90
C VAL B 367 39.09 5.41 1.88
N ASP B 368 39.08 5.72 3.18
CA ASP B 368 38.46 4.81 4.14
C ASP B 368 36.94 4.94 4.18
N TYR B 369 36.40 6.13 3.88
CA TYR B 369 34.95 6.32 3.83
C TYR B 369 34.45 6.42 2.40
N GLY B 370 35.04 7.29 1.57
CA GLY B 370 34.50 7.50 0.23
C GLY B 370 34.72 6.36 -0.74
N GLY B 371 35.77 5.56 -0.51
CA GLY B 371 36.10 4.44 -1.38
C GLY B 371 36.72 4.81 -2.72
N GLY B 372 37.33 5.98 -2.83
CA GLY B 372 37.83 6.41 -4.13
C GLY B 372 36.76 7.11 -4.96
N THR B 373 37.03 7.25 -6.25
CA THR B 373 36.12 7.97 -7.12
C THR B 373 34.98 7.07 -7.56
N ARG B 374 33.93 7.72 -8.07
CA ARG B 374 32.83 6.97 -8.69
C ARG B 374 33.24 6.44 -10.05
N SER B 375 34.02 7.20 -10.81
CA SER B 375 34.45 6.72 -12.12
C SER B 375 35.40 5.54 -12.01
N GLY B 376 36.08 5.42 -10.87
CA GLY B 376 37.12 4.44 -10.70
C GLY B 376 38.50 4.95 -11.07
N ARG B 377 38.59 6.17 -11.59
CA ARG B 377 39.87 6.76 -11.96
C ARG B 377 40.49 7.44 -10.75
N ALA B 378 41.76 7.80 -10.90
CA ALA B 378 42.52 8.47 -9.85
C ALA B 378 41.92 9.85 -9.54
N ILE B 379 41.90 10.18 -8.25
CA ILE B 379 41.56 11.53 -7.82
C ILE B 379 42.66 12.48 -8.28
N ARG B 380 42.26 13.63 -8.78
CA ARG B 380 43.24 14.61 -9.22
C ARG B 380 43.21 15.89 -8.40
N ALA B 381 42.03 16.31 -7.96
CA ALA B 381 41.81 17.55 -7.22
C ALA B 381 40.57 17.42 -6.36
N VAL B 382 40.62 18.02 -5.18
CA VAL B 382 39.49 18.01 -4.26
C VAL B 382 39.32 19.43 -3.74
N GLN B 383 38.15 20.01 -3.97
CA GLN B 383 37.84 21.34 -3.45
C GLN B 383 37.17 21.14 -2.09
N VAL B 384 37.75 21.71 -1.05
CA VAL B 384 37.24 21.59 0.31
C VAL B 384 36.78 22.97 0.72
N GLY B 385 35.61 23.02 1.37
CA GLY B 385 35.07 24.26 1.87
C GLY B 385 34.16 25.00 0.93
N GLY B 386 33.80 24.42 -0.22
CA GLY B 386 32.84 25.04 -1.11
C GLY B 386 33.46 25.76 -2.28
N PRO B 387 32.65 26.47 -3.06
CA PRO B 387 33.18 27.15 -4.24
C PRO B 387 34.24 28.18 -3.92
N LEU B 388 34.29 28.72 -2.70
CA LEU B 388 35.37 29.62 -2.31
C LEU B 388 36.58 28.87 -1.75
N GLY B 389 36.51 27.55 -1.62
CA GLY B 389 37.65 26.83 -1.11
C GLY B 389 38.71 26.63 -2.16
N ALA B 390 39.93 26.35 -1.69
CA ALA B 390 41.00 25.97 -2.60
C ALA B 390 40.84 24.51 -2.99
N TYR B 391 41.27 24.19 -4.21
CA TYR B 391 41.50 22.80 -4.60
C TYR B 391 42.73 22.27 -3.89
N LEU B 392 42.64 21.08 -3.33
CA LEU B 392 43.81 20.45 -2.75
C LEU B 392 44.35 19.41 -3.71
N PRO B 393 45.64 19.38 -3.99
CA PRO B 393 46.20 18.22 -4.70
C PRO B 393 46.45 17.11 -3.69
N GLU B 394 46.79 15.94 -4.24
CA GLU B 394 47.11 14.76 -3.43
C GLU B 394 48.12 15.06 -2.33
N SER B 395 49.09 15.95 -2.60
CA SER B 395 50.11 16.17 -1.57
C SER B 395 49.53 16.85 -0.32
N ARG B 396 48.37 17.47 -0.40
CA ARG B 396 47.76 18.04 0.80
C ARG B 396 46.84 17.07 1.53
N PHE B 397 46.66 15.83 1.03
CA PHE B 397 45.61 14.98 1.62
C PHE B 397 45.94 14.53 3.02
N ASP B 398 47.13 14.81 3.54
CA ASP B 398 47.49 14.31 4.85
C ASP B 398 47.48 15.40 5.92
N VAL B 399 47.22 16.64 5.53
CA VAL B 399 47.03 17.71 6.51
C VAL B 399 45.77 17.44 7.33
N PRO B 400 45.82 17.52 8.66
CA PRO B 400 44.62 17.29 9.46
C PRO B 400 43.56 18.31 9.13
N LEU B 401 42.32 17.85 9.08
CA LEU B 401 41.20 18.75 8.87
C LEU B 401 40.99 19.50 10.17
N ASP B 402 41.45 20.75 10.20
CA ASP B 402 41.53 21.54 11.41
C ASP B 402 41.59 22.97 10.89
N TYR B 403 40.79 23.86 11.48
CA TYR B 403 40.71 25.21 10.94
C TYR B 403 42.09 25.86 10.79
N GLU B 404 42.97 25.70 11.78
CA GLU B 404 44.28 26.37 11.70
C GLU B 404 45.20 25.68 10.70
N ALA B 405 45.26 24.35 10.71
CA ALA B 405 46.21 23.69 9.81
C ALA B 405 45.78 23.87 8.35
N TYR B 406 44.48 23.94 8.08
CA TYR B 406 44.06 24.22 6.70
C TYR B 406 44.41 25.65 6.31
N ALA B 407 44.03 26.64 7.13
CA ALA B 407 44.34 28.04 6.84
C ALA B 407 45.83 28.28 6.59
N ALA B 408 46.70 27.50 7.24
CA ALA B 408 48.14 27.78 7.15
C ALA B 408 48.65 27.61 5.73
N PHE B 409 48.22 26.56 5.04
CA PHE B 409 48.66 26.29 3.68
C PHE B 409 47.71 26.85 2.64
N GLY B 410 46.67 27.55 3.06
CA GLY B 410 45.74 28.11 2.10
C GLY B 410 44.53 27.25 1.83
N GLY B 411 44.34 26.18 2.60
CA GLY B 411 43.12 25.42 2.50
C GLY B 411 41.98 26.01 3.32
N VAL B 412 40.77 25.62 2.98
CA VAL B 412 39.55 26.13 3.61
C VAL B 412 38.76 24.92 4.08
N VAL B 413 38.59 24.77 5.40
CA VAL B 413 37.68 23.73 5.88
C VAL B 413 36.24 24.11 5.53
N GLY B 414 35.91 25.39 5.74
CA GLY B 414 34.58 25.89 5.47
C GLY B 414 33.58 25.09 6.28
N HIS B 415 32.49 24.72 5.62
CA HIS B 415 31.41 23.92 6.18
C HIS B 415 31.74 22.44 6.23
N GLY B 416 32.89 22.03 5.68
CA GLY B 416 33.24 20.62 5.66
C GLY B 416 32.82 19.87 4.40
N GLY B 417 32.41 20.57 3.35
CA GLY B 417 32.06 19.89 2.12
C GLY B 417 33.31 19.52 1.34
N ILE B 418 33.26 18.37 0.68
CA ILE B 418 34.42 17.83 -0.01
C ILE B 418 33.95 17.34 -1.37
N VAL B 419 34.45 17.98 -2.43
CA VAL B 419 34.02 17.71 -3.81
C VAL B 419 35.22 17.15 -4.57
N VAL B 420 35.10 15.89 -4.99
CA VAL B 420 36.18 15.09 -5.57
C VAL B 420 36.12 15.20 -7.09
N PHE B 421 37.26 15.49 -7.71
CA PHE B 421 37.38 15.46 -9.17
C PHE B 421 38.43 14.43 -9.56
N ASP B 422 38.06 13.56 -10.50
CA ASP B 422 39.02 12.58 -11.00
C ASP B 422 39.89 13.21 -12.08
N GLU B 423 40.77 12.40 -12.68
CA GLU B 423 41.84 12.88 -13.56
C GLU B 423 41.35 13.51 -14.85
N THR B 424 40.06 13.40 -15.18
CA THR B 424 39.48 14.06 -16.36
C THR B 424 39.26 15.55 -16.15
N VAL B 425 39.36 16.04 -14.91
CA VAL B 425 39.01 17.42 -14.64
C VAL B 425 39.91 18.33 -15.45
N ASP B 426 39.33 19.37 -16.02
CA ASP B 426 40.08 20.42 -16.70
C ASP B 426 40.15 21.61 -15.75
N MET B 427 41.35 21.87 -15.22
CA MET B 427 41.46 22.88 -14.18
C MET B 427 41.35 24.30 -14.71
N ALA B 428 41.59 24.52 -16.01
CA ALA B 428 41.36 25.84 -16.58
C ALA B 428 39.88 26.18 -16.59
N LYS B 429 39.04 25.19 -16.92
CA LYS B 429 37.60 25.37 -16.89
C LYS B 429 37.09 25.55 -15.47
N GLN B 430 37.66 24.83 -14.50
CA GLN B 430 37.29 25.11 -13.10
C GLN B 430 37.60 26.56 -12.77
N ALA B 431 38.76 27.04 -13.17
CA ALA B 431 39.12 28.43 -12.91
C ALA B 431 38.12 29.38 -13.56
N ARG B 432 37.77 29.13 -14.84
CA ARG B 432 36.75 29.91 -15.51
C ARG B 432 35.45 29.94 -14.72
N TYR B 433 35.01 28.76 -14.28
CA TYR B 433 33.74 28.68 -13.57
C TYR B 433 33.77 29.47 -12.28
N ALA B 434 34.91 29.42 -11.56
CA ALA B 434 35.01 30.21 -10.34
C ALA B 434 34.79 31.69 -10.63
N MET B 435 35.43 32.20 -11.69
CA MET B 435 35.18 33.58 -12.09
C MET B 435 33.73 33.77 -12.54
N GLU B 436 33.19 32.82 -13.31
CA GLU B 436 31.80 32.94 -13.79
C GLU B 436 30.83 32.94 -12.62
N PHE B 437 30.99 31.98 -11.69
CA PHE B 437 30.15 31.94 -10.49
C PHE B 437 30.20 33.25 -9.73
N CYS B 438 31.37 33.91 -9.69
CA CYS B 438 31.44 35.19 -8.98
C CYS B 438 30.62 36.26 -9.70
N ALA B 439 30.72 36.31 -11.03
CA ALA B 439 29.96 37.29 -11.79
C ALA B 439 28.46 37.09 -11.60
N ILE B 440 28.03 35.83 -11.52
CA ILE B 440 26.61 35.53 -11.34
C ILE B 440 26.13 36.01 -9.98
N GLU B 441 26.87 35.74 -8.92
CA GLU B 441 26.34 35.95 -7.57
C GLU B 441 26.73 37.27 -6.93
N SER B 442 27.66 38.04 -7.52
CA SER B 442 28.15 39.28 -6.91
C SER B 442 26.97 40.15 -6.47
N CYS B 443 26.93 40.52 -5.19
CA CYS B 443 25.92 41.50 -4.79
C CYS B 443 26.06 42.81 -5.55
N GLY B 444 27.22 43.13 -6.10
CA GLY B 444 27.37 44.33 -6.91
C GLY B 444 28.03 45.52 -6.25
N LYS B 445 28.39 45.41 -4.97
CA LYS B 445 28.94 46.56 -4.24
C LYS B 445 30.39 46.87 -4.65
N CYS B 446 31.15 45.88 -5.11
CA CYS B 446 32.60 46.00 -5.29
C CYS B 446 32.98 45.77 -6.75
N THR B 447 33.85 46.63 -7.28
CA THR B 447 34.12 46.55 -8.72
C THR B 447 34.86 45.29 -9.13
N PRO B 448 35.96 44.88 -8.49
CA PRO B 448 36.57 43.60 -8.90
C PRO B 448 35.60 42.42 -8.81
N CYS B 449 34.68 42.43 -7.83
CA CYS B 449 33.74 41.32 -7.73
C CYS B 449 32.67 41.39 -8.81
N ARG B 450 32.12 42.58 -9.06
CA ARG B 450 31.01 42.66 -10.00
C ARG B 450 31.51 42.52 -11.43
N ILE B 451 32.54 43.27 -11.82
CA ILE B 451 32.95 43.27 -13.21
C ILE B 451 34.31 42.62 -13.43
N GLY B 452 35.24 42.72 -12.48
CA GLY B 452 36.53 42.06 -12.65
C GLY B 452 36.36 40.57 -12.89
N SER B 453 35.34 39.97 -12.24
CA SER B 453 35.00 38.56 -12.43
C SER B 453 34.73 38.23 -13.90
N THR B 454 33.85 39.01 -14.54
CA THR B 454 33.52 38.76 -15.94
C THR B 454 34.77 38.91 -16.81
N ARG B 455 35.63 39.88 -16.51
CA ARG B 455 36.85 39.99 -17.30
C ARG B 455 37.74 38.77 -17.07
N GLY B 456 37.69 38.19 -15.87
CA GLY B 456 38.41 36.95 -15.63
C GLY B 456 37.87 35.80 -16.47
N VAL B 457 36.55 35.76 -16.66
CA VAL B 457 35.93 34.77 -17.54
C VAL B 457 36.49 34.92 -18.95
N GLU B 458 36.60 36.16 -19.44
CA GLU B 458 36.98 36.33 -20.83
C GLU B 458 38.48 36.10 -21.03
N VAL B 459 39.33 36.47 -20.06
CA VAL B 459 40.74 36.12 -20.19
C VAL B 459 40.91 34.61 -20.11
N MET B 460 40.16 33.96 -19.19
CA MET B 460 40.20 32.49 -19.11
C MET B 460 39.80 31.85 -20.43
N ASP B 461 38.73 32.35 -21.06
CA ASP B 461 38.35 31.85 -22.39
C ASP B 461 39.53 31.87 -23.35
N ARG B 462 40.26 32.98 -23.38
CA ARG B 462 41.43 33.08 -24.26
C ARG B 462 42.44 31.99 -23.94
N ILE B 463 42.60 31.67 -22.65
CA ILE B 463 43.48 30.57 -22.24
C ILE B 463 42.90 29.23 -22.67
N ILE B 464 41.58 29.03 -22.52
CA ILE B 464 40.97 27.74 -22.83
C ILE B 464 41.07 27.43 -24.33
N ALA B 465 41.01 28.45 -25.18
CA ALA B 465 41.23 28.28 -26.61
C ALA B 465 42.71 28.33 -27.00
N GLY B 466 43.61 28.30 -26.02
CA GLY B 466 45.02 28.23 -26.31
C GLY B 466 45.66 29.51 -26.80
N GLU B 467 45.04 30.66 -26.54
CA GLU B 467 45.57 31.95 -26.98
C GLU B 467 46.48 32.53 -25.90
N GLN B 468 47.75 32.75 -26.26
CA GLN B 468 48.73 33.48 -25.46
C GLN B 468 48.69 33.11 -23.97
N PRO B 469 48.94 31.85 -23.63
CA PRO B 469 48.69 31.42 -22.24
C PRO B 469 49.54 32.13 -21.20
N VAL B 470 50.82 32.36 -21.48
CA VAL B 470 51.69 32.98 -20.48
C VAL B 470 51.24 34.40 -20.21
N LYS B 471 50.81 35.12 -21.26
CA LYS B 471 50.36 36.49 -21.06
C LYS B 471 49.09 36.55 -20.23
N HIS B 472 48.11 35.73 -20.57
CA HIS B 472 46.79 35.91 -19.98
C HIS B 472 46.73 35.38 -18.56
N VAL B 473 47.57 34.40 -18.22
CA VAL B 473 47.65 33.94 -16.84
C VAL B 473 48.14 35.06 -15.92
N ALA B 474 49.16 35.80 -16.34
CA ALA B 474 49.54 37.00 -15.59
C ALA B 474 48.34 37.90 -15.38
N LEU B 475 47.53 38.11 -16.41
CA LEU B 475 46.33 38.93 -16.25
C LEU B 475 45.40 38.35 -15.19
N VAL B 476 45.26 37.03 -15.14
CA VAL B 476 44.36 36.45 -14.14
C VAL B 476 44.92 36.66 -12.74
N ARG B 477 46.24 36.60 -12.59
CA ARG B 477 46.83 36.73 -11.28
C ARG B 477 46.70 38.15 -10.74
N ASP B 478 47.01 39.17 -11.56
CA ASP B 478 46.74 40.55 -11.15
C ASP B 478 45.26 40.72 -10.79
N LEU B 479 44.37 40.16 -11.61
CA LEU B 479 42.95 40.27 -11.31
C LEU B 479 42.63 39.64 -9.95
N CYS B 480 43.27 38.50 -9.63
CA CYS B 480 43.01 37.86 -8.35
C CYS B 480 43.53 38.69 -7.20
N ASP B 481 44.71 39.29 -7.40
CA ASP B 481 45.26 40.17 -6.38
C ASP B 481 44.37 41.38 -6.21
N THR B 482 43.84 41.92 -7.31
CA THR B 482 42.82 42.95 -7.23
C THR B 482 41.62 42.50 -6.37
N MET B 483 41.19 41.25 -6.52
CA MET B 483 40.02 40.78 -5.77
C MET B 483 40.36 40.52 -4.31
N LEU B 484 41.55 39.98 -4.03
CA LEU B 484 41.93 39.78 -2.64
C LEU B 484 41.99 41.09 -1.86
N ASN B 485 42.26 42.21 -2.56
CA ASN B 485 42.58 43.48 -1.91
C ASN B 485 41.43 44.47 -1.91
N GLY B 486 40.38 44.20 -2.66
CA GLY B 486 39.28 45.13 -2.79
C GLY B 486 37.89 44.52 -2.77
N SER B 487 37.71 43.46 -1.98
CA SER B 487 36.40 42.84 -1.84
C SER B 487 35.88 43.06 -0.44
N LEU B 488 34.60 43.41 -0.32
CA LEU B 488 34.07 43.66 1.01
C LEU B 488 33.67 42.37 1.71
N CYS B 489 33.68 41.23 1.02
CA CYS B 489 33.34 39.97 1.67
C CYS B 489 34.01 38.82 0.91
N ALA B 490 33.97 37.64 1.53
CA ALA B 490 34.69 36.51 0.96
C ALA B 490 34.17 36.06 -0.40
N MET B 491 33.02 36.54 -0.86
CA MET B 491 32.61 36.18 -2.22
C MET B 491 33.62 36.71 -3.23
N GLY B 492 33.90 38.01 -3.17
CA GLY B 492 34.94 38.53 -4.00
C GLY B 492 36.32 38.14 -3.49
N GLY B 493 36.53 38.21 -2.18
CA GLY B 493 37.88 38.06 -1.66
C GLY B 493 38.41 36.65 -1.72
N MET B 494 37.53 35.65 -1.82
CA MET B 494 37.95 34.26 -1.88
C MET B 494 37.71 33.62 -3.24
N THR B 495 37.23 34.35 -4.23
CA THR B 495 37.22 33.82 -5.59
C THR B 495 38.62 33.45 -6.08
N PRO B 496 39.68 34.18 -5.74
CA PRO B 496 41.02 33.72 -6.13
C PRO B 496 41.41 32.36 -5.57
N TYR B 497 40.75 31.84 -4.51
CA TYR B 497 41.25 30.60 -3.92
C TYR B 497 41.08 29.41 -4.85
N PRO B 498 39.89 29.14 -5.43
CA PRO B 498 39.83 28.10 -6.47
C PRO B 498 40.71 28.43 -7.67
N VAL B 499 40.81 29.71 -8.03
CA VAL B 499 41.57 30.10 -9.21
C VAL B 499 43.08 29.96 -8.98
N LEU B 500 43.58 30.46 -7.85
CA LEU B 500 45.03 30.41 -7.70
C LEU B 500 45.54 29.01 -7.38
N SER B 501 44.74 28.19 -6.69
CA SER B 501 45.22 26.83 -6.42
C SER B 501 45.23 26.00 -7.69
N ALA B 502 44.20 26.14 -8.52
CA ALA B 502 44.21 25.48 -9.82
C ALA B 502 45.40 25.91 -10.66
N LEU B 503 45.69 27.20 -10.65
CA LEU B 503 46.78 27.73 -11.44
C LEU B 503 48.14 27.19 -10.94
N ASN B 504 48.35 27.26 -9.63
CA ASN B 504 49.62 26.85 -9.04
C ASN B 504 49.79 25.33 -9.05
N GLU B 505 48.71 24.57 -8.88
CA GLU B 505 48.86 23.12 -8.78
C GLU B 505 48.74 22.40 -10.12
N PHE B 506 48.13 23.02 -11.13
CA PHE B 506 47.90 22.36 -12.42
C PHE B 506 48.18 23.32 -13.58
N PRO B 507 49.39 23.91 -13.64
CA PRO B 507 49.66 24.89 -14.70
C PRO B 507 49.43 24.33 -16.09
N GLU B 508 49.69 23.03 -16.28
CA GLU B 508 49.62 22.42 -17.60
C GLU B 508 48.22 22.52 -18.22
N ASP B 509 47.18 22.52 -17.40
CA ASP B 509 45.84 22.73 -17.93
C ASP B 509 45.63 24.14 -18.48
N PHE B 510 46.54 25.07 -18.22
CA PHE B 510 46.46 26.42 -18.73
C PHE B 510 47.40 26.66 -19.91
N GLY B 511 48.11 25.62 -20.37
CA GLY B 511 49.05 25.75 -21.45
C GLY B 511 50.46 26.12 -21.06
N LEU B 512 50.77 26.10 -19.76
CA LEU B 512 52.10 26.41 -19.26
C LEU B 512 52.91 25.14 -19.05
N ALA B 513 54.24 25.30 -19.04
CA ALA B 513 55.16 24.19 -18.79
C ALA B 513 54.92 23.59 -17.40
N SER B 514 55.52 22.42 -17.18
CA SER B 514 55.30 21.69 -15.93
C SER B 514 55.96 22.38 -14.76
N ALA C 51 9.50 -33.62 -16.27
CA ALA C 51 8.67 -33.97 -17.42
C ALA C 51 7.29 -34.44 -16.97
N ASP C 52 6.34 -34.52 -17.90
CA ASP C 52 4.92 -34.66 -17.53
C ASP C 52 4.60 -36.07 -17.04
N ALA C 53 5.06 -37.11 -17.76
CA ALA C 53 4.73 -38.47 -17.37
C ALA C 53 5.42 -38.87 -16.08
N THR C 54 6.68 -38.48 -15.91
CA THR C 54 7.37 -38.76 -14.66
C THR C 54 6.68 -38.07 -13.50
N ARG C 55 6.23 -36.85 -13.73
CA ARG C 55 5.54 -36.03 -12.71
C ARG C 55 4.18 -36.66 -12.40
N ILE C 56 3.54 -37.22 -13.41
CA ILE C 56 2.26 -37.91 -13.18
C ILE C 56 2.46 -39.08 -12.22
N ALA C 57 3.52 -39.86 -12.42
CA ALA C 57 3.78 -41.01 -11.56
C ALA C 57 4.18 -40.58 -10.15
N ALA C 58 4.80 -39.40 -10.03
CA ALA C 58 5.10 -38.87 -8.70
C ALA C 58 3.83 -38.40 -8.02
N ILE C 59 2.95 -37.72 -8.77
CA ILE C 59 1.64 -37.35 -8.24
C ILE C 59 0.91 -38.59 -7.74
N VAL C 60 0.90 -39.65 -8.56
CA VAL C 60 0.20 -40.89 -8.21
C VAL C 60 0.85 -41.54 -6.99
N ALA C 61 2.20 -41.56 -6.96
CA ALA C 61 2.95 -42.22 -5.90
C ALA C 61 2.78 -41.55 -4.54
N ALA C 62 2.63 -40.22 -4.52
CA ALA C 62 2.42 -39.55 -3.23
C ALA C 62 1.04 -39.85 -2.67
N ARG C 63 0.07 -40.14 -3.54
CA ARG C 63 -1.31 -40.22 -3.11
C ARG C 63 -1.86 -41.62 -3.11
N GLN C 64 -1.06 -42.61 -3.48
CA GLN C 64 -1.62 -43.92 -3.84
C GLN C 64 -2.19 -44.69 -2.64
N ASP C 65 -1.85 -44.30 -1.42
CA ASP C 65 -2.41 -44.96 -0.24
C ASP C 65 -3.47 -44.11 0.47
N ILE C 66 -3.87 -43.01 -0.14
CA ILE C 66 -4.92 -42.14 0.41
C ILE C 66 -6.27 -42.84 0.27
N PRO C 67 -7.15 -42.81 1.28
CA PRO C 67 -8.48 -43.43 1.12
C PRO C 67 -9.27 -42.76 0.00
N GLY C 68 -9.66 -43.55 -1.01
CA GLY C 68 -10.34 -42.97 -2.17
C GLY C 68 -9.49 -41.99 -2.95
N ALA C 69 -8.26 -42.39 -3.30
CA ALA C 69 -7.28 -41.49 -3.89
C ALA C 69 -7.64 -40.99 -5.30
N LEU C 70 -8.50 -41.68 -6.05
CA LEU C 70 -8.62 -41.39 -7.48
C LEU C 70 -8.86 -39.90 -7.76
N LEU C 71 -9.91 -39.31 -7.15
CA LEU C 71 -10.25 -37.92 -7.51
C LEU C 71 -9.15 -36.95 -7.11
N PRO C 72 -8.63 -36.98 -5.88
CA PRO C 72 -7.46 -36.12 -5.58
C PRO C 72 -6.32 -36.28 -6.57
N ILE C 73 -6.03 -37.52 -6.99
CA ILE C 73 -5.00 -37.77 -7.99
C ILE C 73 -5.37 -37.11 -9.32
N LEU C 74 -6.63 -37.25 -9.74
CA LEU C 74 -7.08 -36.67 -11.00
C LEU C 74 -7.01 -35.15 -10.95
N HIS C 75 -7.35 -34.58 -9.80
CA HIS C 75 -7.27 -33.13 -9.65
C HIS C 75 -5.83 -32.66 -9.80
N GLU C 76 -4.90 -33.35 -9.15
CA GLU C 76 -3.51 -32.89 -9.18
C GLU C 76 -2.89 -33.07 -10.56
N ILE C 77 -3.25 -34.15 -11.25
CA ILE C 77 -2.77 -34.32 -12.62
C ILE C 77 -3.28 -33.19 -13.50
N GLN C 78 -4.61 -32.99 -13.50
CA GLN C 78 -5.21 -31.92 -14.30
C GLN C 78 -4.69 -30.55 -13.88
N ASP C 79 -4.61 -30.30 -12.56
CA ASP C 79 -4.04 -29.04 -12.07
C ASP C 79 -2.61 -28.83 -12.58
N THR C 80 -1.80 -29.88 -12.65
CA THR C 80 -0.43 -29.59 -13.04
C THR C 80 -0.15 -29.77 -14.52
N GLN C 81 -0.96 -30.57 -15.23
CA GLN C 81 -0.69 -30.83 -16.63
C GLN C 81 -1.69 -30.16 -17.58
N GLY C 82 -2.85 -29.76 -17.09
CA GLY C 82 -3.87 -29.12 -17.89
C GLY C 82 -5.03 -30.01 -18.28
N TYR C 83 -4.85 -31.31 -18.23
CA TYR C 83 -5.82 -32.32 -18.63
C TYR C 83 -5.31 -33.63 -18.04
N ILE C 84 -6.08 -34.70 -18.22
CA ILE C 84 -5.66 -36.03 -17.78
C ILE C 84 -5.36 -36.86 -19.02
N PRO C 85 -4.08 -37.15 -19.32
CA PRO C 85 -3.76 -37.93 -20.52
C PRO C 85 -4.26 -39.37 -20.42
N ASP C 86 -4.56 -39.96 -21.57
CA ASP C 86 -4.89 -41.40 -21.59
C ASP C 86 -3.78 -42.24 -20.99
N ALA C 87 -2.52 -41.94 -21.34
CA ALA C 87 -1.37 -42.69 -20.81
C ALA C 87 -1.31 -42.68 -19.29
N ALA C 88 -1.96 -41.71 -18.63
CA ALA C 88 -1.93 -41.71 -17.18
C ALA C 88 -2.82 -42.79 -16.61
N VAL C 89 -3.83 -43.22 -17.37
CA VAL C 89 -4.84 -44.14 -16.84
C VAL C 89 -4.23 -45.47 -16.42
N PRO C 90 -3.39 -46.14 -17.24
CA PRO C 90 -2.76 -47.39 -16.76
C PRO C 90 -1.92 -47.20 -15.51
N VAL C 91 -1.20 -46.08 -15.39
CA VAL C 91 -0.43 -45.82 -14.18
C VAL C 91 -1.37 -45.61 -12.99
N ILE C 92 -2.42 -44.81 -13.17
CA ILE C 92 -3.38 -44.61 -12.10
C ILE C 92 -4.03 -45.93 -11.71
N ALA C 93 -4.48 -46.69 -12.72
CA ALA C 93 -5.13 -47.96 -12.43
C ALA C 93 -4.20 -48.91 -11.68
N ARG C 94 -2.92 -48.99 -12.10
CA ARG C 94 -2.06 -50.02 -11.51
C ARG C 94 -1.72 -49.68 -10.06
N ALA C 95 -1.53 -48.40 -9.75
CA ALA C 95 -1.16 -48.02 -8.39
C ALA C 95 -2.33 -48.08 -7.42
N LEU C 96 -3.56 -48.02 -7.90
CA LEU C 96 -4.73 -48.03 -7.05
C LEU C 96 -5.46 -49.38 -7.03
N ASN C 97 -4.92 -50.44 -7.65
CA ASN C 97 -5.69 -51.67 -7.86
C ASN C 97 -7.03 -51.44 -8.53
N LEU C 98 -7.05 -50.68 -9.58
CA LEU C 98 -8.30 -50.46 -10.26
C LEU C 98 -8.16 -50.86 -11.71
N SER C 99 -9.29 -51.06 -12.35
CA SER C 99 -9.31 -51.41 -13.77
C SER C 99 -9.15 -50.16 -14.61
N ARG C 100 -8.61 -50.34 -15.82
CA ARG C 100 -8.52 -49.23 -16.75
C ARG C 100 -9.90 -48.65 -17.06
N ALA C 101 -10.88 -49.52 -17.31
CA ALA C 101 -12.24 -49.07 -17.60
C ALA C 101 -12.81 -48.29 -16.42
N GLU C 102 -12.63 -48.81 -15.20
CA GLU C 102 -13.04 -48.09 -14.00
C GLU C 102 -12.49 -46.66 -13.97
N VAL C 103 -11.16 -46.50 -14.12
CA VAL C 103 -10.56 -45.16 -14.02
C VAL C 103 -11.05 -44.26 -15.15
N HIS C 104 -11.11 -44.80 -16.38
CA HIS C 104 -11.72 -44.07 -17.50
C HIS C 104 -13.17 -43.70 -17.20
N GLY C 105 -13.93 -44.63 -16.63
CA GLY C 105 -15.33 -44.32 -16.31
C GLY C 105 -15.46 -43.14 -15.37
N VAL C 106 -14.52 -42.99 -14.43
CA VAL C 106 -14.60 -41.89 -13.49
C VAL C 106 -14.23 -40.57 -14.17
N ILE C 107 -13.24 -40.60 -15.05
CA ILE C 107 -12.81 -39.37 -15.72
C ILE C 107 -13.93 -38.81 -16.58
N THR C 108 -14.58 -39.69 -17.37
CA THR C 108 -15.67 -39.24 -18.24
C THR C 108 -16.93 -38.83 -17.46
N PHE C 109 -17.14 -39.39 -16.28
CA PHE C 109 -18.35 -39.05 -15.52
C PHE C 109 -18.34 -37.61 -15.05
N TYR C 110 -17.19 -37.11 -14.62
CA TYR C 110 -17.14 -35.85 -13.90
C TYR C 110 -16.77 -34.75 -14.87
N HIS C 111 -17.65 -33.76 -15.01
CA HIS C 111 -17.48 -32.75 -16.05
C HIS C 111 -16.22 -31.94 -15.86
N HIS C 112 -15.76 -31.76 -14.62
CA HIS C 112 -14.60 -30.90 -14.35
C HIS C 112 -13.37 -31.37 -15.10
N PHE C 113 -13.25 -32.68 -15.31
CA PHE C 113 -12.05 -33.31 -15.81
C PHE C 113 -12.00 -33.31 -17.33
N ARG C 114 -10.83 -33.00 -17.87
CA ARG C 114 -10.61 -32.94 -19.31
C ARG C 114 -9.61 -34.02 -19.71
N GLN C 115 -9.79 -34.53 -20.91
CA GLN C 115 -8.89 -35.57 -21.41
C GLN C 115 -8.07 -35.12 -22.60
N GLN C 116 -8.22 -33.86 -22.99
CA GLN C 116 -7.45 -33.19 -24.02
C GLN C 116 -7.18 -31.78 -23.52
N PRO C 117 -6.08 -31.16 -23.92
CA PRO C 117 -5.81 -29.80 -23.44
C PRO C 117 -6.91 -28.83 -23.87
N ALA C 118 -7.22 -27.88 -22.99
CA ALA C 118 -8.10 -26.80 -23.34
C ALA C 118 -7.29 -25.67 -23.98
N GLY C 119 -7.98 -24.58 -24.34
CA GLY C 119 -7.30 -23.37 -24.74
C GLY C 119 -6.56 -22.78 -23.55
N ARG C 120 -5.90 -21.65 -23.81
CA ARG C 120 -5.09 -21.05 -22.77
C ARG C 120 -5.95 -20.61 -21.59
N HIS C 121 -7.16 -20.12 -21.86
CA HIS C 121 -8.06 -19.74 -20.79
C HIS C 121 -9.42 -20.45 -20.91
N VAL C 122 -9.88 -21.00 -19.79
CA VAL C 122 -11.19 -21.61 -19.72
C VAL C 122 -12.12 -20.57 -19.09
N VAL C 123 -12.99 -20.01 -19.92
CA VAL C 123 -13.99 -19.04 -19.46
C VAL C 123 -15.29 -19.76 -19.13
N GLN C 124 -15.65 -19.71 -17.86
CA GLN C 124 -16.86 -20.34 -17.31
C GLN C 124 -18.00 -19.35 -17.13
N VAL C 125 -19.02 -19.49 -17.94
CA VAL C 125 -20.21 -18.64 -17.85
C VAL C 125 -21.26 -19.43 -17.08
N CYS C 126 -21.75 -18.84 -16.01
CA CYS C 126 -22.85 -19.45 -15.26
C CYS C 126 -24.13 -19.43 -16.08
N ARG C 127 -24.84 -20.55 -16.04
CA ARG C 127 -26.06 -20.78 -16.80
C ARG C 127 -27.22 -21.12 -15.87
N ALA C 128 -27.01 -21.02 -14.55
CA ALA C 128 -28.05 -21.44 -13.63
C ALA C 128 -29.04 -20.30 -13.38
N GLU C 129 -30.00 -20.57 -12.47
CA GLU C 129 -31.24 -19.81 -12.46
C GLU C 129 -31.03 -18.39 -11.98
N ALA C 130 -30.18 -18.18 -10.97
CA ALA C 130 -29.99 -16.82 -10.48
C ALA C 130 -29.42 -15.92 -11.57
N CYS C 131 -28.42 -16.41 -12.31
CA CYS C 131 -27.84 -15.58 -13.36
C CYS C 131 -28.74 -15.51 -14.59
N GLN C 132 -29.53 -16.56 -14.86
CA GLN C 132 -30.58 -16.44 -15.87
C GLN C 132 -31.46 -15.22 -15.64
N SER C 133 -31.92 -15.06 -14.40
CA SER C 133 -32.87 -14.01 -14.04
C SER C 133 -32.27 -12.61 -14.17
N VAL C 134 -30.95 -12.48 -14.29
CA VAL C 134 -30.35 -11.17 -14.55
C VAL C 134 -29.61 -11.17 -15.88
N GLY C 135 -30.02 -12.04 -16.81
CA GLY C 135 -29.59 -11.96 -18.19
C GLY C 135 -28.49 -12.90 -18.66
N ALA C 136 -28.26 -14.02 -17.96
CA ALA C 136 -27.17 -14.93 -18.33
C ALA C 136 -27.36 -15.56 -19.70
N GLU C 137 -28.60 -15.80 -20.14
CA GLU C 137 -28.77 -16.44 -21.44
C GLU C 137 -28.37 -15.50 -22.56
N ALA C 138 -28.76 -14.24 -22.45
CA ALA C 138 -28.27 -13.24 -23.39
C ALA C 138 -26.75 -13.15 -23.34
N LEU C 139 -26.16 -13.25 -22.14
CA LEU C 139 -24.71 -13.20 -22.02
C LEU C 139 -24.07 -14.40 -22.71
N ALA C 140 -24.69 -15.58 -22.55
CA ALA C 140 -24.18 -16.79 -23.20
C ALA C 140 -24.22 -16.66 -24.71
N GLU C 141 -25.32 -16.13 -25.26
CA GLU C 141 -25.41 -16.00 -26.71
C GLU C 141 -24.41 -14.97 -27.25
N HIS C 142 -24.14 -13.90 -26.49
CA HIS C 142 -23.14 -12.95 -26.93
C HIS C 142 -21.73 -13.56 -26.91
N ALA C 143 -21.45 -14.39 -25.89
CA ALA C 143 -20.12 -14.99 -25.78
C ALA C 143 -19.82 -15.87 -26.97
N GLN C 144 -20.81 -16.66 -27.41
CA GLN C 144 -20.62 -17.54 -28.56
C GLN C 144 -20.36 -16.72 -29.81
N ARG C 145 -21.14 -15.67 -30.04
CA ARG C 145 -20.90 -14.82 -31.20
C ARG C 145 -19.54 -14.14 -31.08
N ALA C 146 -19.26 -13.54 -29.92
CA ALA C 146 -18.00 -12.80 -29.78
C ALA C 146 -16.78 -13.72 -29.79
N LEU C 147 -16.94 -14.96 -29.34
CA LEU C 147 -15.82 -15.91 -29.34
C LEU C 147 -15.70 -16.70 -30.64
N GLY C 148 -16.82 -16.95 -31.31
CA GLY C 148 -16.81 -17.79 -32.50
C GLY C 148 -16.91 -19.27 -32.21
N CYS C 149 -17.30 -19.66 -31.01
CA CYS C 149 -17.35 -21.06 -30.64
C CYS C 149 -18.54 -21.29 -29.72
N GLY C 150 -19.10 -22.49 -29.79
CA GLY C 150 -20.13 -22.87 -28.85
C GLY C 150 -19.55 -23.21 -27.49
N PHE C 151 -20.45 -23.64 -26.60
CA PHE C 151 -20.03 -24.17 -25.31
C PHE C 151 -19.32 -25.51 -25.49
N HIS C 152 -18.43 -25.82 -24.53
CA HIS C 152 -17.57 -27.00 -24.59
C HIS C 152 -16.65 -26.98 -25.81
N GLU C 153 -16.32 -25.79 -26.29
CA GLU C 153 -15.50 -25.65 -27.48
C GLU C 153 -14.41 -24.61 -27.24
N THR C 154 -13.40 -24.65 -28.10
CA THR C 154 -12.26 -23.77 -28.01
C THR C 154 -12.20 -22.89 -29.25
N THR C 155 -11.82 -21.62 -29.08
CA THR C 155 -11.70 -20.71 -30.22
C THR C 155 -10.65 -21.20 -31.22
N ALA C 156 -10.80 -20.78 -32.47
CA ALA C 156 -9.89 -21.19 -33.53
C ALA C 156 -8.46 -20.70 -33.29
N ASP C 157 -8.27 -19.63 -32.52
CA ASP C 157 -6.95 -19.18 -32.15
C ASP C 157 -6.42 -19.85 -30.90
N GLY C 158 -7.18 -20.80 -30.34
CA GLY C 158 -6.81 -21.57 -29.18
C GLY C 158 -6.68 -20.82 -27.87
N GLN C 159 -7.09 -19.55 -27.80
CA GLN C 159 -6.84 -18.77 -26.60
C GLN C 159 -7.90 -18.98 -25.51
N VAL C 160 -9.13 -19.34 -25.89
CA VAL C 160 -10.23 -19.42 -24.93
C VAL C 160 -11.00 -20.70 -25.19
N THR C 161 -11.32 -21.43 -24.13
CA THR C 161 -12.30 -22.50 -24.17
C THR C 161 -13.53 -22.03 -23.40
N LEU C 162 -14.69 -22.15 -24.03
CA LEU C 162 -15.95 -21.66 -23.45
C LEU C 162 -16.67 -22.83 -22.79
N GLU C 163 -16.98 -22.69 -21.51
CA GLU C 163 -17.65 -23.73 -20.75
C GLU C 163 -18.84 -23.18 -19.99
N PRO C 164 -19.89 -23.97 -19.81
CA PRO C 164 -20.92 -23.60 -18.83
C PRO C 164 -20.48 -24.01 -17.44
N VAL C 165 -21.02 -23.32 -16.44
CA VAL C 165 -20.91 -23.74 -15.06
C VAL C 165 -22.28 -23.48 -14.45
N TYR C 166 -22.69 -24.35 -13.52
CA TYR C 166 -24.03 -24.28 -12.93
C TYR C 166 -23.88 -23.79 -11.50
N CYS C 167 -23.81 -22.47 -11.38
CA CYS C 167 -23.70 -21.69 -10.13
C CYS C 167 -22.27 -21.67 -9.58
N LEU C 168 -21.73 -20.46 -9.42
CA LEU C 168 -20.45 -20.17 -8.79
C LEU C 168 -20.64 -19.66 -7.37
N GLY C 169 -21.87 -19.69 -6.84
CA GLY C 169 -22.14 -19.13 -5.54
C GLY C 169 -22.01 -17.62 -5.50
N GLN C 170 -22.21 -16.96 -6.64
CA GLN C 170 -22.17 -15.51 -6.76
C GLN C 170 -23.54 -15.02 -7.18
N CYS C 171 -24.57 -15.75 -6.74
CA CYS C 171 -25.92 -15.61 -7.29
C CYS C 171 -26.52 -14.22 -7.05
N ALA C 172 -26.06 -13.49 -6.04
CA ALA C 172 -26.56 -12.13 -5.86
C ALA C 172 -25.86 -11.11 -6.74
N CYS C 173 -24.87 -11.54 -7.55
CA CYS C 173 -24.00 -10.62 -8.30
C CYS C 173 -23.88 -11.04 -9.76
N GLY C 174 -24.93 -11.67 -10.30
CA GLY C 174 -24.88 -12.25 -11.61
C GLY C 174 -25.15 -11.24 -12.69
N PRO C 175 -25.02 -11.67 -13.96
CA PRO C 175 -24.53 -12.97 -14.41
C PRO C 175 -23.05 -13.12 -14.06
N ALA C 176 -22.63 -14.29 -13.57
CA ALA C 176 -21.27 -14.52 -13.11
C ALA C 176 -20.42 -15.29 -14.12
N VAL C 177 -19.12 -14.99 -14.11
CA VAL C 177 -18.10 -15.62 -14.96
C VAL C 177 -16.89 -15.91 -14.09
N MET C 178 -16.29 -17.09 -14.28
CA MET C 178 -15.02 -17.44 -13.66
C MET C 178 -14.00 -17.83 -14.72
N VAL C 179 -12.79 -17.32 -14.57
CA VAL C 179 -11.65 -17.68 -15.40
C VAL C 179 -10.53 -18.13 -14.46
N GLY C 180 -10.15 -19.40 -14.56
CA GLY C 180 -9.31 -20.02 -13.56
C GLY C 180 -9.96 -19.98 -12.19
N GLU C 181 -9.50 -19.06 -11.36
CA GLU C 181 -10.12 -18.74 -10.09
C GLU C 181 -10.49 -17.28 -10.02
N GLN C 182 -10.51 -16.57 -11.15
CA GLN C 182 -10.88 -15.16 -11.17
C GLN C 182 -12.38 -15.08 -11.44
N LEU C 183 -13.11 -14.51 -10.49
CA LEU C 183 -14.54 -14.33 -10.61
C LEU C 183 -14.84 -12.95 -11.16
N HIS C 184 -15.92 -12.87 -11.94
CA HIS C 184 -16.44 -11.61 -12.46
C HIS C 184 -17.95 -11.59 -12.25
N GLY C 185 -18.46 -10.47 -11.71
CA GLY C 185 -19.87 -10.28 -11.47
C GLY C 185 -20.46 -9.22 -12.38
N TYR C 186 -21.80 -9.13 -12.35
CA TYR C 186 -22.58 -8.17 -13.13
C TYR C 186 -22.11 -8.13 -14.60
N VAL C 187 -21.92 -9.30 -15.18
CA VAL C 187 -21.26 -9.38 -16.47
C VAL C 187 -22.28 -9.20 -17.58
N ASP C 188 -22.11 -8.17 -18.38
CA ASP C 188 -22.88 -8.00 -19.60
C ASP C 188 -21.92 -8.11 -20.81
N ALA C 189 -22.43 -7.79 -21.99
CA ALA C 189 -21.62 -7.94 -23.20
C ALA C 189 -20.37 -7.06 -23.14
N ARG C 190 -20.52 -5.81 -22.68
CA ARG C 190 -19.37 -4.93 -22.63
C ARG C 190 -18.32 -5.44 -21.67
N ARG C 191 -18.73 -5.89 -20.48
CA ARG C 191 -17.74 -6.38 -19.51
C ARG C 191 -17.14 -7.70 -19.96
N PHE C 192 -17.94 -8.57 -20.60
CA PHE C 192 -17.41 -9.83 -21.08
C PHE C 192 -16.30 -9.61 -22.09
N ASP C 193 -16.58 -8.81 -23.13
CA ASP C 193 -15.57 -8.50 -24.13
C ASP C 193 -14.33 -7.89 -23.49
N ALA C 194 -14.52 -7.04 -22.48
CA ALA C 194 -13.37 -6.44 -21.80
C ALA C 194 -12.54 -7.50 -21.09
N LEU C 195 -13.20 -8.47 -20.43
CA LEU C 195 -12.42 -9.47 -19.73
C LEU C 195 -11.69 -10.41 -20.70
N VAL C 196 -12.31 -10.75 -21.83
CA VAL C 196 -11.61 -11.60 -22.79
C VAL C 196 -10.44 -10.85 -23.40
N ARG C 197 -10.63 -9.57 -23.72
CA ARG C 197 -9.50 -8.76 -24.19
C ARG C 197 -8.39 -8.79 -23.17
N SER C 198 -8.73 -8.59 -21.90
CA SER C 198 -7.74 -8.63 -20.83
C SER C 198 -7.02 -9.97 -20.81
N LEU C 199 -7.73 -11.05 -21.09
CA LEU C 199 -7.10 -12.36 -21.17
C LEU C 199 -6.06 -12.40 -22.30
N ARG C 200 -6.47 -12.02 -23.52
CA ARG C 200 -5.68 -12.31 -24.71
C ARG C 200 -4.33 -11.58 -24.69
N GLU C 201 -4.24 -10.48 -23.95
CA GLU C 201 -3.00 -9.74 -23.79
C GLU C 201 -2.28 -10.13 -22.50
N SER C 202 -2.46 -11.37 -22.05
CA SER C 202 -1.82 -11.88 -20.84
C SER C 202 -2.28 -11.12 -19.60
N MET D 1 2.66 10.76 18.80
CA MET D 1 2.10 9.50 19.23
C MET D 1 1.78 8.62 18.02
N ILE D 2 2.03 7.33 18.13
CA ILE D 2 1.80 6.38 17.05
C ILE D 2 0.31 6.09 16.95
N THR D 3 -0.36 6.64 15.94
CA THR D 3 -1.74 6.26 15.64
C THR D 3 -1.74 5.40 14.39
N ILE D 4 -2.41 4.26 14.48
CA ILE D 4 -2.56 3.31 13.39
C ILE D 4 -4.05 3.03 13.27
N THR D 5 -4.60 3.22 12.08
CA THR D 5 -6.04 3.07 11.85
C THR D 5 -6.34 1.68 11.32
N THR D 6 -7.29 1.00 11.97
CA THR D 6 -7.72 -0.30 11.47
C THR D 6 -8.78 -0.11 10.39
N ILE D 7 -8.55 -0.74 9.25
CA ILE D 7 -9.46 -0.68 8.10
C ILE D 7 -9.75 -2.11 7.69
N PHE D 8 -11.02 -2.42 7.43
CA PHE D 8 -11.45 -3.75 7.06
C PHE D 8 -11.87 -3.75 5.59
N VAL D 9 -11.29 -4.66 4.80
CA VAL D 9 -11.70 -4.89 3.43
C VAL D 9 -11.99 -6.38 3.26
N PRO D 10 -13.24 -6.77 2.93
CA PRO D 10 -13.57 -8.21 2.82
C PRO D 10 -12.67 -8.96 1.86
N ARG D 11 -12.49 -10.26 2.14
CA ARG D 11 -11.82 -11.18 1.24
C ARG D 11 -12.76 -12.30 0.79
N ASP D 12 -14.06 -12.20 1.07
CA ASP D 12 -15.03 -13.16 0.55
C ASP D 12 -15.01 -13.13 -0.97
N SER D 13 -15.14 -14.29 -1.60
CA SER D 13 -14.90 -14.35 -3.04
C SER D 13 -15.82 -13.39 -3.80
N THR D 14 -17.02 -13.12 -3.27
CA THR D 14 -17.88 -12.12 -3.90
C THR D 14 -17.28 -10.71 -3.79
N ALA D 15 -16.75 -10.34 -2.62
CA ALA D 15 -15.97 -9.11 -2.53
C ALA D 15 -14.82 -9.11 -3.52
N LEU D 16 -14.14 -10.25 -3.67
CA LEU D 16 -13.02 -10.35 -4.61
C LEU D 16 -13.48 -10.14 -6.05
N ALA D 17 -14.59 -10.76 -6.43
CA ALA D 17 -15.12 -10.55 -7.78
C ALA D 17 -15.40 -9.09 -8.08
N LEU D 18 -15.73 -8.30 -7.06
CA LEU D 18 -16.07 -6.91 -7.24
C LEU D 18 -14.91 -5.96 -6.95
N GLY D 19 -13.70 -6.49 -6.81
CA GLY D 19 -12.49 -5.68 -6.79
C GLY D 19 -11.84 -5.47 -5.43
N ALA D 20 -12.22 -6.26 -4.42
CA ALA D 20 -11.74 -5.99 -3.06
C ALA D 20 -10.20 -5.96 -2.98
N ASP D 21 -9.50 -6.87 -3.68
CA ASP D 21 -8.04 -6.89 -3.57
C ASP D 21 -7.47 -5.58 -4.08
N ASP D 22 -7.98 -5.08 -5.20
CA ASP D 22 -7.55 -3.79 -5.73
C ASP D 22 -7.85 -2.67 -4.76
N VAL D 23 -8.99 -2.74 -4.07
CA VAL D 23 -9.32 -1.73 -3.08
C VAL D 23 -8.35 -1.78 -1.91
N ALA D 24 -8.04 -2.98 -1.43
CA ALA D 24 -7.11 -3.09 -0.30
C ALA D 24 -5.73 -2.54 -0.67
N ARG D 25 -5.25 -2.84 -1.87
CA ARG D 25 -3.98 -2.31 -2.34
C ARG D 25 -4.04 -0.80 -2.57
N ALA D 26 -5.19 -0.29 -3.05
CA ALA D 26 -5.27 1.15 -3.24
C ALA D 26 -5.21 1.88 -1.90
N ILE D 27 -5.88 1.34 -0.87
CA ILE D 27 -5.81 1.91 0.46
C ILE D 27 -4.37 1.92 0.97
N ALA D 28 -3.64 0.82 0.75
CA ALA D 28 -2.26 0.74 1.23
C ALA D 28 -1.42 1.80 0.55
N ARG D 29 -1.53 1.89 -0.78
CA ARG D 29 -0.82 2.91 -1.56
C ARG D 29 -1.15 4.32 -1.07
N GLU D 30 -2.42 4.60 -0.82
CA GLU D 30 -2.80 5.94 -0.37
C GLU D 30 -2.24 6.24 1.02
N ALA D 31 -2.35 5.28 1.95
CA ALA D 31 -1.78 5.50 3.28
C ALA D 31 -0.29 5.81 3.18
N ALA D 32 0.44 5.11 2.31
CA ALA D 32 1.87 5.35 2.18
C ALA D 32 2.15 6.71 1.56
N ALA D 33 1.42 7.07 0.50
CA ALA D 33 1.65 8.35 -0.16
C ALA D 33 1.32 9.52 0.75
N ARG D 34 0.53 9.32 1.80
CA ARG D 34 0.25 10.40 2.73
C ARG D 34 1.02 10.24 4.04
N ASN D 35 1.88 9.23 4.15
CA ASN D 35 2.63 8.98 5.38
C ASN D 35 1.68 8.72 6.54
N GLU D 36 0.68 7.89 6.31
CA GLU D 36 -0.25 7.47 7.36
C GLU D 36 -0.22 5.96 7.53
N HIS D 37 -0.38 5.55 8.77
CA HIS D 37 -0.30 4.15 9.15
C HIS D 37 -1.71 3.61 9.28
N VAL D 38 -2.00 2.58 8.51
CA VAL D 38 -3.23 1.82 8.59
C VAL D 38 -2.87 0.35 8.82
N ARG D 39 -3.84 -0.40 9.32
CA ARG D 39 -3.75 -1.84 9.39
C ARG D 39 -4.96 -2.36 8.63
N ILE D 40 -4.73 -2.91 7.45
CA ILE D 40 -5.82 -3.38 6.60
C ILE D 40 -6.16 -4.82 6.99
N VAL D 41 -7.30 -5.00 7.64
CA VAL D 41 -7.74 -6.34 8.04
C VAL D 41 -8.63 -6.93 6.94
N ARG D 42 -8.30 -8.14 6.49
CA ARG D 42 -9.10 -8.81 5.47
C ARG D 42 -10.15 -9.71 6.15
N ASN D 43 -11.30 -9.11 6.43
CA ASN D 43 -12.40 -9.81 7.07
C ASN D 43 -13.20 -10.60 6.04
N GLY D 44 -14.15 -11.38 6.53
CA GLY D 44 -15.20 -11.91 5.68
C GLY D 44 -16.11 -10.78 5.20
N SER D 45 -17.11 -11.16 4.40
CA SER D 45 -18.13 -10.21 3.97
C SER D 45 -19.30 -10.23 4.94
N ARG D 46 -19.82 -9.04 5.26
CA ARG D 46 -21.05 -8.91 6.02
C ARG D 46 -22.27 -9.50 5.31
N GLY D 47 -22.18 -9.80 4.02
CA GLY D 47 -23.27 -10.34 3.25
C GLY D 47 -24.24 -9.34 2.66
N MET D 48 -23.80 -8.11 2.41
CA MET D 48 -24.62 -7.11 1.74
C MET D 48 -23.97 -6.80 0.40
N PHE D 49 -24.20 -7.67 -0.57
CA PHE D 49 -23.34 -7.69 -1.75
C PHE D 49 -23.52 -6.47 -2.62
N TRP D 50 -24.69 -5.84 -2.59
CA TRP D 50 -24.81 -4.60 -3.35
C TRP D 50 -23.93 -3.50 -2.74
N LEU D 51 -23.46 -3.70 -1.52
CA LEU D 51 -22.49 -2.80 -0.91
C LEU D 51 -21.06 -3.31 -1.01
N GLU D 52 -20.84 -4.45 -1.67
CA GLU D 52 -19.44 -4.87 -1.74
C GLU D 52 -18.76 -4.21 -2.93
N PRO D 53 -17.46 -3.89 -2.81
CA PRO D 53 -16.61 -4.04 -1.62
C PRO D 53 -16.97 -3.04 -0.51
N LEU D 54 -17.18 -3.56 0.70
CA LEU D 54 -17.64 -2.74 1.81
C LEU D 54 -16.45 -2.51 2.73
N VAL D 55 -15.87 -1.33 2.63
CA VAL D 55 -14.74 -0.97 3.45
C VAL D 55 -15.25 -0.43 4.77
N GLU D 56 -14.67 -0.91 5.86
CA GLU D 56 -15.03 -0.42 7.19
C GLU D 56 -13.83 0.17 7.90
N VAL D 57 -14.08 1.18 8.73
CA VAL D 57 -13.04 1.86 9.49
C VAL D 57 -13.40 1.83 10.96
N GLN D 58 -12.43 1.47 11.80
CA GLN D 58 -12.62 1.51 13.24
C GLN D 58 -12.56 2.94 13.74
N THR D 59 -13.66 3.46 14.29
CA THR D 59 -13.67 4.74 15.00
C THR D 59 -14.17 4.51 16.42
N GLY D 60 -14.21 5.59 17.21
CA GLY D 60 -14.71 5.47 18.57
C GLY D 60 -16.19 5.08 18.65
N ALA D 61 -16.96 5.36 17.60
CA ALA D 61 -18.38 5.01 17.61
C ALA D 61 -18.62 3.57 17.19
N GLY D 62 -17.56 2.83 16.86
CA GLY D 62 -17.62 1.52 16.26
C GLY D 62 -17.15 1.57 14.81
N ARG D 63 -17.27 0.42 14.14
CA ARG D 63 -16.92 0.36 12.73
C ARG D 63 -17.95 1.11 11.92
N VAL D 64 -17.49 1.96 11.02
CA VAL D 64 -18.35 2.68 10.10
C VAL D 64 -17.99 2.18 8.71
N ALA D 65 -18.94 2.25 7.79
CA ALA D 65 -18.80 1.53 6.54
C ALA D 65 -18.96 2.45 5.35
N TYR D 66 -18.34 2.03 4.26
CA TYR D 66 -18.44 2.69 2.97
C TYR D 66 -18.65 1.62 1.92
N GLY D 67 -19.49 1.90 0.94
CA GLY D 67 -19.74 0.94 -0.10
C GLY D 67 -20.72 1.44 -1.12
N PRO D 68 -20.63 0.90 -2.34
CA PRO D 68 -19.58 -0.04 -2.80
C PRO D 68 -18.29 0.69 -3.16
N VAL D 69 -17.15 0.19 -2.75
CA VAL D 69 -15.90 0.93 -2.91
C VAL D 69 -15.16 0.42 -4.13
N SER D 70 -14.79 1.34 -5.00
CA SER D 70 -13.95 1.10 -6.15
C SER D 70 -12.54 1.60 -5.85
N ALA D 71 -11.55 0.99 -6.49
CA ALA D 71 -10.17 1.41 -6.30
C ALA D 71 -10.01 2.90 -6.58
N ALA D 72 -10.69 3.38 -7.61
CA ALA D 72 -10.61 4.79 -7.96
C ALA D 72 -11.17 5.69 -6.86
N ASP D 73 -12.10 5.18 -6.04
CA ASP D 73 -12.70 6.04 -5.02
C ASP D 73 -11.76 6.32 -3.86
N VAL D 74 -10.66 5.60 -3.75
CA VAL D 74 -9.92 5.57 -2.48
C VAL D 74 -9.25 6.91 -2.17
N PRO D 75 -8.62 7.61 -3.13
CA PRO D 75 -8.11 8.95 -2.77
C PRO D 75 -9.20 9.91 -2.35
N GLY D 76 -10.34 9.92 -3.05
CA GLY D 76 -11.43 10.78 -2.61
C GLY D 76 -11.94 10.40 -1.23
N LEU D 77 -11.91 9.12 -0.90
CA LEU D 77 -12.30 8.69 0.44
C LEU D 77 -11.37 9.29 1.49
N PHE D 78 -10.04 9.15 1.29
CA PHE D 78 -9.07 9.73 2.22
C PHE D 78 -9.29 11.23 2.38
N ASP D 79 -9.51 11.95 1.27
CA ASP D 79 -9.75 13.38 1.37
C ASP D 79 -10.96 13.68 2.28
N ALA D 80 -12.03 12.90 2.16
CA ALA D 80 -13.20 13.15 3.03
C ALA D 80 -12.97 12.72 4.49
N GLY D 81 -11.77 12.26 4.84
CA GLY D 81 -11.50 11.86 6.21
C GLY D 81 -11.86 10.42 6.53
N LEU D 82 -11.75 9.54 5.55
CA LEU D 82 -12.04 8.09 5.74
C LEU D 82 -11.38 7.51 6.98
N LEU D 83 -10.20 8.02 7.36
CA LEU D 83 -9.52 7.41 8.49
C LEU D 83 -10.12 7.81 9.83
N GLN D 84 -11.00 8.82 9.86
CA GLN D 84 -11.75 9.20 11.04
C GLN D 84 -13.26 8.92 10.91
N GLY D 85 -13.65 8.08 9.94
CA GLY D 85 -15.06 7.87 9.73
C GLY D 85 -15.75 9.07 9.12
N GLY D 86 -15.01 9.91 8.40
CA GLY D 86 -15.62 11.05 7.76
C GLY D 86 -16.71 10.65 6.79
N GLU D 87 -17.59 11.59 6.55
CA GLU D 87 -18.71 11.40 5.64
C GLU D 87 -18.42 11.71 4.19
N HIS D 88 -19.07 10.92 3.34
CA HIS D 88 -18.72 10.73 1.94
C HIS D 88 -19.97 10.18 1.24
N ALA D 89 -20.03 10.38 -0.07
CA ALA D 89 -21.15 9.84 -0.85
C ALA D 89 -21.39 8.37 -0.58
N LEU D 90 -20.32 7.61 -0.32
CA LEU D 90 -20.37 6.18 -0.10
C LEU D 90 -20.59 5.80 1.37
N SER D 91 -20.75 6.77 2.26
CA SER D 91 -20.93 6.46 3.67
C SER D 91 -22.25 5.71 3.89
N GLN D 92 -22.17 4.68 4.72
CA GLN D 92 -23.32 3.89 5.08
C GLN D 92 -23.60 3.97 6.57
N GLY D 93 -22.76 4.69 7.32
CA GLY D 93 -22.92 4.86 8.77
C GLY D 93 -22.28 3.73 9.53
N VAL D 94 -22.55 3.70 10.84
CA VAL D 94 -22.17 2.58 11.69
C VAL D 94 -22.67 1.26 11.08
N THR D 95 -21.74 0.35 10.77
CA THR D 95 -22.10 -0.89 10.07
C THR D 95 -23.23 -1.63 10.76
N GLU D 96 -23.12 -1.84 12.08
CA GLU D 96 -24.11 -2.64 12.81
C GLU D 96 -25.47 -1.96 12.88
N GLU D 97 -25.57 -0.72 12.44
CA GLU D 97 -26.83 0.01 12.46
C GLU D 97 -27.59 -0.07 11.16
N ILE D 98 -26.97 -0.55 10.08
CA ILE D 98 -27.65 -0.76 8.81
C ILE D 98 -28.81 -1.72 9.01
N PRO D 99 -30.05 -1.28 8.77
CA PRO D 99 -31.19 -2.12 9.16
C PRO D 99 -31.13 -3.51 8.57
N PHE D 100 -30.77 -3.66 7.29
CA PHE D 100 -30.66 -4.97 6.66
C PHE D 100 -29.80 -5.90 7.52
N LEU D 101 -28.75 -5.36 8.11
CA LEU D 101 -27.86 -6.10 9.01
C LEU D 101 -28.42 -6.18 10.42
N LYS D 102 -28.85 -5.05 10.97
CA LYS D 102 -29.29 -4.99 12.37
C LYS D 102 -30.52 -5.87 12.59
N GLN D 103 -31.48 -5.84 11.68
CA GLN D 103 -32.74 -6.57 11.82
C GLN D 103 -32.62 -8.04 11.46
N GLN D 104 -31.52 -8.70 11.82
CA GLN D 104 -31.32 -10.11 11.59
C GLN D 104 -31.09 -10.80 12.94
N GLU D 105 -31.10 -12.13 12.89
CA GLU D 105 -30.85 -13.01 14.03
C GLU D 105 -29.70 -13.92 13.62
N ARG D 106 -28.48 -13.38 13.67
CA ARG D 106 -27.29 -14.07 13.19
C ARG D 106 -26.74 -15.01 14.26
N LEU D 107 -27.46 -16.11 14.49
CA LEU D 107 -26.97 -17.12 15.40
C LEU D 107 -25.79 -17.86 14.80
N THR D 108 -25.98 -18.37 13.57
CA THR D 108 -24.91 -19.07 12.87
C THR D 108 -23.89 -18.10 12.29
N PHE D 109 -24.35 -17.01 11.69
CA PHE D 109 -23.47 -16.05 11.04
C PHE D 109 -23.01 -14.93 11.97
N ALA D 110 -22.88 -15.19 13.27
CA ALA D 110 -22.60 -14.10 14.21
C ALA D 110 -21.25 -13.42 13.92
N ARG D 111 -20.25 -14.15 13.43
CA ARG D 111 -18.91 -13.61 13.23
C ARG D 111 -18.64 -13.20 11.78
N VAL D 112 -19.49 -13.59 10.83
CA VAL D 112 -19.17 -13.44 9.42
C VAL D 112 -19.14 -11.96 9.06
N GLY D 113 -17.98 -11.50 8.59
CA GLY D 113 -17.78 -10.12 8.25
C GLY D 113 -17.12 -9.29 9.32
N ILE D 114 -17.18 -9.75 10.57
CA ILE D 114 -16.51 -9.05 11.67
C ILE D 114 -15.06 -9.49 11.79
N THR D 115 -14.81 -10.78 11.70
CA THR D 115 -13.52 -11.38 11.99
C THR D 115 -12.62 -11.43 10.76
N ASP D 116 -11.34 -11.48 11.03
CA ASP D 116 -10.42 -12.10 10.10
C ASP D 116 -10.76 -13.58 10.06
N PRO D 117 -11.13 -14.14 8.91
CA PRO D 117 -11.58 -15.54 8.87
C PRO D 117 -10.52 -16.54 9.31
N LEU D 118 -9.24 -16.18 9.20
CA LEU D 118 -8.16 -17.13 9.45
C LEU D 118 -7.45 -16.89 10.77
N SER D 119 -7.96 -15.99 11.60
CA SER D 119 -7.36 -15.65 12.88
C SER D 119 -8.00 -16.46 14.01
N LEU D 120 -7.20 -17.28 14.67
CA LEU D 120 -7.68 -17.96 15.87
C LEU D 120 -8.02 -16.97 16.98
N ASP D 121 -7.28 -15.86 17.05
CA ASP D 121 -7.55 -14.86 18.08
C ASP D 121 -8.91 -14.23 17.87
N ASP D 122 -9.22 -13.83 16.63
CA ASP D 122 -10.54 -13.27 16.33
C ASP D 122 -11.64 -14.28 16.63
N TYR D 123 -11.47 -15.53 16.19
CA TYR D 123 -12.47 -16.55 16.42
C TYR D 123 -12.77 -16.71 17.91
N ARG D 124 -11.70 -16.91 18.71
CA ARG D 124 -11.86 -17.11 20.14
C ARG D 124 -12.28 -15.84 20.87
N ALA D 125 -12.07 -14.66 20.27
CA ALA D 125 -12.63 -13.46 20.89
C ALA D 125 -14.14 -13.32 20.66
N HIS D 126 -14.77 -14.17 19.84
CA HIS D 126 -16.23 -14.09 19.61
C HIS D 126 -16.87 -15.48 19.76
N GLU D 127 -16.70 -16.05 20.95
CA GLU D 127 -17.28 -17.32 21.39
C GLU D 127 -16.68 -18.53 20.69
N GLY D 128 -15.77 -18.34 19.74
CA GLY D 128 -15.10 -19.45 19.11
C GLY D 128 -14.54 -20.49 20.07
N PHE D 129 -14.89 -21.75 19.82
CA PHE D 129 -14.42 -22.95 20.53
C PHE D 129 -14.98 -23.09 21.94
N ALA D 130 -15.87 -22.19 22.38
CA ALA D 130 -16.57 -22.38 23.64
C ALA D 130 -17.49 -23.59 23.60
N GLY D 131 -18.13 -23.84 22.46
CA GLY D 131 -18.98 -25.02 22.35
C GLY D 131 -18.20 -26.31 22.45
N LEU D 132 -17.09 -26.39 21.72
CA LEU D 132 -16.20 -27.55 21.82
C LEU D 132 -15.69 -27.75 23.22
N GLU D 133 -15.27 -26.65 23.89
CA GLU D 133 -14.72 -26.78 25.24
C GLU D 133 -15.71 -27.49 26.14
N ARG D 134 -17.00 -27.16 26.02
CA ARG D 134 -18.03 -27.85 26.77
C ARG D 134 -18.19 -29.28 26.27
N ALA D 135 -18.19 -29.46 24.94
CA ALA D 135 -18.38 -30.79 24.37
C ALA D 135 -17.32 -31.77 24.87
N LEU D 136 -16.13 -31.29 25.18
CA LEU D 136 -15.08 -32.16 25.71
C LEU D 136 -15.43 -32.74 27.08
N ALA D 137 -16.18 -32.00 27.91
CA ALA D 137 -16.50 -32.46 29.25
C ALA D 137 -17.87 -33.14 29.33
N MET D 138 -18.46 -33.47 28.18
CA MET D 138 -19.71 -34.18 28.12
C MET D 138 -19.43 -35.56 27.53
N GLN D 139 -20.29 -36.52 27.86
CA GLN D 139 -20.20 -37.81 27.23
C GLN D 139 -20.80 -37.73 25.83
N PRO D 140 -20.42 -38.64 24.93
CA PRO D 140 -21.01 -38.62 23.58
C PRO D 140 -22.53 -38.57 23.58
N ALA D 141 -23.20 -39.42 24.36
CA ALA D 141 -24.66 -39.42 24.35
C ALA D 141 -25.24 -38.06 24.76
N GLU D 142 -24.54 -37.32 25.63
CA GLU D 142 -25.03 -36.01 26.06
C GLU D 142 -25.00 -35.00 24.91
N ILE D 143 -23.96 -35.02 24.08
CA ILE D 143 -23.91 -34.09 22.96
C ILE D 143 -25.04 -34.37 21.98
N VAL D 144 -25.30 -35.65 21.69
CA VAL D 144 -26.41 -36.02 20.84
C VAL D 144 -27.72 -35.49 21.41
N GLN D 145 -27.90 -35.61 22.73
CA GLN D 145 -29.10 -35.12 23.38
C GLN D 145 -29.25 -33.61 23.20
N GLU D 146 -28.14 -32.87 23.30
CA GLU D 146 -28.21 -31.41 23.21
C GLU D 146 -28.54 -30.94 21.80
N VAL D 147 -27.97 -31.59 20.79
CA VAL D 147 -28.33 -31.24 19.41
C VAL D 147 -29.79 -31.59 19.13
N THR D 148 -30.25 -32.72 19.67
CA THR D 148 -31.66 -33.08 19.59
C THR D 148 -32.53 -32.03 20.26
N ASP D 149 -32.20 -31.69 21.52
CA ASP D 149 -32.94 -30.69 22.26
C ASP D 149 -32.93 -29.34 21.55
N SER D 150 -31.92 -29.07 20.73
CA SER D 150 -31.94 -27.79 20.02
C SER D 150 -33.06 -27.74 19.00
N GLY D 151 -33.51 -28.89 18.51
CA GLY D 151 -34.47 -28.86 17.43
C GLY D 151 -33.85 -28.63 16.06
N LEU D 152 -32.53 -28.66 15.97
CA LEU D 152 -31.85 -28.47 14.69
C LEU D 152 -32.30 -29.54 13.69
N ARG D 153 -32.55 -29.11 12.45
CA ARG D 153 -32.98 -29.98 11.38
C ARG D 153 -32.05 -29.79 10.18
N GLY D 154 -32.10 -30.73 9.25
CA GLY D 154 -31.08 -30.75 8.21
C GLY D 154 -31.13 -29.58 7.25
N ARG D 155 -30.13 -28.71 7.32
CA ARG D 155 -30.16 -27.49 6.53
C ARG D 155 -29.83 -27.73 5.05
N GLY D 156 -29.51 -28.95 4.67
CA GLY D 156 -29.47 -29.27 3.26
C GLY D 156 -30.83 -29.25 2.58
N GLY D 157 -31.93 -29.22 3.32
CA GLY D 157 -33.25 -28.97 2.76
C GLY D 157 -34.24 -30.10 2.99
N ALA D 158 -33.73 -31.33 3.10
CA ALA D 158 -34.57 -32.43 3.56
C ALA D 158 -34.92 -32.29 5.03
N ALA D 159 -34.21 -31.44 5.78
CA ALA D 159 -34.63 -31.05 7.14
C ALA D 159 -34.87 -32.24 8.06
N PHE D 160 -34.04 -33.28 7.94
CA PHE D 160 -34.13 -34.38 8.90
C PHE D 160 -33.62 -33.91 10.26
N PRO D 161 -34.23 -34.35 11.36
CA PRO D 161 -33.78 -33.91 12.68
C PRO D 161 -32.36 -34.35 12.98
N THR D 162 -31.43 -33.39 13.07
CA THR D 162 -30.00 -33.71 13.11
C THR D 162 -29.65 -34.62 14.29
N GLY D 163 -30.20 -34.33 15.48
CA GLY D 163 -29.83 -35.12 16.65
C GLY D 163 -30.17 -36.58 16.52
N ILE D 164 -31.36 -36.89 16.00
CA ILE D 164 -31.76 -38.28 15.77
C ILE D 164 -30.79 -38.94 14.79
N LYS D 165 -30.34 -38.20 13.78
CA LYS D 165 -29.31 -38.71 12.87
C LYS D 165 -28.01 -39.03 13.61
N TRP D 166 -27.55 -38.11 14.46
CA TRP D 166 -26.33 -38.38 15.23
C TRP D 166 -26.55 -39.55 16.16
N LYS D 167 -27.74 -39.64 16.78
CA LYS D 167 -28.05 -40.76 17.67
C LYS D 167 -27.92 -42.10 16.96
N THR D 168 -28.36 -42.18 15.69
CA THR D 168 -28.17 -43.40 14.90
C THR D 168 -26.69 -43.77 14.74
N VAL D 169 -25.83 -42.78 14.47
CA VAL D 169 -24.43 -43.09 14.19
C VAL D 169 -23.65 -43.44 15.45
N LEU D 170 -23.86 -42.70 16.56
CA LEU D 170 -23.25 -43.08 17.82
C LEU D 170 -23.66 -44.50 18.20
N GLY D 171 -24.96 -44.80 18.09
CA GLY D 171 -25.45 -46.10 18.50
C GLY D 171 -24.93 -47.24 17.65
N ALA D 172 -24.57 -46.96 16.39
CA ALA D 172 -23.92 -47.98 15.59
C ALA D 172 -22.61 -48.36 16.27
N GLN D 173 -22.26 -49.63 16.19
CA GLN D 173 -21.06 -50.09 16.90
C GLN D 173 -20.00 -50.55 15.93
N SER D 174 -18.88 -49.85 15.95
CA SER D 174 -17.82 -49.91 14.94
C SER D 174 -16.67 -49.09 15.49
N ALA D 175 -15.44 -49.59 15.38
CA ALA D 175 -14.31 -48.86 15.93
C ALA D 175 -14.06 -47.55 15.19
N VAL D 176 -14.31 -47.50 13.89
CA VAL D 176 -14.06 -46.32 13.07
C VAL D 176 -15.39 -45.78 12.57
N LYS D 177 -15.59 -44.47 12.73
CA LYS D 177 -16.76 -43.76 12.25
C LYS D 177 -16.28 -42.46 11.63
N TYR D 178 -17.11 -41.87 10.76
CA TYR D 178 -16.73 -40.71 9.97
C TYR D 178 -17.71 -39.57 10.15
N ILE D 179 -17.18 -38.35 10.17
CA ILE D 179 -17.96 -37.13 9.95
C ILE D 179 -17.70 -36.70 8.51
N VAL D 180 -18.77 -36.62 7.73
CA VAL D 180 -18.70 -36.11 6.36
C VAL D 180 -19.53 -34.84 6.28
N CYS D 181 -18.87 -33.75 5.90
CA CYS D 181 -19.53 -32.48 5.65
C CYS D 181 -19.86 -32.39 4.16
N ASN D 182 -21.12 -32.19 3.84
CA ASN D 182 -21.57 -31.95 2.48
C ASN D 182 -21.41 -30.46 2.18
N ALA D 183 -20.33 -30.10 1.50
CA ALA D 183 -20.12 -28.76 1.00
C ALA D 183 -20.22 -28.73 -0.53
N ASP D 184 -21.09 -29.56 -1.08
CA ASP D 184 -21.30 -29.49 -2.53
C ASP D 184 -22.13 -28.28 -2.97
N GLU D 185 -22.83 -27.60 -2.03
CA GLU D 185 -23.76 -26.51 -2.30
C GLU D 185 -24.07 -26.32 -3.77
N GLY D 186 -24.78 -27.27 -4.36
CA GLY D 186 -24.94 -27.31 -5.80
C GLY D 186 -26.01 -26.41 -6.37
N ASP D 187 -26.89 -25.89 -5.51
CA ASP D 187 -28.09 -25.21 -5.97
C ASP D 187 -27.83 -23.78 -6.42
N SER D 188 -28.43 -23.41 -7.56
CA SER D 188 -28.47 -22.01 -7.93
C SER D 188 -29.14 -21.21 -6.81
N GLY D 189 -28.66 -19.99 -6.58
CA GLY D 189 -29.22 -19.15 -5.55
C GLY D 189 -28.71 -19.40 -4.15
N THR D 190 -27.71 -20.27 -3.96
CA THR D 190 -27.18 -20.51 -2.61
C THR D 190 -25.73 -20.05 -2.53
N PHE D 191 -25.35 -19.52 -1.37
CA PHE D 191 -23.97 -19.16 -1.09
C PHE D 191 -23.68 -19.14 0.42
N SER D 192 -24.64 -19.60 1.24
CA SER D 192 -24.42 -19.59 2.68
C SER D 192 -23.28 -20.55 3.07
N ASP D 193 -23.28 -21.78 2.51
CA ASP D 193 -22.15 -22.69 2.77
C ASP D 193 -20.83 -22.06 2.33
N ARG D 194 -20.81 -21.51 1.12
CA ARG D 194 -19.63 -20.81 0.61
C ARG D 194 -19.14 -19.77 1.61
N MET D 195 -20.08 -18.99 2.15
CA MET D 195 -19.72 -17.94 3.08
C MET D 195 -19.17 -18.49 4.39
N VAL D 196 -19.74 -19.57 4.90
CA VAL D 196 -19.19 -20.16 6.11
C VAL D 196 -17.74 -20.58 5.87
N MET D 197 -17.48 -21.26 4.75
CA MET D 197 -16.18 -21.84 4.48
C MET D 197 -15.11 -20.80 4.19
N GLU D 198 -15.47 -19.67 3.55
CA GLU D 198 -14.53 -18.61 3.24
C GLU D 198 -14.37 -17.62 4.40
N ASP D 199 -15.45 -17.36 5.16
CA ASP D 199 -15.49 -16.28 6.14
C ASP D 199 -15.48 -16.74 7.59
N ASP D 200 -15.79 -18.02 7.87
CA ASP D 200 -15.71 -18.48 9.26
C ASP D 200 -15.40 -19.97 9.30
N PRO D 201 -14.33 -20.41 8.62
CA PRO D 201 -14.10 -21.86 8.53
C PRO D 201 -13.84 -22.51 9.88
N PHE D 202 -13.35 -21.76 10.86
CA PHE D 202 -13.17 -22.36 12.18
C PHE D 202 -14.50 -22.83 12.75
N MET D 203 -15.59 -22.14 12.39
CA MET D 203 -16.91 -22.58 12.86
C MET D 203 -17.29 -23.92 12.24
N LEU D 204 -17.04 -24.09 10.93
CA LEU D 204 -17.29 -25.41 10.33
C LEU D 204 -16.41 -26.47 10.99
N ILE D 205 -15.15 -26.13 11.26
CA ILE D 205 -14.22 -27.08 11.88
C ILE D 205 -14.67 -27.42 13.29
N GLU D 206 -14.99 -26.40 14.09
CA GLU D 206 -15.48 -26.67 15.44
C GLU D 206 -16.71 -27.56 15.39
N GLY D 207 -17.66 -27.25 14.50
CA GLY D 207 -18.90 -28.01 14.48
C GLY D 207 -18.66 -29.46 14.14
N MET D 208 -17.76 -29.72 13.17
CA MET D 208 -17.46 -31.10 12.80
C MET D 208 -16.77 -31.83 13.93
N THR D 209 -15.93 -31.13 14.68
CA THR D 209 -15.24 -31.77 15.79
C THR D 209 -16.23 -32.19 16.87
N ILE D 210 -17.20 -31.31 17.17
CA ILE D 210 -18.23 -31.65 18.16
C ILE D 210 -19.04 -32.85 17.69
N ALA D 211 -19.39 -32.87 16.39
CA ALA D 211 -20.03 -34.04 15.80
C ALA D 211 -19.19 -35.30 15.97
N ALA D 212 -17.87 -35.18 15.77
CA ALA D 212 -16.97 -36.32 15.97
C ALA D 212 -16.98 -36.80 17.40
N LEU D 213 -16.93 -35.88 18.36
CA LEU D 213 -16.99 -36.29 19.77
C LEU D 213 -18.34 -36.90 20.10
N ALA D 214 -19.41 -36.42 19.46
CA ALA D 214 -20.76 -36.86 19.79
C ALA D 214 -21.02 -38.29 19.34
N VAL D 215 -20.35 -38.76 18.29
CA VAL D 215 -20.67 -40.08 17.74
C VAL D 215 -19.50 -41.06 17.82
N GLY D 216 -18.29 -40.58 18.15
CA GLY D 216 -17.13 -41.44 18.24
C GLY D 216 -16.40 -41.55 16.91
N ALA D 217 -16.35 -40.45 16.17
CA ALA D 217 -15.61 -40.40 14.92
C ALA D 217 -14.25 -39.77 15.16
N GLU D 218 -13.22 -40.28 14.48
CA GLU D 218 -11.90 -39.71 14.58
C GLU D 218 -11.39 -39.17 13.25
N GLN D 219 -12.20 -39.25 12.19
CA GLN D 219 -11.81 -38.77 10.87
C GLN D 219 -12.95 -37.99 10.27
N GLY D 220 -12.61 -36.87 9.63
CA GLY D 220 -13.59 -36.04 8.96
C GLY D 220 -13.17 -35.73 7.53
N TYR D 221 -14.19 -35.48 6.70
CA TYR D 221 -14.01 -35.04 5.32
C TYR D 221 -14.97 -33.89 5.01
N ILE D 222 -14.44 -32.84 4.39
CA ILE D 222 -15.26 -31.78 3.81
C ILE D 222 -15.22 -32.00 2.30
N TYR D 223 -16.36 -32.40 1.73
CA TYR D 223 -16.49 -32.56 0.29
C TYR D 223 -17.01 -31.23 -0.24
N CYS D 224 -16.18 -30.51 -0.97
CA CYS D 224 -16.52 -29.15 -1.42
C CYS D 224 -16.56 -29.06 -2.94
N ARG D 225 -17.59 -28.42 -3.49
CA ARG D 225 -17.73 -28.39 -4.94
C ARG D 225 -16.49 -27.77 -5.59
N SER D 226 -16.18 -28.23 -6.80
CA SER D 226 -15.05 -27.76 -7.57
C SER D 226 -15.23 -26.31 -7.99
N GLU D 227 -16.46 -25.86 -8.05
CA GLU D 227 -16.84 -24.49 -8.38
C GLU D 227 -16.44 -23.49 -7.29
N TYR D 228 -16.00 -23.97 -6.13
CA TYR D 228 -15.62 -23.16 -4.97
C TYR D 228 -14.11 -23.20 -4.68
N PRO D 229 -13.23 -22.79 -5.60
CA PRO D 229 -11.78 -22.85 -5.29
C PRO D 229 -11.42 -22.05 -4.05
N HIS D 230 -12.06 -20.89 -3.82
CA HIS D 230 -11.70 -20.08 -2.65
C HIS D 230 -12.05 -20.78 -1.34
N ALA D 231 -13.24 -21.37 -1.27
CA ALA D 231 -13.61 -22.10 -0.06
C ALA D 231 -12.59 -23.20 0.26
N ILE D 232 -12.17 -23.95 -0.76
CA ILE D 232 -11.24 -25.05 -0.53
C ILE D 232 -9.93 -24.55 0.05
N ALA D 233 -9.38 -23.45 -0.51
CA ALA D 233 -8.09 -22.93 -0.03
C ALA D 233 -8.22 -22.33 1.38
N VAL D 234 -9.32 -21.63 1.67
CA VAL D 234 -9.48 -21.10 3.03
C VAL D 234 -9.66 -22.22 4.04
N LEU D 235 -10.36 -23.29 3.66
CA LEU D 235 -10.54 -24.41 4.57
C LEU D 235 -9.21 -25.12 4.85
N GLU D 236 -8.40 -25.32 3.81
CA GLU D 236 -7.11 -25.98 4.04
C GLU D 236 -6.20 -25.14 4.95
N SER D 237 -6.18 -23.81 4.77
CA SER D 237 -5.34 -23.02 5.67
C SER D 237 -5.87 -23.10 7.09
N ALA D 238 -7.19 -23.05 7.26
CA ALA D 238 -7.77 -23.11 8.60
C ALA D 238 -7.53 -24.46 9.25
N ILE D 239 -7.55 -25.53 8.46
CA ILE D 239 -7.25 -26.82 9.05
C ILE D 239 -5.80 -26.86 9.53
N GLY D 240 -4.88 -26.28 8.76
CA GLY D 240 -3.49 -26.22 9.21
C GLY D 240 -3.35 -25.35 10.45
N ILE D 241 -3.99 -24.18 10.43
CA ILE D 241 -3.95 -23.27 11.56
C ILE D 241 -4.55 -23.95 12.79
N ALA D 242 -5.67 -24.66 12.62
CA ALA D 242 -6.32 -25.33 13.74
C ALA D 242 -5.47 -26.50 14.26
N ASN D 243 -4.86 -27.28 13.35
CA ASN D 243 -4.00 -28.39 13.77
C ASN D 243 -2.87 -27.92 14.66
N ALA D 244 -2.27 -26.77 14.32
CA ALA D 244 -1.07 -26.32 15.03
C ALA D 244 -1.37 -25.81 16.44
N ALA D 245 -2.56 -25.24 16.66
CA ALA D 245 -2.91 -24.75 17.99
C ALA D 245 -3.57 -25.83 18.84
N GLY D 246 -3.60 -27.06 18.35
CA GLY D 246 -4.14 -28.16 19.12
C GLY D 246 -5.64 -28.22 19.19
N TRP D 247 -6.34 -27.52 18.28
CA TRP D 247 -7.79 -27.62 18.19
C TRP D 247 -8.24 -28.76 17.30
N LEU D 248 -7.30 -29.35 16.58
CA LEU D 248 -7.57 -30.41 15.63
C LEU D 248 -6.39 -31.38 15.70
N GLY D 249 -6.59 -32.60 15.25
CA GLY D 249 -5.46 -33.52 15.22
C GLY D 249 -5.55 -34.58 16.31
N ASP D 250 -4.41 -34.99 16.84
CA ASP D 250 -4.42 -35.94 17.93
C ASP D 250 -4.45 -35.15 19.24
N ASP D 251 -4.86 -35.83 20.31
CA ASP D 251 -4.87 -35.27 21.66
C ASP D 251 -5.33 -33.82 21.66
N ILE D 252 -6.57 -33.61 21.20
CA ILE D 252 -7.07 -32.26 20.98
C ILE D 252 -7.20 -31.53 22.31
N ARG D 253 -6.45 -30.43 22.45
CA ARG D 253 -6.42 -29.65 23.69
C ARG D 253 -6.06 -30.53 24.89
N GLY D 254 -5.20 -31.51 24.66
CA GLY D 254 -4.78 -32.40 25.73
C GLY D 254 -5.88 -33.28 26.29
N SER D 255 -6.97 -33.48 25.56
CA SER D 255 -8.09 -34.30 26.01
C SER D 255 -7.91 -35.79 25.70
N GLY D 256 -6.91 -36.14 24.90
CA GLY D 256 -6.81 -37.49 24.38
C GLY D 256 -7.75 -37.77 23.22
N LYS D 257 -8.72 -36.89 22.97
CA LYS D 257 -9.61 -37.10 21.85
C LYS D 257 -8.94 -36.66 20.56
N ARG D 258 -9.10 -37.45 19.51
CA ARG D 258 -8.43 -37.20 18.25
C ARG D 258 -9.46 -37.09 17.14
N PHE D 259 -9.22 -36.14 16.23
CA PHE D 259 -10.08 -35.96 15.08
C PHE D 259 -9.27 -35.30 13.99
N HIS D 260 -9.21 -35.94 12.83
CA HIS D 260 -8.42 -35.42 11.71
C HIS D 260 -9.35 -35.03 10.57
N LEU D 261 -9.07 -33.89 9.96
CA LEU D 261 -9.99 -33.25 9.04
C LEU D 261 -9.26 -32.94 7.75
N GLU D 262 -9.91 -33.23 6.62
CA GLU D 262 -9.29 -32.98 5.33
C GLU D 262 -10.36 -32.56 4.32
N VAL D 263 -9.93 -31.77 3.34
CA VAL D 263 -10.82 -31.26 2.31
C VAL D 263 -10.70 -32.15 1.07
N ARG D 264 -11.83 -32.53 0.49
CA ARG D 264 -11.85 -33.23 -0.78
C ARG D 264 -12.58 -32.37 -1.79
N LYS D 265 -12.02 -32.24 -2.99
CA LYS D 265 -12.56 -31.38 -4.03
C LYS D 265 -13.48 -32.16 -4.95
N GLY D 266 -14.70 -31.69 -5.14
CA GLY D 266 -15.61 -32.29 -6.10
C GLY D 266 -15.14 -32.08 -7.53
N ALA D 267 -16.00 -32.49 -8.48
CA ALA D 267 -15.59 -32.48 -9.89
C ALA D 267 -16.72 -32.15 -10.86
N GLY D 268 -17.64 -31.28 -10.46
CA GLY D 268 -18.63 -30.73 -11.38
C GLY D 268 -19.90 -31.52 -11.56
N ALA D 269 -20.21 -32.46 -10.67
CA ALA D 269 -21.45 -33.22 -10.75
C ALA D 269 -22.39 -32.73 -9.67
N TYR D 270 -23.48 -32.05 -10.09
CA TYR D 270 -24.48 -31.59 -9.14
C TYR D 270 -25.03 -32.72 -8.29
N VAL D 271 -25.17 -33.92 -8.85
CA VAL D 271 -25.75 -35.03 -8.09
C VAL D 271 -24.82 -35.52 -6.99
N CYS D 272 -23.56 -35.10 -7.02
CA CYS D 272 -22.70 -35.42 -5.87
C CYS D 272 -23.07 -34.62 -4.63
N GLY D 273 -24.06 -33.73 -4.72
CA GLY D 273 -24.72 -33.20 -3.54
C GLY D 273 -25.59 -34.22 -2.82
N GLU D 274 -26.04 -35.27 -3.52
CA GLU D 274 -26.83 -36.31 -2.88
C GLU D 274 -25.96 -37.16 -1.99
N GLU D 275 -26.40 -37.37 -0.75
CA GLU D 275 -25.50 -37.86 0.30
C GLU D 275 -24.75 -39.14 -0.09
N THR D 276 -25.41 -40.10 -0.77
CA THR D 276 -24.71 -41.35 -1.06
C THR D 276 -23.86 -41.25 -2.33
N ALA D 277 -24.31 -40.51 -3.34
CA ALA D 277 -23.42 -40.22 -4.47
C ALA D 277 -22.19 -39.45 -3.98
N LEU D 278 -22.37 -38.58 -2.98
CA LEU D 278 -21.23 -37.92 -2.37
C LEU D 278 -20.23 -38.95 -1.83
N LEU D 279 -20.73 -39.91 -1.05
CA LEU D 279 -19.84 -40.94 -0.50
C LEU D 279 -19.14 -41.71 -1.61
N GLU D 280 -19.88 -42.08 -2.68
CA GLU D 280 -19.26 -42.71 -3.84
C GLU D 280 -18.12 -41.86 -4.37
N SER D 281 -18.32 -40.55 -4.47
CA SER D 281 -17.29 -39.65 -4.96
C SER D 281 -16.07 -39.69 -4.05
N LEU D 282 -16.27 -39.55 -2.73
CA LEU D 282 -15.17 -39.65 -1.77
C LEU D 282 -14.38 -40.95 -1.93
N GLU D 283 -15.06 -42.04 -2.25
CA GLU D 283 -14.39 -43.31 -2.44
C GLU D 283 -13.77 -43.44 -3.81
N GLY D 284 -13.87 -42.40 -4.63
CA GLY D 284 -13.20 -42.41 -5.93
C GLY D 284 -13.98 -42.99 -7.07
N ARG D 285 -15.30 -43.06 -6.97
CA ARG D 285 -16.11 -43.71 -7.98
C ARG D 285 -17.00 -42.69 -8.67
N ARG D 286 -17.69 -43.14 -9.72
CA ARG D 286 -18.70 -42.31 -10.34
C ARG D 286 -19.72 -41.93 -9.26
N GLY D 287 -20.29 -40.73 -9.38
CA GLY D 287 -21.26 -40.27 -8.41
C GLY D 287 -22.66 -40.85 -8.63
N VAL D 288 -22.78 -42.18 -8.60
CA VAL D 288 -24.05 -42.86 -8.81
C VAL D 288 -24.72 -43.09 -7.46
N VAL D 289 -25.97 -42.62 -7.32
CA VAL D 289 -26.70 -42.76 -6.05
C VAL D 289 -26.76 -44.23 -5.65
N ARG D 290 -26.53 -44.51 -4.37
CA ARG D 290 -26.62 -45.88 -3.87
C ARG D 290 -28.06 -46.24 -3.57
N ALA D 291 -28.38 -47.53 -3.65
CA ALA D 291 -29.66 -47.98 -3.10
C ALA D 291 -29.57 -47.99 -1.57
N LYS D 292 -30.69 -47.66 -0.94
CA LYS D 292 -30.58 -47.65 0.52
C LYS D 292 -31.47 -48.69 1.19
N PRO D 293 -31.11 -49.97 1.12
CA PRO D 293 -31.48 -50.91 2.19
C PRO D 293 -30.53 -50.78 3.36
N PRO D 294 -29.26 -50.25 3.18
CA PRO D 294 -28.53 -49.74 4.35
C PRO D 294 -28.66 -48.24 4.45
N LEU D 295 -28.98 -47.73 5.63
CA LEU D 295 -28.94 -46.28 5.85
C LEU D 295 -27.48 -45.83 5.86
N PRO D 296 -27.14 -44.77 5.13
CA PRO D 296 -25.75 -44.26 5.15
C PRO D 296 -25.23 -43.97 6.56
N ALA D 297 -26.11 -43.57 7.48
CA ALA D 297 -25.70 -43.37 8.86
C ALA D 297 -25.20 -44.65 9.51
N LEU D 298 -25.61 -45.81 8.99
CA LEU D 298 -25.15 -47.10 9.50
C LEU D 298 -24.06 -47.73 8.66
N GLN D 299 -24.18 -47.65 7.33
CA GLN D 299 -23.15 -48.17 6.43
C GLN D 299 -22.93 -47.10 5.36
N GLY D 300 -22.00 -46.19 5.64
CA GLY D 300 -21.74 -45.10 4.71
C GLY D 300 -20.35 -45.16 4.10
N LEU D 301 -19.49 -44.23 4.50
CA LEU D 301 -18.15 -44.14 3.93
C LEU D 301 -17.35 -45.39 4.24
N PHE D 302 -16.88 -46.08 3.19
CA PHE D 302 -16.21 -47.37 3.34
C PHE D 302 -17.02 -48.31 4.25
N GLY D 303 -18.34 -48.26 4.11
CA GLY D 303 -19.24 -49.11 4.88
C GLY D 303 -19.34 -48.80 6.35
N LYS D 304 -18.72 -47.71 6.82
CA LYS D 304 -18.70 -47.40 8.24
C LYS D 304 -19.86 -46.49 8.61
N PRO D 305 -20.25 -46.46 9.90
CA PRO D 305 -21.24 -45.47 10.33
C PRO D 305 -20.71 -44.07 10.11
N THR D 306 -21.55 -43.23 9.49
CA THR D 306 -21.11 -41.95 8.96
C THR D 306 -22.16 -40.90 9.23
N VAL D 307 -21.76 -39.81 9.88
CA VAL D 307 -22.59 -38.62 9.94
C VAL D 307 -22.39 -37.85 8.64
N ILE D 308 -23.48 -37.60 7.93
CA ILE D 308 -23.48 -36.74 6.75
C ILE D 308 -24.34 -35.52 7.07
N ASN D 309 -23.72 -34.33 7.11
CA ASN D 309 -24.48 -33.11 7.37
C ASN D 309 -24.00 -32.00 6.44
N ASN D 310 -24.92 -31.07 6.19
CA ASN D 310 -24.67 -29.89 5.37
C ASN D 310 -23.81 -28.91 6.16
N VAL D 311 -23.11 -28.03 5.43
CA VAL D 311 -22.22 -27.05 6.06
C VAL D 311 -22.96 -26.24 7.12
N ILE D 312 -24.16 -25.73 6.80
CA ILE D 312 -24.87 -24.91 7.79
C ILE D 312 -25.27 -25.75 8.99
N SER D 313 -25.67 -27.01 8.75
CA SER D 313 -26.00 -27.92 9.85
C SER D 313 -24.82 -28.07 10.81
N LEU D 314 -23.64 -28.42 10.29
CA LEU D 314 -22.49 -28.56 11.18
C LEU D 314 -22.07 -27.20 11.75
N ALA D 315 -22.13 -26.14 10.95
CA ALA D 315 -21.72 -24.82 11.43
C ALA D 315 -22.61 -24.30 12.53
N THR D 316 -23.84 -24.84 12.70
CA THR D 316 -24.75 -24.38 13.74
C THR D 316 -24.54 -25.12 15.06
N VAL D 317 -23.83 -26.24 15.03
CA VAL D 317 -23.62 -27.02 16.26
C VAL D 317 -22.87 -26.21 17.32
N PRO D 318 -21.80 -25.46 17.02
CA PRO D 318 -21.10 -24.75 18.09
C PRO D 318 -21.97 -23.76 18.84
N VAL D 319 -22.73 -22.91 18.13
CA VAL D 319 -23.59 -21.95 18.82
C VAL D 319 -24.62 -22.67 19.70
N ILE D 320 -25.10 -23.85 19.27
CA ILE D 320 -25.98 -24.62 20.14
C ILE D 320 -25.24 -25.04 21.41
N LEU D 321 -23.98 -25.50 21.25
CA LEU D 321 -23.23 -25.92 22.41
C LEU D 321 -22.84 -24.74 23.29
N ALA D 322 -22.42 -23.63 22.69
CA ALA D 322 -21.96 -22.47 23.46
C ALA D 322 -23.11 -21.81 24.21
N ARG D 323 -24.28 -21.68 23.58
CA ARG D 323 -25.42 -21.00 24.18
C ARG D 323 -26.49 -21.95 24.72
N GLY D 324 -26.45 -23.23 24.37
CA GLY D 324 -27.40 -24.13 24.97
C GLY D 324 -28.48 -24.55 24.00
N ALA D 325 -28.96 -25.79 24.19
CA ALA D 325 -29.98 -26.34 23.30
C ALA D 325 -31.27 -25.52 23.31
N GLN D 326 -31.72 -25.10 24.49
CA GLN D 326 -33.01 -24.43 24.59
C GLN D 326 -32.93 -22.99 24.08
N TYR D 327 -31.81 -22.30 24.30
CA TYR D 327 -31.62 -20.99 23.70
C TYR D 327 -31.88 -21.03 22.20
N TYR D 328 -31.35 -22.06 21.53
CA TYR D 328 -31.55 -22.19 20.10
C TYR D 328 -33.02 -22.48 19.76
N ARG D 329 -33.64 -23.36 20.52
CA ARG D 329 -34.98 -23.84 20.18
C ARG D 329 -36.03 -22.76 20.28
N ASP D 330 -35.80 -21.70 21.05
CA ASP D 330 -36.84 -20.69 21.22
C ASP D 330 -37.08 -19.90 19.95
N TYR D 331 -36.10 -19.87 19.04
CA TYR D 331 -36.24 -19.25 17.73
C TYR D 331 -37.09 -20.12 16.82
N GLY D 332 -37.78 -19.47 15.89
CA GLY D 332 -38.50 -20.17 14.84
C GLY D 332 -39.97 -20.35 15.13
N MET D 333 -40.58 -21.28 14.38
CA MET D 333 -41.99 -21.57 14.55
C MET D 333 -42.25 -23.01 14.15
N GLY D 334 -43.37 -23.54 14.63
CA GLY D 334 -43.70 -24.94 14.38
C GLY D 334 -42.57 -25.87 14.77
N ARG D 335 -42.19 -26.75 13.86
CA ARG D 335 -41.06 -27.64 14.07
C ARG D 335 -39.80 -27.13 13.36
N SER D 336 -39.88 -25.95 12.76
CA SER D 336 -38.71 -25.31 12.16
C SER D 336 -38.12 -24.36 13.21
N ARG D 337 -37.33 -24.95 14.10
CA ARG D 337 -36.72 -24.25 15.20
C ARG D 337 -35.36 -23.67 14.76
N GLY D 338 -34.95 -22.63 15.45
CA GLY D 338 -33.68 -21.99 15.15
C GLY D 338 -33.82 -20.92 14.07
N THR D 339 -32.70 -20.64 13.43
CA THR D 339 -32.64 -19.65 12.38
C THR D 339 -32.16 -20.30 11.08
N LEU D 340 -32.40 -19.61 9.98
CA LEU D 340 -31.86 -20.05 8.72
C LEU D 340 -31.18 -18.87 8.04
N PRO D 341 -29.95 -19.05 7.50
CA PRO D 341 -29.34 -18.01 6.68
C PRO D 341 -29.97 -17.99 5.29
N PHE D 342 -30.98 -17.13 5.09
CA PHE D 342 -31.61 -17.00 3.79
C PHE D 342 -30.69 -16.24 2.85
N GLN D 343 -30.76 -16.60 1.57
CA GLN D 343 -29.87 -16.05 0.56
C GLN D 343 -30.72 -15.38 -0.50
N LEU D 344 -30.68 -14.05 -0.55
CA LEU D 344 -31.47 -13.27 -1.50
C LEU D 344 -30.69 -13.19 -2.80
N ALA D 345 -31.27 -13.66 -3.91
CA ALA D 345 -30.48 -13.84 -5.11
C ALA D 345 -31.29 -13.54 -6.36
N GLY D 346 -30.59 -13.45 -7.48
CA GLY D 346 -31.27 -13.24 -8.75
C GLY D 346 -31.57 -11.79 -8.99
N ASN D 347 -32.78 -11.50 -9.51
CA ASN D 347 -33.13 -10.14 -9.86
C ASN D 347 -33.56 -9.41 -8.59
N ILE D 348 -32.58 -9.01 -7.78
CA ILE D 348 -32.84 -8.44 -6.47
C ILE D 348 -31.93 -7.23 -6.26
N LYS D 349 -32.52 -6.09 -5.84
CA LYS D 349 -31.72 -4.88 -5.74
C LYS D 349 -30.67 -5.01 -4.63
N GLN D 350 -31.05 -5.56 -3.49
CA GLN D 350 -30.16 -5.68 -2.33
C GLN D 350 -30.04 -7.16 -1.97
N GLY D 351 -29.19 -7.88 -2.72
CA GLY D 351 -29.00 -9.29 -2.50
C GLY D 351 -27.92 -9.59 -1.47
N GLY D 352 -27.96 -10.81 -0.95
CA GLY D 352 -27.04 -11.23 0.08
C GLY D 352 -27.64 -12.13 1.14
N LEU D 353 -27.06 -12.09 2.32
CA LEU D 353 -27.27 -13.07 3.38
C LEU D 353 -28.15 -12.46 4.46
N VAL D 354 -29.32 -13.05 4.68
CA VAL D 354 -30.24 -12.62 5.73
C VAL D 354 -30.54 -13.85 6.59
N GLU D 355 -29.96 -13.93 7.78
CA GLU D 355 -30.26 -15.00 8.71
C GLU D 355 -31.40 -14.56 9.63
N LYS D 356 -32.51 -15.30 9.60
CA LYS D 356 -33.67 -14.97 10.40
C LYS D 356 -34.25 -16.26 10.97
N ALA D 357 -34.94 -16.12 12.10
CA ALA D 357 -35.73 -17.23 12.63
C ALA D 357 -36.75 -17.65 11.60
N PHE D 358 -36.95 -18.96 11.47
CA PHE D 358 -38.09 -19.44 10.70
C PHE D 358 -39.37 -18.71 11.13
N GLY D 359 -40.25 -18.47 10.15
CA GLY D 359 -41.50 -17.75 10.37
C GLY D 359 -41.60 -16.43 9.64
N VAL D 360 -40.46 -15.81 9.32
CA VAL D 360 -40.43 -14.70 8.37
C VAL D 360 -41.06 -15.16 7.04
N THR D 361 -41.72 -14.24 6.36
CA THR D 361 -42.31 -14.53 5.07
C THR D 361 -41.40 -14.09 3.95
N LEU D 362 -41.54 -14.76 2.79
CA LEU D 362 -40.86 -14.31 1.59
C LEU D 362 -41.06 -12.81 1.37
N ARG D 363 -42.31 -12.35 1.49
CA ARG D 363 -42.60 -10.96 1.21
C ARG D 363 -41.76 -10.02 2.08
N GLU D 364 -41.64 -10.31 3.39
CA GLU D 364 -40.76 -9.53 4.25
C GLU D 364 -39.35 -9.49 3.68
N LEU D 365 -38.81 -10.65 3.32
CA LEU D 365 -37.45 -10.70 2.79
C LEU D 365 -37.34 -9.97 1.46
N LEU D 366 -38.30 -10.17 0.56
CA LEU D 366 -38.24 -9.52 -0.74
C LEU D 366 -38.33 -8.00 -0.60
N VAL D 367 -39.27 -7.52 0.21
CA VAL D 367 -39.59 -6.09 0.25
C VAL D 367 -38.82 -5.37 1.34
N ASP D 368 -38.74 -5.91 2.57
CA ASP D 368 -38.03 -5.22 3.62
C ASP D 368 -36.51 -5.37 3.48
N TYR D 369 -36.02 -6.47 2.94
CA TYR D 369 -34.58 -6.66 2.83
C TYR D 369 -34.05 -6.49 1.41
N GLY D 370 -34.63 -7.19 0.43
CA GLY D 370 -34.10 -7.13 -0.92
C GLY D 370 -34.39 -5.83 -1.64
N GLY D 371 -35.45 -5.12 -1.26
CA GLY D 371 -35.79 -3.87 -1.92
C GLY D 371 -36.41 -4.04 -3.30
N GLY D 372 -36.97 -5.20 -3.58
CA GLY D 372 -37.54 -5.43 -4.89
C GLY D 372 -36.50 -5.94 -5.86
N THR D 373 -36.87 -5.88 -7.14
CA THR D 373 -35.98 -6.41 -8.16
C THR D 373 -34.83 -5.45 -8.44
N ARG D 374 -33.81 -5.97 -9.11
CA ARG D 374 -32.73 -5.12 -9.60
C ARG D 374 -33.16 -4.32 -10.81
N SER D 375 -33.95 -4.93 -11.71
CA SER D 375 -34.35 -4.20 -12.90
C SER D 375 -35.28 -3.04 -12.57
N GLY D 376 -35.99 -3.11 -11.44
CA GLY D 376 -37.05 -2.18 -11.10
C GLY D 376 -38.43 -2.64 -11.51
N ARG D 377 -38.54 -3.76 -12.19
CA ARG D 377 -39.84 -4.24 -12.62
C ARG D 377 -40.52 -5.06 -11.53
N ALA D 378 -41.81 -5.32 -11.71
CA ALA D 378 -42.53 -6.13 -10.76
C ALA D 378 -41.94 -7.53 -10.68
N ILE D 379 -41.90 -8.09 -9.47
CA ILE D 379 -41.59 -9.49 -9.26
C ILE D 379 -42.71 -10.32 -9.88
N ARG D 380 -42.33 -11.37 -10.60
CA ARG D 380 -43.34 -12.27 -11.15
C ARG D 380 -43.25 -13.67 -10.59
N ALA D 381 -42.04 -14.18 -10.35
CA ALA D 381 -41.88 -15.54 -9.89
C ALA D 381 -40.62 -15.61 -9.05
N VAL D 382 -40.67 -16.46 -8.02
CA VAL D 382 -39.52 -16.65 -7.14
C VAL D 382 -39.36 -18.14 -6.89
N GLN D 383 -38.20 -18.68 -7.23
CA GLN D 383 -37.91 -20.08 -6.95
C GLN D 383 -37.21 -20.14 -5.60
N VAL D 384 -37.77 -20.90 -4.67
CA VAL D 384 -37.19 -21.05 -3.35
C VAL D 384 -36.74 -22.49 -3.24
N GLY D 385 -35.58 -22.70 -2.61
CA GLY D 385 -35.06 -24.03 -2.40
C GLY D 385 -34.17 -24.56 -3.50
N GLY D 386 -33.85 -23.77 -4.51
CA GLY D 386 -32.93 -24.22 -5.53
C GLY D 386 -33.61 -24.70 -6.80
N PRO D 387 -32.83 -25.32 -7.69
CA PRO D 387 -33.42 -25.81 -8.95
C PRO D 387 -34.50 -26.86 -8.76
N LEU D 388 -34.47 -27.62 -7.67
CA LEU D 388 -35.55 -28.58 -7.43
C LEU D 388 -36.75 -27.95 -6.73
N GLY D 389 -36.68 -26.67 -6.37
CA GLY D 389 -37.80 -26.02 -5.72
C GLY D 389 -38.89 -25.57 -6.68
N ALA D 390 -40.07 -25.32 -6.13
CA ALA D 390 -41.14 -24.73 -6.92
C ALA D 390 -40.95 -23.23 -7.03
N TYR D 391 -41.36 -22.67 -8.18
CA TYR D 391 -41.58 -21.24 -8.29
C TYR D 391 -42.81 -20.85 -7.49
N LEU D 392 -42.69 -19.73 -6.74
CA LEU D 392 -43.81 -19.17 -6.00
C LEU D 392 -44.41 -17.98 -6.72
N PRO D 393 -45.72 -17.92 -6.87
CA PRO D 393 -46.38 -16.69 -7.33
C PRO D 393 -46.59 -15.73 -6.17
N GLU D 394 -46.96 -14.49 -6.53
CA GLU D 394 -47.18 -13.46 -5.53
C GLU D 394 -48.10 -13.94 -4.42
N SER D 395 -49.10 -14.77 -4.76
CA SER D 395 -50.08 -15.21 -3.76
C SER D 395 -49.47 -16.07 -2.66
N ARG D 396 -48.29 -16.66 -2.90
CA ARG D 396 -47.63 -17.44 -1.87
C ARG D 396 -46.64 -16.64 -1.05
N PHE D 397 -46.48 -15.34 -1.30
CA PHE D 397 -45.40 -14.60 -0.63
C PHE D 397 -45.65 -14.38 0.86
N ASP D 398 -46.85 -14.68 1.36
CA ASP D 398 -47.16 -14.44 2.76
C ASP D 398 -47.17 -15.72 3.58
N VAL D 399 -46.97 -16.87 2.96
CA VAL D 399 -46.75 -18.10 3.74
C VAL D 399 -45.45 -17.98 4.52
N PRO D 400 -45.44 -18.30 5.81
CA PRO D 400 -44.18 -18.22 6.56
C PRO D 400 -43.14 -19.21 6.05
N LEU D 401 -41.88 -18.78 6.06
CA LEU D 401 -40.78 -19.66 5.68
C LEU D 401 -40.61 -20.65 6.83
N ASP D 402 -41.07 -21.86 6.59
CA ASP D 402 -41.19 -22.92 7.57
C ASP D 402 -41.32 -24.18 6.74
N TYR D 403 -40.54 -25.23 7.08
CA TYR D 403 -40.51 -26.42 6.23
C TYR D 403 -41.90 -26.97 5.98
N GLU D 404 -42.74 -26.97 7.02
CA GLU D 404 -44.08 -27.56 6.88
C GLU D 404 -45.00 -26.62 6.11
N ALA D 405 -44.92 -25.31 6.37
CA ALA D 405 -45.88 -24.41 5.74
C ALA D 405 -45.67 -24.35 4.23
N TYR D 406 -44.43 -24.48 3.80
CA TYR D 406 -44.11 -24.52 2.39
C TYR D 406 -44.54 -25.83 1.75
N ALA D 407 -44.16 -26.94 2.41
CA ALA D 407 -44.48 -28.27 1.91
C ALA D 407 -45.98 -28.45 1.66
N ALA D 408 -46.81 -27.78 2.46
CA ALA D 408 -48.24 -27.99 2.37
C ALA D 408 -48.78 -27.59 1.01
N PHE D 409 -48.24 -26.53 0.42
CA PHE D 409 -48.68 -26.12 -0.91
C PHE D 409 -47.72 -26.56 -2.01
N GLY D 410 -46.69 -27.34 -1.67
CA GLY D 410 -45.74 -27.79 -2.67
C GLY D 410 -44.51 -26.93 -2.80
N GLY D 411 -44.31 -25.97 -1.89
CA GLY D 411 -43.09 -25.19 -1.89
C GLY D 411 -41.97 -25.89 -1.14
N VAL D 412 -40.75 -25.47 -1.46
CA VAL D 412 -39.53 -26.09 -0.93
C VAL D 412 -38.70 -24.98 -0.32
N VAL D 413 -38.54 -25.00 1.00
CA VAL D 413 -37.59 -24.08 1.62
C VAL D 413 -36.17 -24.46 1.21
N GLY D 414 -35.87 -25.76 1.19
CA GLY D 414 -34.55 -26.24 0.81
C GLY D 414 -33.48 -25.61 1.69
N HIS D 415 -32.39 -25.20 1.04
CA HIS D 415 -31.29 -24.58 1.75
C HIS D 415 -31.56 -23.14 2.13
N GLY D 416 -32.68 -22.57 1.73
CA GLY D 416 -32.98 -21.17 2.03
C GLY D 416 -32.60 -20.18 0.96
N GLY D 417 -32.22 -20.64 -0.23
CA GLY D 417 -31.94 -19.73 -1.32
C GLY D 417 -33.22 -19.23 -1.96
N ILE D 418 -33.16 -17.99 -2.43
CA ILE D 418 -34.32 -17.28 -2.98
C ILE D 418 -33.87 -16.59 -4.25
N VAL D 419 -34.44 -16.99 -5.39
CA VAL D 419 -34.04 -16.52 -6.71
C VAL D 419 -35.22 -15.77 -7.34
N VAL D 420 -35.06 -14.46 -7.50
CA VAL D 420 -36.14 -13.56 -7.88
C VAL D 420 -36.16 -13.36 -9.39
N PHE D 421 -37.33 -13.52 -10.01
CA PHE D 421 -37.53 -13.25 -11.43
C PHE D 421 -38.55 -12.14 -11.59
N ASP D 422 -38.23 -11.14 -12.42
CA ASP D 422 -39.19 -10.10 -12.69
C ASP D 422 -40.17 -10.55 -13.80
N GLU D 423 -41.06 -9.63 -14.20
CA GLU D 423 -42.15 -10.00 -15.10
C GLU D 423 -41.68 -10.36 -16.51
N THR D 424 -40.42 -10.18 -16.85
CA THR D 424 -39.92 -10.62 -18.15
C THR D 424 -39.71 -12.12 -18.22
N VAL D 425 -39.75 -12.81 -17.08
CA VAL D 425 -39.47 -14.24 -17.06
C VAL D 425 -40.45 -14.96 -17.97
N ASP D 426 -39.93 -15.94 -18.72
CA ASP D 426 -40.73 -16.85 -19.53
C ASP D 426 -40.79 -18.18 -18.79
N MET D 427 -41.94 -18.51 -18.24
CA MET D 427 -42.00 -19.69 -17.38
C MET D 427 -41.96 -20.98 -18.18
N ALA D 428 -42.31 -20.93 -19.46
CA ALA D 428 -42.13 -22.10 -20.31
C ALA D 428 -40.65 -22.39 -20.53
N LYS D 429 -39.84 -21.34 -20.74
CA LYS D 429 -38.40 -21.55 -20.84
C LYS D 429 -37.82 -22.02 -19.51
N GLN D 430 -38.32 -21.48 -18.38
CA GLN D 430 -37.89 -21.99 -17.07
C GLN D 430 -38.17 -23.47 -16.94
N ALA D 431 -39.37 -23.90 -17.34
CA ALA D 431 -39.72 -25.31 -17.31
C ALA D 431 -38.78 -26.13 -18.19
N ARG D 432 -38.55 -25.67 -19.42
CA ARG D 432 -37.58 -26.31 -20.31
C ARG D 432 -36.25 -26.49 -19.59
N TYR D 433 -35.77 -25.43 -18.94
CA TYR D 433 -34.48 -25.48 -18.28
C TYR D 433 -34.45 -26.53 -17.17
N ALA D 434 -35.54 -26.65 -16.42
CA ALA D 434 -35.59 -27.65 -15.36
C ALA D 434 -35.31 -29.05 -15.92
N MET D 435 -35.98 -29.40 -17.01
CA MET D 435 -35.73 -30.67 -17.67
C MET D 435 -34.32 -30.77 -18.21
N GLU D 436 -33.81 -29.66 -18.79
CA GLU D 436 -32.45 -29.65 -19.31
C GLU D 436 -31.43 -29.87 -18.21
N PHE D 437 -31.57 -29.14 -17.10
CA PHE D 437 -30.66 -29.33 -15.97
C PHE D 437 -30.70 -30.78 -15.48
N CYS D 438 -31.88 -31.40 -15.47
CA CYS D 438 -31.96 -32.78 -15.02
C CYS D 438 -31.18 -33.70 -15.94
N ALA D 439 -31.33 -33.52 -17.24
CA ALA D 439 -30.64 -34.34 -18.23
C ALA D 439 -29.13 -34.19 -18.13
N ILE D 440 -28.66 -32.97 -17.84
CA ILE D 440 -27.23 -32.74 -17.70
C ILE D 440 -26.69 -33.47 -16.49
N GLU D 441 -27.39 -33.37 -15.35
CA GLU D 441 -26.81 -33.84 -14.10
C GLU D 441 -27.19 -35.26 -13.74
N SER D 442 -28.13 -35.86 -14.47
CA SER D 442 -28.61 -37.18 -14.08
C SER D 442 -27.44 -38.12 -13.89
N CYS D 443 -27.33 -38.73 -12.71
CA CYS D 443 -26.33 -39.78 -12.52
C CYS D 443 -26.47 -40.96 -13.49
N GLY D 444 -27.66 -41.20 -14.04
CA GLY D 444 -27.86 -42.25 -15.04
C GLY D 444 -28.50 -43.55 -14.58
N LYS D 445 -28.80 -43.69 -13.29
CA LYS D 445 -29.32 -44.94 -12.77
C LYS D 445 -30.80 -45.18 -13.13
N CYS D 446 -31.57 -44.12 -13.34
CA CYS D 446 -33.03 -44.19 -13.50
C CYS D 446 -33.46 -43.70 -14.88
N THR D 447 -34.40 -44.42 -15.53
CA THR D 447 -34.77 -44.03 -16.88
C THR D 447 -35.56 -42.72 -16.94
N PRO D 448 -36.58 -42.48 -16.10
CA PRO D 448 -37.27 -41.18 -16.20
C PRO D 448 -36.33 -39.99 -15.99
N CYS D 449 -35.32 -40.13 -15.13
CA CYS D 449 -34.38 -39.04 -14.90
C CYS D 449 -33.37 -38.94 -16.04
N ARG D 450 -32.86 -40.09 -16.53
CA ARG D 450 -31.80 -40.07 -17.54
C ARG D 450 -32.35 -39.64 -18.90
N ILE D 451 -33.47 -40.22 -19.31
CA ILE D 451 -34.03 -40.06 -20.66
C ILE D 451 -35.30 -39.23 -20.66
N GLY D 452 -36.19 -39.42 -19.67
CA GLY D 452 -37.44 -38.65 -19.65
C GLY D 452 -37.20 -37.16 -19.64
N SER D 453 -36.18 -36.71 -18.91
CA SER D 453 -35.81 -35.29 -18.89
C SER D 453 -35.53 -34.77 -20.29
N THR D 454 -34.69 -35.47 -21.05
CA THR D 454 -34.39 -35.03 -22.41
C THR D 454 -35.66 -35.01 -23.25
N ARG D 455 -36.51 -36.03 -23.09
CA ARG D 455 -37.78 -36.00 -23.80
C ARG D 455 -38.65 -34.83 -23.33
N GLY D 456 -38.52 -34.43 -22.07
CA GLY D 456 -39.24 -33.25 -21.60
C GLY D 456 -38.78 -31.95 -22.24
N VAL D 457 -37.46 -31.81 -22.46
CA VAL D 457 -36.91 -30.65 -23.13
C VAL D 457 -37.54 -30.48 -24.51
N GLU D 458 -37.63 -31.56 -25.27
CA GLU D 458 -38.08 -31.45 -26.65
C GLU D 458 -39.59 -31.21 -26.74
N VAL D 459 -40.35 -31.78 -25.81
CA VAL D 459 -41.77 -31.46 -25.77
C VAL D 459 -41.97 -30.01 -25.35
N MET D 460 -41.18 -29.55 -24.39
CA MET D 460 -41.21 -28.13 -24.06
C MET D 460 -40.86 -27.29 -25.27
N ASP D 461 -39.84 -27.70 -26.04
CA ASP D 461 -39.54 -27.00 -27.29
C ASP D 461 -40.79 -26.92 -28.18
N ARG D 462 -41.54 -28.00 -28.31
CA ARG D 462 -42.75 -27.90 -29.11
C ARG D 462 -43.70 -26.83 -28.54
N ILE D 463 -43.83 -26.78 -27.20
CA ILE D 463 -44.73 -25.80 -26.59
C ILE D 463 -44.20 -24.39 -26.81
N ILE D 464 -42.88 -24.20 -26.68
CA ILE D 464 -42.30 -22.87 -26.83
C ILE D 464 -42.47 -22.37 -28.27
N ALA D 465 -42.49 -23.27 -29.24
CA ALA D 465 -42.83 -22.88 -30.61
C ALA D 465 -44.33 -22.82 -30.87
N GLY D 466 -45.17 -22.99 -29.86
CA GLY D 466 -46.59 -22.89 -30.06
C GLY D 466 -47.26 -24.08 -30.72
N GLU D 467 -46.64 -25.25 -30.72
CA GLU D 467 -47.26 -26.43 -31.34
C GLU D 467 -48.10 -27.17 -30.31
N GLN D 468 -49.39 -27.32 -30.59
CA GLN D 468 -50.36 -28.12 -29.83
C GLN D 468 -50.16 -28.00 -28.31
N PRO D 469 -50.28 -26.81 -27.75
CA PRO D 469 -49.87 -26.66 -26.35
C PRO D 469 -50.70 -27.51 -25.39
N VAL D 470 -52.02 -27.63 -25.63
CA VAL D 470 -52.84 -28.36 -24.68
C VAL D 470 -52.43 -29.83 -24.62
N LYS D 471 -52.20 -30.44 -25.78
CA LYS D 471 -51.76 -31.84 -25.81
C LYS D 471 -50.36 -32.00 -25.22
N HIS D 472 -49.44 -31.08 -25.54
CA HIS D 472 -48.06 -31.34 -25.12
C HIS D 472 -47.83 -31.03 -23.65
N VAL D 473 -48.57 -30.06 -23.09
CA VAL D 473 -48.53 -29.82 -21.65
C VAL D 473 -48.98 -31.10 -20.92
N ALA D 474 -50.08 -31.70 -21.38
CA ALA D 474 -50.50 -33.01 -20.88
C ALA D 474 -49.36 -34.03 -20.92
N LEU D 475 -48.62 -34.07 -22.04
CA LEU D 475 -47.45 -34.95 -22.14
C LEU D 475 -46.40 -34.60 -21.10
N VAL D 476 -46.15 -33.31 -20.89
CA VAL D 476 -45.17 -32.91 -19.89
C VAL D 476 -45.64 -33.31 -18.49
N ARG D 477 -46.93 -33.18 -18.22
CA ARG D 477 -47.46 -33.52 -16.91
C ARG D 477 -47.40 -35.03 -16.69
N ASP D 478 -47.74 -35.82 -17.71
CA ASP D 478 -47.53 -37.26 -17.66
C ASP D 478 -46.06 -37.61 -17.38
N LEU D 479 -45.13 -36.95 -18.07
CA LEU D 479 -43.73 -37.21 -17.81
C LEU D 479 -43.38 -36.84 -16.37
N CYS D 480 -43.97 -35.76 -15.85
CA CYS D 480 -43.68 -35.35 -14.48
C CYS D 480 -44.10 -36.44 -13.51
N ASP D 481 -45.24 -37.08 -13.77
CA ASP D 481 -45.71 -38.15 -12.90
C ASP D 481 -44.79 -39.35 -12.98
N THR D 482 -44.34 -39.69 -14.18
CA THR D 482 -43.33 -40.73 -14.34
C THR D 482 -42.07 -40.44 -13.52
N MET D 483 -41.63 -39.18 -13.48
CA MET D 483 -40.41 -38.89 -12.71
C MET D 483 -40.69 -38.94 -11.21
N LEU D 484 -41.85 -38.45 -10.79
CA LEU D 484 -42.19 -38.51 -9.37
C LEU D 484 -42.25 -39.93 -8.86
N ASN D 485 -42.55 -40.89 -9.73
CA ASN D 485 -42.87 -42.24 -9.32
C ASN D 485 -41.76 -43.24 -9.58
N GLY D 486 -40.73 -42.86 -10.33
CA GLY D 486 -39.67 -43.78 -10.71
C GLY D 486 -38.27 -43.22 -10.64
N SER D 487 -37.98 -42.35 -9.67
CA SER D 487 -36.67 -41.75 -9.43
C SER D 487 -36.14 -42.19 -8.07
N LEU D 488 -34.86 -42.61 -8.02
CA LEU D 488 -34.31 -43.09 -6.74
C LEU D 488 -33.85 -41.93 -5.87
N CYS D 489 -33.82 -40.72 -6.38
CA CYS D 489 -33.39 -39.64 -5.52
C CYS D 489 -34.11 -38.38 -5.99
N ALA D 490 -34.01 -37.33 -5.17
CA ALA D 490 -34.75 -36.10 -5.46
C ALA D 490 -34.31 -35.40 -6.73
N MET D 491 -33.21 -35.81 -7.36
CA MET D 491 -32.84 -35.17 -8.63
C MET D 491 -33.92 -35.40 -9.67
N GLY D 492 -34.23 -36.67 -9.93
CA GLY D 492 -35.35 -36.98 -10.79
C GLY D 492 -36.69 -36.68 -10.13
N GLY D 493 -36.83 -37.01 -8.85
CA GLY D 493 -38.13 -36.91 -8.18
C GLY D 493 -38.59 -35.48 -7.90
N MET D 494 -37.66 -34.52 -7.89
CA MET D 494 -38.04 -33.14 -7.65
C MET D 494 -37.88 -32.25 -8.88
N THR D 495 -37.34 -32.77 -9.98
CA THR D 495 -37.35 -31.99 -11.22
C THR D 495 -38.77 -31.57 -11.60
N PRO D 496 -39.82 -32.37 -11.39
CA PRO D 496 -41.17 -31.87 -11.68
C PRO D 496 -41.61 -30.66 -10.86
N TYR D 497 -40.97 -30.34 -9.72
CA TYR D 497 -41.52 -29.27 -8.89
C TYR D 497 -41.45 -27.93 -9.61
N PRO D 498 -40.29 -27.49 -10.15
CA PRO D 498 -40.32 -26.25 -10.95
C PRO D 498 -41.24 -26.36 -12.16
N VAL D 499 -41.31 -27.54 -12.77
CA VAL D 499 -42.11 -27.70 -13.98
C VAL D 499 -43.60 -27.63 -13.64
N LEU D 500 -44.04 -28.36 -12.61
CA LEU D 500 -45.48 -28.38 -12.32
C LEU D 500 -45.95 -27.07 -11.70
N SER D 501 -45.10 -26.40 -10.93
CA SER D 501 -45.50 -25.10 -10.36
C SER D 501 -45.51 -24.02 -11.45
N ALA D 502 -44.57 -24.07 -12.39
CA ALA D 502 -44.64 -23.15 -13.51
C ALA D 502 -45.93 -23.35 -14.28
N LEU D 503 -46.33 -24.61 -14.48
CA LEU D 503 -47.53 -24.92 -15.23
C LEU D 503 -48.78 -24.38 -14.54
N ASN D 504 -48.90 -24.62 -13.24
CA ASN D 504 -50.10 -24.26 -12.48
C ASN D 504 -50.25 -22.76 -12.32
N GLU D 505 -49.15 -22.04 -12.08
CA GLU D 505 -49.22 -20.62 -11.78
C GLU D 505 -49.07 -19.72 -13.01
N PHE D 506 -48.48 -20.22 -14.07
CA PHE D 506 -48.26 -19.38 -15.24
C PHE D 506 -48.63 -20.12 -16.51
N PRO D 507 -49.85 -20.68 -16.59
CA PRO D 507 -50.23 -21.44 -17.80
C PRO D 507 -50.16 -20.61 -19.08
N GLU D 508 -50.41 -19.30 -18.99
CA GLU D 508 -50.44 -18.46 -20.19
C GLU D 508 -49.10 -18.44 -20.90
N ASP D 509 -48.00 -18.58 -20.16
CA ASP D 509 -46.69 -18.70 -20.78
C ASP D 509 -46.52 -19.98 -21.59
N PHE D 510 -47.44 -20.96 -21.43
CA PHE D 510 -47.36 -22.22 -22.16
C PHE D 510 -48.35 -22.28 -23.31
N GLY D 511 -49.00 -21.16 -23.63
CA GLY D 511 -50.04 -21.17 -24.63
C GLY D 511 -51.39 -21.67 -24.17
N LEU D 512 -51.62 -21.76 -22.86
CA LEU D 512 -52.91 -22.14 -22.31
C LEU D 512 -53.71 -20.93 -21.85
N ALA D 513 -55.02 -21.12 -21.73
CA ALA D 513 -55.85 -20.13 -21.06
C ALA D 513 -55.49 -20.07 -19.58
N SER D 514 -55.64 -18.88 -18.99
CA SER D 514 -55.37 -18.68 -17.56
C SER D 514 -56.34 -19.44 -16.67
#